data_4X18
# 
_entry.id   4X18 
# 
_audit_conform.dict_name       mmcif_pdbx.dic 
_audit_conform.dict_version    5.391 
_audit_conform.dict_location   http://mmcif.pdb.org/dictionaries/ascii/mmcif_pdbx.dic 
# 
loop_
_database_2.database_id 
_database_2.database_code 
_database_2.pdbx_database_accession 
_database_2.pdbx_DOI 
PDB   4X18         pdb_00004x18 10.2210/pdb4x18/pdb 
WWPDB D_1000204883 ?            ?                   
# 
loop_
_pdbx_audit_revision_history.ordinal 
_pdbx_audit_revision_history.data_content_type 
_pdbx_audit_revision_history.major_revision 
_pdbx_audit_revision_history.minor_revision 
_pdbx_audit_revision_history.revision_date 
1 'Structure model' 1 0 2015-05-13 
2 'Structure model' 2 0 2017-08-30 
3 'Structure model' 2 1 2024-05-08 
# 
_pdbx_audit_revision_details.ordinal             1 
_pdbx_audit_revision_details.revision_ordinal    1 
_pdbx_audit_revision_details.data_content_type   'Structure model' 
_pdbx_audit_revision_details.provider            repository 
_pdbx_audit_revision_details.type                'Initial release' 
_pdbx_audit_revision_details.description         ? 
_pdbx_audit_revision_details.details             ? 
# 
loop_
_pdbx_audit_revision_group.ordinal 
_pdbx_audit_revision_group.revision_ordinal 
_pdbx_audit_revision_group.data_content_type 
_pdbx_audit_revision_group.group 
1 2 'Structure model' Advisory                     
2 2 'Structure model' 'Atomic model'               
3 2 'Structure model' 'Author supporting evidence' 
4 2 'Structure model' 'Derived calculations'       
5 3 'Structure model' 'Data collection'            
6 3 'Structure model' 'Database references'        
7 3 'Structure model' 'Derived calculations'       
# 
loop_
_pdbx_audit_revision_category.ordinal 
_pdbx_audit_revision_category.revision_ordinal 
_pdbx_audit_revision_category.data_content_type 
_pdbx_audit_revision_category.category 
1  2 'Structure model' atom_site                   
2  2 'Structure model' atom_site_anisotrop         
3  2 'Structure model' pdbx_audit_support          
4  2 'Structure model' pdbx_distant_solvent_atoms  
5  2 'Structure model' pdbx_struct_conn_angle      
6  2 'Structure model' pdbx_validate_close_contact 
7  2 'Structure model' struct_conn                 
8  2 'Structure model' struct_site_gen             
9  3 'Structure model' chem_comp_atom              
10 3 'Structure model' chem_comp_bond              
11 3 'Structure model' database_2                  
12 3 'Structure model' pdbx_struct_conn_angle      
13 3 'Structure model' struct_conn                 
# 
loop_
_pdbx_audit_revision_item.ordinal 
_pdbx_audit_revision_item.revision_ordinal 
_pdbx_audit_revision_item.data_content_type 
_pdbx_audit_revision_item.item 
1  2 'Structure model' '_atom_site.B_iso_or_equiv'                                   
2  2 'Structure model' '_atom_site.Cartn_x'                                          
3  2 'Structure model' '_atom_site.Cartn_y'                                          
4  2 'Structure model' '_atom_site.Cartn_z'                                          
5  2 'Structure model' '_atom_site_anisotrop.U[1][1]'                                
6  2 'Structure model' '_atom_site_anisotrop.U[1][2]'                                
7  2 'Structure model' '_atom_site_anisotrop.U[1][3]'                                
8  2 'Structure model' '_atom_site_anisotrop.U[2][2]'                                
9  2 'Structure model' '_atom_site_anisotrop.U[2][3]'                                
10 2 'Structure model' '_atom_site_anisotrop.U[3][3]'                                
11 2 'Structure model' '_pdbx_audit_support.funding_organization'                    
12 2 'Structure model' '_pdbx_distant_solvent_atoms.auth_seq_id'                     
13 2 'Structure model' '_pdbx_distant_solvent_atoms.neighbor_ligand_distance'        
14 2 'Structure model' '_pdbx_distant_solvent_atoms.neighbor_macromolecule_distance' 
15 2 'Structure model' '_pdbx_struct_conn_angle.ptnr1_auth_seq_id'                   
16 2 'Structure model' '_pdbx_struct_conn_angle.ptnr3_auth_seq_id'                   
17 2 'Structure model' '_pdbx_validate_close_contact.auth_seq_id_1'                  
18 2 'Structure model' '_pdbx_validate_close_contact.auth_seq_id_2'                  
19 2 'Structure model' '_struct_conn.ptnr2_auth_seq_id'                              
20 2 'Structure model' '_struct_site_gen.auth_seq_id'                                
21 3 'Structure model' '_database_2.pdbx_DOI'                                        
22 3 'Structure model' '_database_2.pdbx_database_accession'                         
23 3 'Structure model' '_pdbx_struct_conn_angle.ptnr1_auth_seq_id'                   
24 3 'Structure model' '_pdbx_struct_conn_angle.ptnr3_auth_seq_id'                   
25 3 'Structure model' '_pdbx_struct_conn_angle.value'                               
26 3 'Structure model' '_struct_conn.pdbx_dist_value'                                
27 3 'Structure model' '_struct_conn.ptnr2_auth_seq_id'                              
# 
_pdbx_database_status.status_code                     REL 
_pdbx_database_status.status_code_sf                  REL 
_pdbx_database_status.status_code_mr                  ? 
_pdbx_database_status.entry_id                        4X18 
_pdbx_database_status.recvd_initial_deposition_date   2014-11-24 
_pdbx_database_status.SG_entry                        N 
_pdbx_database_status.deposit_site                    RCSB 
_pdbx_database_status.process_site                    PDBE 
_pdbx_database_status.status_code_cs                  ? 
_pdbx_database_status.methods_development_category    ? 
_pdbx_database_status.pdb_format_compatible           Y 
_pdbx_database_status.status_code_nmr_data            ? 
# 
loop_
_audit_author.name 
_audit_author.pdbx_ordinal 
'Hall, J.P.'   1 
'Cardin, C.J.' 2 
# 
_citation.abstract                  ? 
_citation.abstract_id_CAS           ? 
_citation.book_id_ISBN              ? 
_citation.book_publisher            ? 
_citation.book_publisher_city       ? 
_citation.book_title                ? 
_citation.coordinate_linkage        ? 
_citation.country                   US 
_citation.database_id_Medline       ? 
_citation.details                   ? 
_citation.id                        primary 
_citation.journal_abbrev            Organometallics 
_citation.journal_id_ASTM           ? 
_citation.journal_id_CSD            ? 
_citation.journal_id_ISSN           0276-7333 
_citation.journal_full              ? 
_citation.journal_issue             ? 
_citation.journal_volume            ? 
_citation.language                  ? 
_citation.page_first                ? 
_citation.page_last                 ? 
_citation.title                     
'The Structural Effect of Methyl Substitution on the Binding of Polypyridyl Ru-dppz Complexes to DNA' 
_citation.year                      2015 
_citation.database_id_CSD           ? 
_citation.pdbx_database_id_DOI      10.1021/om501208x 
_citation.pdbx_database_id_PubMed   ? 
_citation.unpublished_flag          ? 
# 
loop_
_citation_author.citation_id 
_citation_author.name 
_citation_author.ordinal 
_citation_author.identifier_ORCID 
primary 'Hall, J.P.'   1 ? 
primary 'Beer, H.'     2 ? 
primary 'Buchner, K.'  3 ? 
primary 'Cardin, D.J.' 4 ? 
primary 'Cardin, C.J.' 5 ? 
# 
loop_
_entity.id 
_entity.type 
_entity.src_method 
_entity.pdbx_description 
_entity.formula_weight 
_entity.pdbx_number_of_molecules 
_entity.pdbx_ec 
_entity.pdbx_mutation 
_entity.pdbx_fragment 
_entity.details 
1 polymer     syn 
;DNA (5'-D(*TP*CP*GP*GP*CP*GP*CP*CP*GP*A)-3')
;
3045.992 1  ? ? ? ? 
2 non-polymer syn 
"(11-methyldipyrido[3,2-a:2',3'-c]phenazine-kappa~2~N~4~,N~5~)[bis(pyrazino[2,3-f]quinoxaline-kappa~2~N~1~,N~10~)]ruthenium" 
761.758  1  ? ? ? ? 
3 non-polymer syn 'BARIUM ION' 137.327  1  ? ? ? ? 
4 non-polymer syn 'CHLORIDE ION' 35.453   1  ? ? ? ? 
5 water       nat water 18.015   77 ? ? ? ? 
# 
_entity_poly.entity_id                      1 
_entity_poly.type                           polydeoxyribonucleotide 
_entity_poly.nstd_linkage                   no 
_entity_poly.nstd_monomer                   no 
_entity_poly.pdbx_seq_one_letter_code       '(DT)(DC)(DG)(DG)(DC)(DG)(DC)(DC)(DG)(DA)' 
_entity_poly.pdbx_seq_one_letter_code_can   TCGGCGCCGA 
_entity_poly.pdbx_strand_id                 A 
_entity_poly.pdbx_target_identifier         ? 
# 
loop_
_pdbx_entity_nonpoly.entity_id 
_pdbx_entity_nonpoly.name 
_pdbx_entity_nonpoly.comp_id 
2 "(11-methyldipyrido[3,2-a:2',3'-c]phenazine-kappa~2~N~4~,N~5~)[bis(pyrazino[2,3-f]quinoxaline-kappa~2~N~1~,N~10~)]ruthenium" RKM 
3 'BARIUM ION'                                                                                                                 BA  
4 'CHLORIDE ION'                                                                                                               CL  
5 water                                                                                                                        HOH 
# 
loop_
_entity_poly_seq.entity_id 
_entity_poly_seq.num 
_entity_poly_seq.mon_id 
_entity_poly_seq.hetero 
1 1  DT n 
1 2  DC n 
1 3  DG n 
1 4  DG n 
1 5  DC n 
1 6  DG n 
1 7  DC n 
1 8  DC n 
1 9  DG n 
1 10 DA n 
# 
_pdbx_entity_src_syn.entity_id              1 
_pdbx_entity_src_syn.pdbx_src_id            1 
_pdbx_entity_src_syn.pdbx_alt_source_flag   sample 
_pdbx_entity_src_syn.pdbx_beg_seq_num       1 
_pdbx_entity_src_syn.pdbx_end_seq_num       10 
_pdbx_entity_src_syn.organism_scientific    'synthetic construct' 
_pdbx_entity_src_syn.organism_common_name   ? 
_pdbx_entity_src_syn.ncbi_taxonomy_id       32630 
_pdbx_entity_src_syn.details                ? 
# 
loop_
_chem_comp.id 
_chem_comp.type 
_chem_comp.mon_nstd_flag 
_chem_comp.name 
_chem_comp.pdbx_synonyms 
_chem_comp.formula 
_chem_comp.formula_weight 
BA  non-polymer   . 'BARIUM ION' ? 'Ba 2'            137.327 
CL  non-polymer   . 'CHLORIDE ION' ? 'Cl -1'           35.453  
DA  'DNA linking' y "2'-DEOXYADENOSINE-5'-MONOPHOSPHATE" ? 'C10 H14 N5 O6 P' 331.222 
DC  'DNA linking' y "2'-DEOXYCYTIDINE-5'-MONOPHOSPHATE" ? 'C9 H14 N3 O7 P'  307.197 
DG  'DNA linking' y "2'-DEOXYGUANOSINE-5'-MONOPHOSPHATE" ? 'C10 H14 N5 O7 P' 347.221 
DT  'DNA linking' y "THYMIDINE-5'-MONOPHOSPHATE" ? 'C10 H15 N2 O8 P' 322.208 
HOH non-polymer   . WATER ? 'H2 O'            18.015  
RKM non-polymer   . 
"(11-methyldipyrido[3,2-a:2',3'-c]phenazine-kappa~2~N~4~,N~5~)[bis(pyrazino[2,3-f]quinoxaline-kappa~2~N~1~,N~10~)]ruthenium" ? 
'C39 H24 N12 Ru'  761.758 
# 
loop_
_pdbx_poly_seq_scheme.asym_id 
_pdbx_poly_seq_scheme.entity_id 
_pdbx_poly_seq_scheme.seq_id 
_pdbx_poly_seq_scheme.mon_id 
_pdbx_poly_seq_scheme.ndb_seq_num 
_pdbx_poly_seq_scheme.pdb_seq_num 
_pdbx_poly_seq_scheme.auth_seq_num 
_pdbx_poly_seq_scheme.pdb_mon_id 
_pdbx_poly_seq_scheme.auth_mon_id 
_pdbx_poly_seq_scheme.pdb_strand_id 
_pdbx_poly_seq_scheme.pdb_ins_code 
_pdbx_poly_seq_scheme.hetero 
A 1 1  DT 1  1  1  DT DT A . n 
A 1 2  DC 2  2  2  DC DC A . n 
A 1 3  DG 3  3  3  DG DG A . n 
A 1 4  DG 4  4  4  DG DG A . n 
A 1 5  DC 5  5  5  DC DC A . n 
A 1 6  DG 6  6  6  DG DG A . n 
A 1 7  DC 7  7  7  DC DC A . n 
A 1 8  DC 8  8  8  DC DC A . n 
A 1 9  DG 9  9  9  DG DG A . n 
A 1 10 DA 10 10 10 DA DA A . n 
# 
loop_
_pdbx_nonpoly_scheme.asym_id 
_pdbx_nonpoly_scheme.entity_id 
_pdbx_nonpoly_scheme.mon_id 
_pdbx_nonpoly_scheme.ndb_seq_num 
_pdbx_nonpoly_scheme.pdb_seq_num 
_pdbx_nonpoly_scheme.auth_seq_num 
_pdbx_nonpoly_scheme.pdb_mon_id 
_pdbx_nonpoly_scheme.auth_mon_id 
_pdbx_nonpoly_scheme.pdb_strand_id 
_pdbx_nonpoly_scheme.pdb_ins_code 
B 2 RKM 1  101 1  RKM RKM A . 
C 3 BA  1  102 1  BA  BA  A . 
D 4 CL  1  103 1  CL  CL  A . 
E 5 HOH 1  201 75 HOH HOH A . 
E 5 HOH 2  202 39 HOH HOH A . 
E 5 HOH 3  203 27 HOH HOH A . 
E 5 HOH 4  204 41 HOH HOH A . 
E 5 HOH 5  205 20 HOH HOH A . 
E 5 HOH 6  206 46 HOH HOH A . 
E 5 HOH 7  207 50 HOH HOH A . 
E 5 HOH 8  208 51 HOH HOH A . 
E 5 HOH 9  209 62 HOH HOH A . 
E 5 HOH 10 210 58 HOH HOH A . 
E 5 HOH 11 211 18 HOH HOH A . 
E 5 HOH 12 212 38 HOH HOH A . 
E 5 HOH 13 213 45 HOH HOH A . 
E 5 HOH 14 214 29 HOH HOH A . 
E 5 HOH 15 215 23 HOH HOH A . 
E 5 HOH 16 216 78 HOH HOH A . 
E 5 HOH 17 217 9  HOH HOH A . 
E 5 HOH 18 218 35 HOH HOH A . 
E 5 HOH 19 219 49 HOH HOH A . 
E 5 HOH 20 220 17 HOH HOH A . 
E 5 HOH 21 221 4  HOH HOH A . 
E 5 HOH 22 222 52 HOH HOH A . 
E 5 HOH 23 223 5  HOH HOH A . 
E 5 HOH 24 224 21 HOH HOH A . 
E 5 HOH 25 225 19 HOH HOH A . 
E 5 HOH 26 226 53 HOH HOH A . 
E 5 HOH 27 227 61 HOH HOH A . 
E 5 HOH 28 228 22 HOH HOH A . 
E 5 HOH 29 229 28 HOH HOH A . 
E 5 HOH 30 230 12 HOH HOH A . 
E 5 HOH 31 231 13 HOH HOH A . 
E 5 HOH 32 232 42 HOH HOH A . 
E 5 HOH 33 233 56 HOH HOH A . 
E 5 HOH 34 234 43 HOH HOH A . 
E 5 HOH 35 235 11 HOH HOH A . 
E 5 HOH 36 236 37 HOH HOH A . 
E 5 HOH 37 237 16 HOH HOH A . 
E 5 HOH 38 238 72 HOH HOH A . 
E 5 HOH 39 239 26 HOH HOH A . 
E 5 HOH 40 240 70 HOH HOH A . 
E 5 HOH 41 241 59 HOH HOH A . 
E 5 HOH 42 242 73 HOH HOH A . 
E 5 HOH 43 243 1  HOH HOH A . 
E 5 HOH 44 244 10 HOH HOH A . 
E 5 HOH 45 245 32 HOH HOH A . 
E 5 HOH 46 246 48 HOH HOH A . 
E 5 HOH 47 247 3  HOH HOH A . 
E 5 HOH 48 248 66 HOH HOH A . 
E 5 HOH 49 249 6  HOH HOH A . 
E 5 HOH 50 250 67 HOH HOH A . 
E 5 HOH 51 251 15 HOH HOH A . 
E 5 HOH 52 252 54 HOH HOH A . 
E 5 HOH 53 253 8  HOH HOH A . 
E 5 HOH 54 254 14 HOH HOH A . 
E 5 HOH 55 255 57 HOH HOH A . 
E 5 HOH 56 256 7  HOH HOH A . 
E 5 HOH 57 257 44 HOH HOH A . 
E 5 HOH 58 258 71 HOH HOH A . 
E 5 HOH 59 259 33 HOH HOH A . 
E 5 HOH 60 260 25 HOH HOH A . 
E 5 HOH 61 261 47 HOH HOH A . 
E 5 HOH 62 262 89 HOH HOH A . 
E 5 HOH 63 263 63 HOH HOH A . 
E 5 HOH 64 264 34 HOH HOH A . 
E 5 HOH 65 265 77 HOH HOH A . 
E 5 HOH 66 266 55 HOH HOH A . 
E 5 HOH 67 267 87 HOH HOH A . 
E 5 HOH 68 268 79 HOH HOH A . 
E 5 HOH 69 269 60 HOH HOH A . 
E 5 HOH 70 270 24 HOH HOH A . 
E 5 HOH 71 271 31 HOH HOH A . 
E 5 HOH 72 272 30 HOH HOH A . 
E 5 HOH 73 273 65 HOH HOH A . 
E 5 HOH 74 274 36 HOH HOH A . 
E 5 HOH 75 275 40 HOH HOH A . 
E 5 HOH 76 276 88 HOH HOH A . 
E 5 HOH 77 277 68 HOH HOH A . 
# 
loop_
_software.citation_id 
_software.classification 
_software.compiler_name 
_software.compiler_version 
_software.contact_author 
_software.contact_author_email 
_software.date 
_software.description 
_software.dependencies 
_software.hardware 
_software.language 
_software.location 
_software.mods 
_software.name 
_software.os 
_software.os_version 
_software.type 
_software.version 
_software.pdbx_ordinal 
? refinement       ? ? ? ? ? ? ? ? ? ? ? REFMAC ? ? ? 5.8.0073 1 
? 'data reduction' ? ? ? ? ? ? ? ? ? ? ? XDS    ? ? ? .        2 
? 'data scaling'   ? ? ? ? ? ? ? ? ? ? ? XSCALE ? ? ? .        3 
? phasing          ? ? ? ? ? ? ? ? ? ? ? SHELX  ? ? ? .        4 
# 
_cell.angle_alpha                  90.00 
_cell.angle_alpha_esd              ? 
_cell.angle_beta                   90.00 
_cell.angle_beta_esd               ? 
_cell.angle_gamma                  90.00 
_cell.angle_gamma_esd              ? 
_cell.entry_id                     4X18 
_cell.details                      ? 
_cell.formula_units_Z              ? 
_cell.length_a                     42.160 
_cell.length_a_esd                 ? 
_cell.length_b                     42.160 
_cell.length_b_esd                 ? 
_cell.length_c                     39.170 
_cell.length_c_esd                 ? 
_cell.volume                       ? 
_cell.volume_esd                   ? 
_cell.Z_PDB                        8 
_cell.reciprocal_angle_alpha       ? 
_cell.reciprocal_angle_beta        ? 
_cell.reciprocal_angle_gamma       ? 
_cell.reciprocal_angle_alpha_esd   ? 
_cell.reciprocal_angle_beta_esd    ? 
_cell.reciprocal_angle_gamma_esd   ? 
_cell.reciprocal_length_a          ? 
_cell.reciprocal_length_b          ? 
_cell.reciprocal_length_c          ? 
_cell.reciprocal_length_a_esd      ? 
_cell.reciprocal_length_b_esd      ? 
_cell.reciprocal_length_c_esd      ? 
_cell.pdbx_unique_axis             ? 
# 
_symmetry.entry_id                         4X18 
_symmetry.cell_setting                     ? 
_symmetry.Int_Tables_number                96 
_symmetry.space_group_name_Hall            ? 
_symmetry.space_group_name_H-M             'P 43 21 2' 
_symmetry.pdbx_full_space_group_name_H-M   ? 
# 
_exptl.absorpt_coefficient_mu     ? 
_exptl.absorpt_correction_T_max   ? 
_exptl.absorpt_correction_T_min   ? 
_exptl.absorpt_correction_type    ? 
_exptl.absorpt_process_details    ? 
_exptl.entry_id                   4X18 
_exptl.crystals_number            ? 
_exptl.details                    ? 
_exptl.method                     'X-RAY DIFFRACTION' 
_exptl.method_details             ? 
# 
_exptl_crystal.colour                      ? 
_exptl_crystal.density_diffrn              ? 
_exptl_crystal.density_Matthews            2.86 
_exptl_crystal.density_method              ? 
_exptl_crystal.density_percent_sol         56.95 
_exptl_crystal.description                 ? 
_exptl_crystal.F_000                       ? 
_exptl_crystal.id                          1 
_exptl_crystal.preparation                 ? 
_exptl_crystal.size_max                    ? 
_exptl_crystal.size_mid                    ? 
_exptl_crystal.size_min                    ? 
_exptl_crystal.size_rad                    ? 
_exptl_crystal.colour_lustre               ? 
_exptl_crystal.colour_modifier             ? 
_exptl_crystal.colour_primary              ? 
_exptl_crystal.density_meas                ? 
_exptl_crystal.density_meas_esd            ? 
_exptl_crystal.density_meas_gt             ? 
_exptl_crystal.density_meas_lt             ? 
_exptl_crystal.density_meas_temp           ? 
_exptl_crystal.density_meas_temp_esd       ? 
_exptl_crystal.density_meas_temp_gt        ? 
_exptl_crystal.density_meas_temp_lt        ? 
_exptl_crystal.pdbx_crystal_image_url      ? 
_exptl_crystal.pdbx_crystal_image_format   ? 
_exptl_crystal.pdbx_mosaicity              ? 
_exptl_crystal.pdbx_mosaicity_esd          ? 
# 
_exptl_crystal_grow.apparatus       ? 
_exptl_crystal_grow.atmosphere      ? 
_exptl_crystal_grow.crystal_id      1 
_exptl_crystal_grow.details         ? 
_exptl_crystal_grow.method          'VAPOR DIFFUSION, SITTING DROP' 
_exptl_crystal_grow.method_ref      ? 
_exptl_crystal_grow.pH              7 
_exptl_crystal_grow.pressure        ? 
_exptl_crystal_grow.pressure_esd    ? 
_exptl_crystal_grow.seeding         ? 
_exptl_crystal_grow.seeding_ref     ? 
_exptl_crystal_grow.temp            291 
_exptl_crystal_grow.temp_details    ? 
_exptl_crystal_grow.temp_esd        ? 
_exptl_crystal_grow.time            ? 
_exptl_crystal_grow.pdbx_details    
;1uL 2mM d(TCGGCGCCGA), 1uL 4mM rac-[Ru(TAP)2(dppz-11-Me)]2+, 6uL of a solution containing 20mM BaCl2, 80mM KCl, 12mM Spermine, 40mM Na-cacodylate pH 7, 10% v/v 2-methyl-2,4-pentanediol. Equilibriated against 1ml 35% 2-methyl-2,4-pentanediol.
;
_exptl_crystal_grow.pdbx_pH_range   ? 
# 
_diffrn.ambient_environment    ? 
_diffrn.ambient_temp           100 
_diffrn.ambient_temp_details   ? 
_diffrn.ambient_temp_esd       ? 
_diffrn.crystal_id             1 
_diffrn.crystal_support        ? 
_diffrn.crystal_treatment      ? 
_diffrn.details                ? 
_diffrn.id                     1 
_diffrn.ambient_pressure       ? 
_diffrn.ambient_pressure_esd   ? 
_diffrn.ambient_pressure_gt    ? 
_diffrn.ambient_pressure_lt    ? 
_diffrn.ambient_temp_gt        ? 
_diffrn.ambient_temp_lt        ? 
# 
_diffrn_detector.details                      ? 
_diffrn_detector.detector                     PIXEL 
_diffrn_detector.diffrn_id                    1 
_diffrn_detector.type                         'DECTRIS PILATUS 6M-F' 
_diffrn_detector.area_resol_mean              ? 
_diffrn_detector.dtime                        ? 
_diffrn_detector.pdbx_frames_total            ? 
_diffrn_detector.pdbx_collection_time_total   ? 
_diffrn_detector.pdbx_collection_date         2014-07-10 
# 
_diffrn_radiation.collimation                      ? 
_diffrn_radiation.diffrn_id                        1 
_diffrn_radiation.filter_edge                      ? 
_diffrn_radiation.inhomogeneity                    ? 
_diffrn_radiation.monochromator                    ? 
_diffrn_radiation.polarisn_norm                    ? 
_diffrn_radiation.polarisn_ratio                   ? 
_diffrn_radiation.probe                            ? 
_diffrn_radiation.type                             ? 
_diffrn_radiation.xray_symbol                      ? 
_diffrn_radiation.wavelength_id                    1 
_diffrn_radiation.pdbx_monochromatic_or_laue_m_l   M 
_diffrn_radiation.pdbx_wavelength_list             ? 
_diffrn_radiation.pdbx_wavelength                  ? 
_diffrn_radiation.pdbx_diffrn_protocol             'SINGLE WAVELENGTH' 
_diffrn_radiation.pdbx_analyzer                    ? 
_diffrn_radiation.pdbx_scattering_type             x-ray 
# 
_diffrn_radiation_wavelength.id           1 
_diffrn_radiation_wavelength.wavelength   0.7749 
_diffrn_radiation_wavelength.wt           1.0 
# 
_diffrn_source.current                     ? 
_diffrn_source.details                     ? 
_diffrn_source.diffrn_id                   1 
_diffrn_source.power                       ? 
_diffrn_source.size                        ? 
_diffrn_source.source                      SYNCHROTRON 
_diffrn_source.target                      ? 
_diffrn_source.type                        'DIAMOND BEAMLINE I02' 
_diffrn_source.voltage                     ? 
_diffrn_source.take-off_angle              ? 
_diffrn_source.pdbx_wavelength_list        0.7749 
_diffrn_source.pdbx_wavelength             ? 
_diffrn_source.pdbx_synchrotron_beamline   I02 
_diffrn_source.pdbx_synchrotron_site       Diamond 
# 
_reflns.B_iso_Wilson_estimate            ? 
_reflns.entry_id                         4X18 
_reflns.data_reduction_details           ? 
_reflns.data_reduction_method            ? 
_reflns.d_resolution_high                1.05 
_reflns.d_resolution_low                 28.70 
_reflns.details                          ? 
_reflns.limit_h_max                      ? 
_reflns.limit_h_min                      ? 
_reflns.limit_k_max                      ? 
_reflns.limit_k_min                      ? 
_reflns.limit_l_max                      ? 
_reflns.limit_l_min                      ? 
_reflns.number_all                       ? 
_reflns.number_obs                       16873 
_reflns.observed_criterion               ? 
_reflns.observed_criterion_F_max         ? 
_reflns.observed_criterion_F_min         ? 
_reflns.observed_criterion_I_max         ? 
_reflns.observed_criterion_I_min         ? 
_reflns.observed_criterion_sigma_F       ? 
_reflns.observed_criterion_sigma_I       ? 
_reflns.percent_possible_obs             99.1 
_reflns.R_free_details                   ? 
_reflns.Rmerge_F_all                     ? 
_reflns.Rmerge_F_obs                     ? 
_reflns.Friedel_coverage                 ? 
_reflns.number_gt                        ? 
_reflns.threshold_expression             ? 
_reflns.pdbx_redundancy                  6.2 
_reflns.pdbx_Rmerge_I_obs                ? 
_reflns.pdbx_Rmerge_I_all                ? 
_reflns.pdbx_Rsym_value                  ? 
_reflns.pdbx_netI_over_av_sigmaI         ? 
_reflns.pdbx_netI_over_sigmaI            21.8 
_reflns.pdbx_res_netI_over_av_sigmaI_2   ? 
_reflns.pdbx_res_netI_over_sigmaI_2      ? 
_reflns.pdbx_chi_squared                 ? 
_reflns.pdbx_scaling_rejects             ? 
_reflns.pdbx_d_res_high_opt              ? 
_reflns.pdbx_d_res_low_opt               ? 
_reflns.pdbx_d_res_opt_method            ? 
_reflns.phase_calculation_details        ? 
_reflns.pdbx_Rrim_I_all                  ? 
_reflns.pdbx_Rpim_I_all                  ? 
_reflns.pdbx_d_opt                       ? 
_reflns.pdbx_number_measured_all         ? 
_reflns.pdbx_diffrn_id                   1 
_reflns.pdbx_ordinal                     1 
_reflns.pdbx_CC_half                     ? 
_reflns.pdbx_R_split                     ? 
# 
_reflns_shell.Rmerge_F_all                ? 
_reflns_shell.Rmerge_F_gt                 ? 
_reflns_shell.Rmerge_F_obs                ? 
_reflns_shell.Rmerge_I_all                ? 
_reflns_shell.Rmerge_I_gt                 ? 
_reflns_shell.Rmerge_I_obs                0.80 
_reflns_shell.d_res_high                  1.05 
_reflns_shell.d_res_low                   1.08 
_reflns_shell.meanI_over_sigI_all         ? 
_reflns_shell.meanI_over_sigI_gt          ? 
_reflns_shell.meanI_over_sigI_obs         2.1 
_reflns_shell.meanI_over_uI_all           ? 
_reflns_shell.meanI_over_uI_gt            ? 
_reflns_shell.number_measured_all         ? 
_reflns_shell.number_measured_gt          ? 
_reflns_shell.number_measured_obs         ? 
_reflns_shell.number_possible             ? 
_reflns_shell.number_unique_all           ? 
_reflns_shell.number_unique_gt            ? 
_reflns_shell.number_unique_obs           ? 
_reflns_shell.pdbx_CC_half                ? 
_reflns_shell.pdbx_R_split                ? 
_reflns_shell.pdbx_Rpim_I_all             ? 
_reflns_shell.pdbx_Rrim_I_all             ? 
_reflns_shell.pdbx_Rsym_value             ? 
_reflns_shell.pdbx_chi_squared            ? 
_reflns_shell.pdbx_diffrn_id              ? 
_reflns_shell.pdbx_netI_over_sigmaI_all   ? 
_reflns_shell.pdbx_netI_over_sigmaI_obs   ? 
_reflns_shell.pdbx_ordinal                1 
_reflns_shell.pdbx_redundancy             6.3 
_reflns_shell.pdbx_rejects                ? 
_reflns_shell.percent_possible_all        97.7 
_reflns_shell.percent_possible_gt         ? 
_reflns_shell.percent_possible_obs        ? 
# 
_refine.aniso_B[1][1]                            -0.44 
_refine.aniso_B[1][2]                            0.00 
_refine.aniso_B[1][3]                            0.00 
_refine.aniso_B[2][2]                            -0.44 
_refine.aniso_B[2][3]                            -0.00 
_refine.aniso_B[3][3]                            0.88 
_refine.B_iso_max                                ? 
_refine.B_iso_mean                               17.434 
_refine.B_iso_min                                ? 
_refine.correlation_coeff_Fo_to_Fc               0.989 
_refine.correlation_coeff_Fo_to_Fc_free          0.988 
_refine.details                                  'HYDROGENS HAVE BEEN ADDED IN THE RIDING POSITIONS' 
_refine.diff_density_max                         ? 
_refine.diff_density_max_esd                     ? 
_refine.diff_density_min                         ? 
_refine.diff_density_min_esd                     ? 
_refine.diff_density_rms                         ? 
_refine.diff_density_rms_esd                     ? 
_refine.entry_id                                 4X18 
_refine.pdbx_refine_id                           'X-RAY DIFFRACTION' 
_refine.ls_abs_structure_details                 ? 
_refine.ls_abs_structure_Flack                   ? 
_refine.ls_abs_structure_Flack_esd               ? 
_refine.ls_abs_structure_Rogers                  ? 
_refine.ls_abs_structure_Rogers_esd              ? 
_refine.ls_d_res_high                            1.05 
_refine.ls_d_res_low                             28.70 
_refine.ls_extinction_coef                       ? 
_refine.ls_extinction_coef_esd                   ? 
_refine.ls_extinction_expression                 ? 
_refine.ls_extinction_method                     ? 
_refine.ls_goodness_of_fit_all                   ? 
_refine.ls_goodness_of_fit_all_esd               ? 
_refine.ls_goodness_of_fit_obs                   ? 
_refine.ls_goodness_of_fit_obs_esd               ? 
_refine.ls_hydrogen_treatment                    ? 
_refine.ls_matrix_type                           ? 
_refine.ls_number_constraints                    ? 
_refine.ls_number_parameters                     ? 
_refine.ls_number_reflns_all                     ? 
_refine.ls_number_reflns_obs                     15996 
_refine.ls_number_reflns_R_free                  848 
_refine.ls_number_reflns_R_work                  ? 
_refine.ls_number_restraints                     ? 
_refine.ls_percent_reflns_obs                    98.80 
_refine.ls_percent_reflns_R_free                 5.0 
_refine.ls_R_factor_all                          ? 
_refine.ls_R_factor_obs                          0.09628 
_refine.ls_R_factor_R_free                       0.10497 
_refine.ls_R_factor_R_free_error                 ? 
_refine.ls_R_factor_R_free_error_details         ? 
_refine.ls_R_factor_R_work                       0.09582 
_refine.ls_R_Fsqd_factor_obs                     ? 
_refine.ls_R_I_factor_obs                        ? 
_refine.ls_redundancy_reflns_all                 ? 
_refine.ls_redundancy_reflns_obs                 ? 
_refine.ls_restrained_S_all                      ? 
_refine.ls_restrained_S_obs                      ? 
_refine.ls_shift_over_esd_max                    ? 
_refine.ls_shift_over_esd_mean                   ? 
_refine.ls_structure_factor_coef                 ? 
_refine.ls_weighting_details                     ? 
_refine.ls_weighting_scheme                      ? 
_refine.ls_wR_factor_all                         ? 
_refine.ls_wR_factor_obs                         ? 
_refine.ls_wR_factor_R_free                      ? 
_refine.ls_wR_factor_R_work                      ? 
_refine.occupancy_max                            ? 
_refine.occupancy_min                            ? 
_refine.solvent_model_details                    MASK 
_refine.solvent_model_param_bsol                 ? 
_refine.solvent_model_param_ksol                 ? 
_refine.ls_R_factor_gt                           ? 
_refine.ls_goodness_of_fit_gt                    ? 
_refine.ls_goodness_of_fit_ref                   ? 
_refine.ls_shift_over_su_max                     ? 
_refine.ls_shift_over_su_max_lt                  ? 
_refine.ls_shift_over_su_mean                    ? 
_refine.ls_shift_over_su_mean_lt                 ? 
_refine.pdbx_ls_sigma_I                          ? 
_refine.pdbx_ls_sigma_F                          ? 
_refine.pdbx_ls_sigma_Fsqd                       ? 
_refine.pdbx_data_cutoff_high_absF               ? 
_refine.pdbx_data_cutoff_high_rms_absF           ? 
_refine.pdbx_data_cutoff_low_absF                ? 
_refine.pdbx_isotropic_thermal_model             ? 
_refine.pdbx_ls_cross_valid_method               THROUGHOUT 
_refine.pdbx_method_to_determine_struct          SAD 
_refine.pdbx_starting_model                      ? 
_refine.pdbx_stereochemistry_target_values       'MAXIMUM LIKELIHOOD' 
_refine.pdbx_R_Free_selection_details            RANDOM 
_refine.pdbx_stereochem_target_val_spec_case     ? 
_refine.pdbx_overall_ESU_R                       0.016 
_refine.pdbx_overall_ESU_R_Free                  0.016 
_refine.pdbx_solvent_vdw_probe_radii             1.20 
_refine.pdbx_solvent_ion_probe_radii             0.80 
_refine.pdbx_solvent_shrinkage_radii             0.80 
_refine.pdbx_real_space_R                        ? 
_refine.pdbx_density_correlation                 ? 
_refine.pdbx_pd_number_of_powder_patterns        ? 
_refine.pdbx_pd_number_of_points                 ? 
_refine.pdbx_pd_meas_number_of_points            ? 
_refine.pdbx_pd_proc_ls_prof_R_factor            ? 
_refine.pdbx_pd_proc_ls_prof_wR_factor           ? 
_refine.pdbx_pd_Marquardt_correlation_coeff      ? 
_refine.pdbx_pd_Fsqrd_R_factor                   ? 
_refine.pdbx_pd_ls_matrix_band_width             ? 
_refine.pdbx_overall_phase_error                 ? 
_refine.pdbx_overall_SU_R_free_Cruickshank_DPI   ? 
_refine.pdbx_overall_SU_R_free_Blow_DPI          ? 
_refine.pdbx_overall_SU_R_Blow_DPI               ? 
_refine.pdbx_TLS_residual_ADP_flag               ? 
_refine.pdbx_diffrn_id                           1 
_refine.overall_SU_B                             0.578 
_refine.overall_SU_ML                            0.013 
_refine.overall_SU_R_Cruickshank_DPI             ? 
_refine.overall_SU_R_free                        ? 
_refine.overall_FOM_free_R_set                   ? 
_refine.overall_FOM_work_R_set                   ? 
_refine.pdbx_average_fsc_overall                 ? 
_refine.pdbx_average_fsc_work                    ? 
_refine.pdbx_average_fsc_free                    ? 
# 
_refine_hist.pdbx_refine_id                   'X-RAY DIFFRACTION' 
_refine_hist.cycle_id                         1 
_refine_hist.pdbx_number_atoms_protein        0 
_refine_hist.pdbx_number_atoms_nucleic_acid   202 
_refine_hist.pdbx_number_atoms_ligand         54 
_refine_hist.number_atoms_solvent             77 
_refine_hist.number_atoms_total               333 
_refine_hist.d_res_high                       1.05 
_refine_hist.d_res_low                        28.70 
# 
loop_
_refine_ls_restr.pdbx_refine_id 
_refine_ls_restr.criterion 
_refine_ls_restr.dev_ideal 
_refine_ls_restr.dev_ideal_target 
_refine_ls_restr.number 
_refine_ls_restr.rejects 
_refine_ls_restr.type 
_refine_ls_restr.weight 
_refine_ls_restr.pdbx_restraint_function 
'X-RAY DIFFRACTION' ? 0.038  0.013  291 ? r_bond_refined_d             ? ? 
'X-RAY DIFFRACTION' ? 0.002  0.020  137 ? r_bond_other_d               ? ? 
'X-RAY DIFFRACTION' ? 2.815  1.604  458 ? r_angle_refined_deg          ? ? 
'X-RAY DIFFRACTION' ? 3.870  3.000  313 ? r_angle_other_deg            ? ? 
'X-RAY DIFFRACTION' ? ?      ?      ?   ? r_dihedral_angle_1_deg       ? ? 
'X-RAY DIFFRACTION' ? ?      ?      ?   ? r_dihedral_angle_2_deg       ? ? 
'X-RAY DIFFRACTION' ? ?      ?      ?   ? r_dihedral_angle_3_deg       ? ? 
'X-RAY DIFFRACTION' ? ?      ?      ?   ? r_dihedral_angle_4_deg       ? ? 
'X-RAY DIFFRACTION' ? 0.093  0.200  30  ? r_chiral_restr               ? ? 
'X-RAY DIFFRACTION' ? 0.040  0.020  177 ? r_gen_planes_refined         ? ? 
'X-RAY DIFFRACTION' ? 0.009  0.020  77  ? r_gen_planes_other           ? ? 
'X-RAY DIFFRACTION' ? ?      ?      ?   ? r_nbd_refined                ? ? 
'X-RAY DIFFRACTION' ? ?      ?      ?   ? r_nbd_other                  ? ? 
'X-RAY DIFFRACTION' ? ?      ?      ?   ? r_nbtor_refined              ? ? 
'X-RAY DIFFRACTION' ? ?      ?      ?   ? r_nbtor_other                ? ? 
'X-RAY DIFFRACTION' ? ?      ?      ?   ? r_xyhbond_nbd_refined        ? ? 
'X-RAY DIFFRACTION' ? ?      ?      ?   ? r_xyhbond_nbd_other          ? ? 
'X-RAY DIFFRACTION' ? ?      ?      ?   ? r_metal_ion_refined          ? ? 
'X-RAY DIFFRACTION' ? ?      ?      ?   ? r_metal_ion_other            ? ? 
'X-RAY DIFFRACTION' ? ?      ?      ?   ? r_symmetry_vdw_refined       ? ? 
'X-RAY DIFFRACTION' ? ?      ?      ?   ? r_symmetry_vdw_other         ? ? 
'X-RAY DIFFRACTION' ? ?      ?      ?   ? r_symmetry_hbond_refined     ? ? 
'X-RAY DIFFRACTION' ? ?      ?      ?   ? r_symmetry_hbond_other       ? ? 
'X-RAY DIFFRACTION' ? ?      ?      ?   ? r_symmetry_metal_ion_refined ? ? 
'X-RAY DIFFRACTION' ? ?      ?      ?   ? r_symmetry_metal_ion_other   ? ? 
'X-RAY DIFFRACTION' ? ?      ?      ?   ? r_mcbond_it                  ? ? 
'X-RAY DIFFRACTION' ? ?      ?      ?   ? r_mcbond_other               ? ? 
'X-RAY DIFFRACTION' ? ?      ?      ?   ? r_mcangle_it                 ? ? 
'X-RAY DIFFRACTION' ? ?      ?      ?   ? r_mcangle_other              ? ? 
'X-RAY DIFFRACTION' ? 2.336  1.460  291 ? r_scbond_it                  ? ? 
'X-RAY DIFFRACTION' ? 2.333  ?      292 ? r_scbond_other               ? ? 
'X-RAY DIFFRACTION' ? ?      ?      ?   ? r_scangle_it                 ? ? 
'X-RAY DIFFRACTION' ? 2.888  2.190  459 ? r_scangle_other              ? ? 
'X-RAY DIFFRACTION' ? 4.290  17.113 718 ? r_long_range_B_refined       ? ? 
'X-RAY DIFFRACTION' ? 3.511  34.999 676 ? r_long_range_B_other         ? ? 
'X-RAY DIFFRACTION' ? 7.693  3.000  291 ? r_rigid_bond_restr           ? ? 
'X-RAY DIFFRACTION' ? 38.435 5.000  14  ? r_sphericity_free            ? ? 
'X-RAY DIFFRACTION' ? 14.662 5.000  319 ? r_sphericity_bonded          ? ? 
# 
_refine_ls_shell.pdbx_refine_id                   'X-RAY DIFFRACTION' 
_refine_ls_shell.d_res_high                       1.050 
_refine_ls_shell.d_res_low                        1.077 
_refine_ls_shell.number_reflns_all                ? 
_refine_ls_shell.number_reflns_obs                ? 
_refine_ls_shell.number_reflns_R_free             51 
_refine_ls_shell.number_reflns_R_work             1148 
_refine_ls_shell.percent_reflns_obs               97.32 
_refine_ls_shell.percent_reflns_R_free            ? 
_refine_ls_shell.R_factor_all                     ? 
_refine_ls_shell.R_factor_obs                     ? 
_refine_ls_shell.R_factor_R_free                  0.251 
_refine_ls_shell.R_factor_R_free_error            ? 
_refine_ls_shell.R_factor_R_work                  0.202 
_refine_ls_shell.redundancy_reflns_all            ? 
_refine_ls_shell.redundancy_reflns_obs            ? 
_refine_ls_shell.wR_factor_all                    ? 
_refine_ls_shell.wR_factor_obs                    ? 
_refine_ls_shell.wR_factor_R_free                 ? 
_refine_ls_shell.wR_factor_R_work                 ? 
_refine_ls_shell.pdbx_total_number_of_bins_used   20 
_refine_ls_shell.pdbx_phase_error                 ? 
_refine_ls_shell.pdbx_fsc_work                    ? 
_refine_ls_shell.pdbx_fsc_free                    ? 
# 
_struct.entry_id                     4X18 
_struct.title                        '[Ru(TAP)2(dppz-11-Me)]2+ bound to d(TCGGCGCCGA)' 
_struct.pdbx_model_details           ? 
_struct.pdbx_formula_weight          ? 
_struct.pdbx_formula_weight_method   ? 
_struct.pdbx_model_type_details      ? 
_struct.pdbx_CASP_flag               ? 
# 
_struct_keywords.entry_id        4X18 
_struct_keywords.text            'Ruthenium, DNA, substitution, duplex' 
_struct_keywords.pdbx_keywords   DNA 
# 
loop_
_struct_asym.id 
_struct_asym.pdbx_blank_PDB_chainid_flag 
_struct_asym.pdbx_modified 
_struct_asym.entity_id 
_struct_asym.details 
A N N 1 ? 
B N N 2 ? 
C N N 3 ? 
D N N 4 ? 
E N N 5 ? 
# 
_struct_ref.id                         1 
_struct_ref.db_name                    PDB 
_struct_ref.db_code                    4X18 
_struct_ref.pdbx_db_accession          4X18 
_struct_ref.pdbx_db_isoform            ? 
_struct_ref.entity_id                  1 
_struct_ref.pdbx_seq_one_letter_code   ? 
_struct_ref.pdbx_align_begin           1 
# 
_struct_ref_seq.align_id                      1 
_struct_ref_seq.ref_id                        1 
_struct_ref_seq.pdbx_PDB_id_code              4X18 
_struct_ref_seq.pdbx_strand_id                A 
_struct_ref_seq.seq_align_beg                 1 
_struct_ref_seq.pdbx_seq_align_beg_ins_code   ? 
_struct_ref_seq.seq_align_end                 10 
_struct_ref_seq.pdbx_seq_align_end_ins_code   ? 
_struct_ref_seq.pdbx_db_accession             4X18 
_struct_ref_seq.db_align_beg                  1 
_struct_ref_seq.pdbx_db_align_beg_ins_code    ? 
_struct_ref_seq.db_align_end                  10 
_struct_ref_seq.pdbx_db_align_end_ins_code    ? 
_struct_ref_seq.pdbx_auth_seq_align_beg       1 
_struct_ref_seq.pdbx_auth_seq_align_end       10 
# 
_pdbx_struct_assembly.id                   1 
_pdbx_struct_assembly.details              author_and_software_defined_assembly 
_pdbx_struct_assembly.method_details       PISA 
_pdbx_struct_assembly.oligomeric_details   dimeric 
_pdbx_struct_assembly.oligomeric_count     2 
# 
loop_
_pdbx_struct_assembly_prop.biol_id 
_pdbx_struct_assembly_prop.type 
_pdbx_struct_assembly_prop.value 
_pdbx_struct_assembly_prop.details 
1 'ABSA (A^2)' 1850 ? 
1 MORE         -32  ? 
1 'SSA (A^2)'  4640 ? 
# 
_pdbx_struct_assembly_gen.assembly_id       1 
_pdbx_struct_assembly_gen.oper_expression   1,2 
_pdbx_struct_assembly_gen.asym_id_list      A,B,C,D,E 
# 
loop_
_pdbx_struct_oper_list.id 
_pdbx_struct_oper_list.type 
_pdbx_struct_oper_list.name 
_pdbx_struct_oper_list.symmetry_operation 
_pdbx_struct_oper_list.matrix[1][1] 
_pdbx_struct_oper_list.matrix[1][2] 
_pdbx_struct_oper_list.matrix[1][3] 
_pdbx_struct_oper_list.vector[1] 
_pdbx_struct_oper_list.matrix[2][1] 
_pdbx_struct_oper_list.matrix[2][2] 
_pdbx_struct_oper_list.matrix[2][3] 
_pdbx_struct_oper_list.vector[2] 
_pdbx_struct_oper_list.matrix[3][1] 
_pdbx_struct_oper_list.matrix[3][2] 
_pdbx_struct_oper_list.matrix[3][3] 
_pdbx_struct_oper_list.vector[3] 
1 'identity operation'         1_555 x,y,z            1.0000000000 0.0000000000  0.0000000000 0.0000000000  0.0000000000  1.0000000000  0.0000000000  0.0000000000  0.0000000000 0.0000000000  1.0000000000  0.0000000000 
2 'crystal symmetry operation' 8_664 -y+1,-x+1,-z-1/2 0.4930959658 -0.8697197508 0.0210694919 -1.2227581868 -0.8697197508 -0.4933932833 -0.0122728570 -2.0538113664 0.0210694919 -0.0122728570 -0.9997026825 1.8726130753 
# 
loop_
_struct_conn.id 
_struct_conn.conn_type_id 
_struct_conn.pdbx_leaving_atom_flag 
_struct_conn.pdbx_PDB_id 
_struct_conn.ptnr1_label_asym_id 
_struct_conn.ptnr1_label_comp_id 
_struct_conn.ptnr1_label_seq_id 
_struct_conn.ptnr1_label_atom_id 
_struct_conn.pdbx_ptnr1_label_alt_id 
_struct_conn.pdbx_ptnr1_PDB_ins_code 
_struct_conn.pdbx_ptnr1_standard_comp_id 
_struct_conn.ptnr1_symmetry 
_struct_conn.ptnr2_label_asym_id 
_struct_conn.ptnr2_label_comp_id 
_struct_conn.ptnr2_label_seq_id 
_struct_conn.ptnr2_label_atom_id 
_struct_conn.pdbx_ptnr2_label_alt_id 
_struct_conn.pdbx_ptnr2_PDB_ins_code 
_struct_conn.ptnr1_auth_asym_id 
_struct_conn.ptnr1_auth_comp_id 
_struct_conn.ptnr1_auth_seq_id 
_struct_conn.ptnr2_auth_asym_id 
_struct_conn.ptnr2_auth_comp_id 
_struct_conn.ptnr2_auth_seq_id 
_struct_conn.ptnr2_symmetry 
_struct_conn.pdbx_ptnr3_label_atom_id 
_struct_conn.pdbx_ptnr3_label_seq_id 
_struct_conn.pdbx_ptnr3_label_comp_id 
_struct_conn.pdbx_ptnr3_label_asym_id 
_struct_conn.pdbx_ptnr3_label_alt_id 
_struct_conn.pdbx_ptnr3_PDB_ins_code 
_struct_conn.details 
_struct_conn.pdbx_dist_value 
_struct_conn.pdbx_value_order 
_struct_conn.pdbx_role 
metalc1  metalc ? ? A DG 4 O6 ? ? ? 1_555 C BA  . BA ? ? A DG 4   A BA  102 1_555 ? ? ? ? ? ? ?            2.853 ? ? 
metalc2  metalc ? ? C BA . BA ? ? ? 1_555 E HOH . O  ? ? A BA 102 A HOH 217 1_555 ? ? ? ? ? ? ?            2.760 ? ? 
metalc3  metalc ? ? C BA . BA ? ? ? 1_555 E HOH . O  ? ? A BA 102 A HOH 221 1_555 ? ? ? ? ? ? ?            2.817 ? ? 
metalc4  metalc ? ? C BA . BA ? ? ? 1_555 E HOH . O  ? ? A BA 102 A HOH 223 1_555 ? ? ? ? ? ? ?            2.805 ? ? 
metalc5  metalc ? ? C BA . BA ? ? ? 1_555 E HOH . O  ? ? A BA 102 A HOH 235 1_555 ? ? ? ? ? ? ?            2.817 ? ? 
metalc6  metalc ? ? C BA . BA ? ? ? 1_555 E HOH . O  ? ? A BA 102 A HOH 245 1_555 ? ? ? ? ? ? ?            2.751 ? ? 
metalc7  metalc ? ? C BA . BA ? ? ? 1_555 E HOH . O  ? ? A BA 102 A HOH 270 1_555 ? ? ? ? ? ? ?            2.810 ? ? 
hydrog1  hydrog ? ? A DC 2 N3 ? ? ? 1_555 A DG  9 N1 ? ? A DC 2   A DG  9   8_664 ? ? ? ? ? ? WATSON-CRICK ?     ? ? 
hydrog2  hydrog ? ? A DC 2 N4 ? ? ? 1_555 A DG  9 O6 ? ? A DC 2   A DG  9   8_664 ? ? ? ? ? ? WATSON-CRICK ?     ? ? 
hydrog3  hydrog ? ? A DC 2 O2 ? ? ? 1_555 A DG  9 N2 ? ? A DC 2   A DG  9   8_664 ? ? ? ? ? ? WATSON-CRICK ?     ? ? 
hydrog4  hydrog ? ? A DG 3 N1 ? ? ? 1_555 A DC  8 N3 ? ? A DG 3   A DC  8   8_664 ? ? ? ? ? ? WATSON-CRICK ?     ? ? 
hydrog5  hydrog ? ? A DG 3 N2 ? ? ? 1_555 A DC  8 O2 ? ? A DG 3   A DC  8   8_664 ? ? ? ? ? ? WATSON-CRICK ?     ? ? 
hydrog6  hydrog ? ? A DG 3 O6 ? ? ? 1_555 A DC  8 N4 ? ? A DG 3   A DC  8   8_664 ? ? ? ? ? ? WATSON-CRICK ?     ? ? 
hydrog7  hydrog ? ? A DG 4 N1 ? ? ? 1_555 A DC  7 N3 ? ? A DG 4   A DC  7   8_664 ? ? ? ? ? ? WATSON-CRICK ?     ? ? 
hydrog8  hydrog ? ? A DG 4 N2 ? ? ? 1_555 A DC  7 O2 ? ? A DG 4   A DC  7   8_664 ? ? ? ? ? ? WATSON-CRICK ?     ? ? 
hydrog9  hydrog ? ? A DG 4 O6 ? ? ? 1_555 A DC  7 N4 ? ? A DG 4   A DC  7   8_664 ? ? ? ? ? ? WATSON-CRICK ?     ? ? 
hydrog10 hydrog ? ? A DC 5 N3 ? ? ? 1_555 A DG  6 N1 ? ? A DC 5   A DG  6   8_664 ? ? ? ? ? ? WATSON-CRICK ?     ? ? 
hydrog11 hydrog ? ? A DC 5 N4 ? ? ? 1_555 A DG  6 O6 ? ? A DC 5   A DG  6   8_664 ? ? ? ? ? ? WATSON-CRICK ?     ? ? 
hydrog12 hydrog ? ? A DC 5 O2 ? ? ? 1_555 A DG  6 N2 ? ? A DC 5   A DG  6   8_664 ? ? ? ? ? ? WATSON-CRICK ?     ? ? 
hydrog13 hydrog ? ? A DG 6 N1 ? ? ? 1_555 A DC  5 N3 ? ? A DG 6   A DC  5   8_664 ? ? ? ? ? ? WATSON-CRICK ?     ? ? 
hydrog14 hydrog ? ? A DG 6 N2 ? ? ? 1_555 A DC  5 O2 ? ? A DG 6   A DC  5   8_664 ? ? ? ? ? ? WATSON-CRICK ?     ? ? 
hydrog15 hydrog ? ? A DG 6 O6 ? ? ? 1_555 A DC  5 N4 ? ? A DG 6   A DC  5   8_664 ? ? ? ? ? ? WATSON-CRICK ?     ? ? 
hydrog16 hydrog ? ? A DC 7 N3 ? ? ? 1_555 A DG  4 N1 ? ? A DC 7   A DG  4   8_664 ? ? ? ? ? ? WATSON-CRICK ?     ? ? 
hydrog17 hydrog ? ? A DC 7 N4 ? ? ? 1_555 A DG  4 O6 ? ? A DC 7   A DG  4   8_664 ? ? ? ? ? ? WATSON-CRICK ?     ? ? 
hydrog18 hydrog ? ? A DC 7 O2 ? ? ? 1_555 A DG  4 N2 ? ? A DC 7   A DG  4   8_664 ? ? ? ? ? ? WATSON-CRICK ?     ? ? 
hydrog19 hydrog ? ? A DC 8 N3 ? ? ? 1_555 A DG  3 N1 ? ? A DC 8   A DG  3   8_664 ? ? ? ? ? ? WATSON-CRICK ?     ? ? 
hydrog20 hydrog ? ? A DC 8 N4 ? ? ? 1_555 A DG  3 O6 ? ? A DC 8   A DG  3   8_664 ? ? ? ? ? ? WATSON-CRICK ?     ? ? 
hydrog21 hydrog ? ? A DC 8 O2 ? ? ? 1_555 A DG  3 N2 ? ? A DC 8   A DG  3   8_664 ? ? ? ? ? ? WATSON-CRICK ?     ? ? 
hydrog22 hydrog ? ? A DG 9 N1 ? ? ? 1_555 A DC  2 N3 ? ? A DG 9   A DC  2   8_664 ? ? ? ? ? ? WATSON-CRICK ?     ? ? 
hydrog23 hydrog ? ? A DG 9 N2 ? ? ? 1_555 A DC  2 O2 ? ? A DG 9   A DC  2   8_664 ? ? ? ? ? ? WATSON-CRICK ?     ? ? 
hydrog24 hydrog ? ? A DG 9 O6 ? ? ? 1_555 A DC  2 N4 ? ? A DG 9   A DC  2   8_664 ? ? ? ? ? ? WATSON-CRICK ?     ? ? 
# 
loop_
_struct_conn_type.id 
_struct_conn_type.criteria 
_struct_conn_type.reference 
metalc ? ? 
hydrog ? ? 
# 
loop_
_pdbx_struct_conn_angle.id 
_pdbx_struct_conn_angle.ptnr1_label_atom_id 
_pdbx_struct_conn_angle.ptnr1_label_alt_id 
_pdbx_struct_conn_angle.ptnr1_label_asym_id 
_pdbx_struct_conn_angle.ptnr1_label_comp_id 
_pdbx_struct_conn_angle.ptnr1_label_seq_id 
_pdbx_struct_conn_angle.ptnr1_auth_atom_id 
_pdbx_struct_conn_angle.ptnr1_auth_asym_id 
_pdbx_struct_conn_angle.ptnr1_auth_comp_id 
_pdbx_struct_conn_angle.ptnr1_auth_seq_id 
_pdbx_struct_conn_angle.ptnr1_PDB_ins_code 
_pdbx_struct_conn_angle.ptnr1_symmetry 
_pdbx_struct_conn_angle.ptnr2_label_atom_id 
_pdbx_struct_conn_angle.ptnr2_label_alt_id 
_pdbx_struct_conn_angle.ptnr2_label_asym_id 
_pdbx_struct_conn_angle.ptnr2_label_comp_id 
_pdbx_struct_conn_angle.ptnr2_label_seq_id 
_pdbx_struct_conn_angle.ptnr2_auth_atom_id 
_pdbx_struct_conn_angle.ptnr2_auth_asym_id 
_pdbx_struct_conn_angle.ptnr2_auth_comp_id 
_pdbx_struct_conn_angle.ptnr2_auth_seq_id 
_pdbx_struct_conn_angle.ptnr2_PDB_ins_code 
_pdbx_struct_conn_angle.ptnr2_symmetry 
_pdbx_struct_conn_angle.ptnr3_label_atom_id 
_pdbx_struct_conn_angle.ptnr3_label_alt_id 
_pdbx_struct_conn_angle.ptnr3_label_asym_id 
_pdbx_struct_conn_angle.ptnr3_label_comp_id 
_pdbx_struct_conn_angle.ptnr3_label_seq_id 
_pdbx_struct_conn_angle.ptnr3_auth_atom_id 
_pdbx_struct_conn_angle.ptnr3_auth_asym_id 
_pdbx_struct_conn_angle.ptnr3_auth_comp_id 
_pdbx_struct_conn_angle.ptnr3_auth_seq_id 
_pdbx_struct_conn_angle.ptnr3_PDB_ins_code 
_pdbx_struct_conn_angle.ptnr3_symmetry 
_pdbx_struct_conn_angle.value 
_pdbx_struct_conn_angle.value_esd 
1  O6 ? A DG  4 ? A DG  4   ? 1_555 BA ? C BA . ? A BA 102 ? 1_555 O ? E HOH . ? A HOH 217 ? 1_555 71.3  ? 
2  O6 ? A DG  4 ? A DG  4   ? 1_555 BA ? C BA . ? A BA 102 ? 1_555 O ? E HOH . ? A HOH 221 ? 1_555 126.7 ? 
3  O  ? E HOH . ? A HOH 217 ? 1_555 BA ? C BA . ? A BA 102 ? 1_555 O ? E HOH . ? A HOH 221 ? 1_555 139.3 ? 
4  O6 ? A DG  4 ? A DG  4   ? 1_555 BA ? C BA . ? A BA 102 ? 1_555 O ? E HOH . ? A HOH 223 ? 1_555 137.8 ? 
5  O  ? E HOH . ? A HOH 217 ? 1_555 BA ? C BA . ? A BA 102 ? 1_555 O ? E HOH . ? A HOH 223 ? 1_555 76.1  ? 
6  O  ? E HOH . ? A HOH 221 ? 1_555 BA ? C BA . ? A BA 102 ? 1_555 O ? E HOH . ? A HOH 223 ? 1_555 67.8  ? 
7  O6 ? A DG  4 ? A DG  4   ? 1_555 BA ? C BA . ? A BA 102 ? 1_555 O ? E HOH . ? A HOH 235 ? 1_555 63.8  ? 
8  O  ? E HOH . ? A HOH 217 ? 1_555 BA ? C BA . ? A BA 102 ? 1_555 O ? E HOH . ? A HOH 235 ? 1_555 84.8  ? 
9  O  ? E HOH . ? A HOH 221 ? 1_555 BA ? C BA . ? A BA 102 ? 1_555 O ? E HOH . ? A HOH 235 ? 1_555 135.3 ? 
10 O  ? E HOH . ? A HOH 223 ? 1_555 BA ? C BA . ? A BA 102 ? 1_555 O ? E HOH . ? A HOH 235 ? 1_555 138.6 ? 
11 O6 ? A DG  4 ? A DG  4   ? 1_555 BA ? C BA . ? A BA 102 ? 1_555 O ? E HOH . ? A HOH 245 ? 1_555 108.4 ? 
12 O  ? E HOH . ? A HOH 217 ? 1_555 BA ? C BA . ? A BA 102 ? 1_555 O ? E HOH . ? A HOH 245 ? 1_555 149.9 ? 
13 O  ? E HOH . ? A HOH 221 ? 1_555 BA ? C BA . ? A BA 102 ? 1_555 O ? E HOH . ? A HOH 245 ? 1_555 66.2  ? 
14 O  ? E HOH . ? A HOH 223 ? 1_555 BA ? C BA . ? A BA 102 ? 1_555 O ? E HOH . ? A HOH 245 ? 1_555 113.2 ? 
15 O  ? E HOH . ? A HOH 235 ? 1_555 BA ? C BA . ? A BA 102 ? 1_555 O ? E HOH . ? A HOH 245 ? 1_555 69.4  ? 
16 O6 ? A DG  4 ? A DG  4   ? 1_555 BA ? C BA . ? A BA 102 ? 1_555 O ? E HOH . ? A HOH 270 ? 1_555 121.9 ? 
17 O  ? E HOH . ? A HOH 217 ? 1_555 BA ? C BA . ? A BA 102 ? 1_555 O ? E HOH . ? A HOH 270 ? 1_555 74.6  ? 
18 O  ? E HOH . ? A HOH 221 ? 1_555 BA ? C BA . ? A BA 102 ? 1_555 O ? E HOH . ? A HOH 270 ? 1_555 109.9 ? 
19 O  ? E HOH . ? A HOH 223 ? 1_555 BA ? C BA . ? A BA 102 ? 1_555 O ? E HOH . ? A HOH 270 ? 1_555 72.0  ? 
20 O  ? E HOH . ? A HOH 235 ? 1_555 BA ? C BA . ? A BA 102 ? 1_555 O ? E HOH . ? A HOH 270 ? 1_555 67.6  ? 
21 O  ? E HOH . ? A HOH 245 ? 1_555 BA ? C BA . ? A BA 102 ? 1_555 O ? E HOH . ? A HOH 270 ? 1_555 81.2  ? 
# 
loop_
_struct_site.id 
_struct_site.pdbx_evidence_code 
_struct_site.pdbx_auth_asym_id 
_struct_site.pdbx_auth_comp_id 
_struct_site.pdbx_auth_seq_id 
_struct_site.pdbx_auth_ins_code 
_struct_site.pdbx_num_residues 
_struct_site.details 
AC1 Software A RKM 101 ? 12 'binding site for residue RKM A 101' 
AC2 Software A BA  102 ? 8  'binding site for residue BA A 102'  
AC3 Software A CL  103 ? 5  'binding site for residue CL A 103'  
# 
loop_
_struct_site_gen.id 
_struct_site_gen.site_id 
_struct_site_gen.pdbx_num_res 
_struct_site_gen.label_comp_id 
_struct_site_gen.label_asym_id 
_struct_site_gen.label_seq_id 
_struct_site_gen.pdbx_auth_ins_code 
_struct_site_gen.auth_comp_id 
_struct_site_gen.auth_asym_id 
_struct_site_gen.auth_seq_id 
_struct_site_gen.label_atom_id 
_struct_site_gen.label_alt_id 
_struct_site_gen.symmetry 
_struct_site_gen.details 
1  AC1 12 DT  A 1  ? DT  A 1   . ? 1_555 ? 
2  AC1 12 DC  A 2  ? DC  A 2   . ? 1_555 ? 
3  AC1 12 DG  A 3  ? DG  A 3   . ? 4_455 ? 
4  AC1 12 DG  A 3  ? DG  A 3   . ? 1_555 ? 
5  AC1 12 DG  A 4  ? DG  A 4   . ? 4_455 ? 
6  AC1 12 DC  A 5  ? DC  A 5   . ? 4_455 ? 
7  AC1 12 DC  A 7  ? DC  A 7   . ? 5_544 ? 
8  AC1 12 DC  A 8  ? DC  A 8   . ? 5_544 ? 
9  AC1 12 DG  A 9  ? DG  A 9   . ? 8_664 ? 
10 AC1 12 DA  A 10 ? DA  A 10  . ? 5_544 ? 
11 AC1 12 CL  D .  ? CL  A 103 . ? 1_555 ? 
12 AC1 12 HOH E .  ? HOH A 274 . ? 3_554 ? 
13 AC2 8  DG  A 3  ? DG  A 3   . ? 1_555 ? 
14 AC2 8  DG  A 4  ? DG  A 4   . ? 1_555 ? 
15 AC2 8  HOH E .  ? HOH A 217 . ? 1_555 ? 
16 AC2 8  HOH E .  ? HOH A 235 . ? 1_555 ? 
17 AC2 8  HOH E .  ? HOH A 245 . ? 1_555 ? 
18 AC2 8  HOH E .  ? HOH A 270 . ? 1_555 ? 
19 AC2 8  HOH E .  ? HOH A 221 . ? 1_555 ? 
20 AC2 8  HOH E .  ? HOH A 223 . ? 1_555 ? 
21 AC3 5  DG  A 3  ? DG  A 3   . ? 4_455 ? 
22 AC3 5  DC  A 8  ? DC  A 8   . ? 5_544 ? 
23 AC3 5  DA  A 10 ? DA  A 10  . ? 5_544 ? 
24 AC3 5  RKM B .  ? RKM A 101 . ? 1_555 ? 
25 AC3 5  HOH E .  ? HOH A 214 . ? 5_544 ? 
# 
_pdbx_validate_close_contact.id               1 
_pdbx_validate_close_contact.PDB_model_num    1 
_pdbx_validate_close_contact.auth_atom_id_1   O 
_pdbx_validate_close_contact.auth_asym_id_1   A 
_pdbx_validate_close_contact.auth_comp_id_1   HOH 
_pdbx_validate_close_contact.auth_seq_id_1    248 
_pdbx_validate_close_contact.PDB_ins_code_1   ? 
_pdbx_validate_close_contact.label_alt_id_1   ? 
_pdbx_validate_close_contact.auth_atom_id_2   O 
_pdbx_validate_close_contact.auth_asym_id_2   A 
_pdbx_validate_close_contact.auth_comp_id_2   HOH 
_pdbx_validate_close_contact.auth_seq_id_2    262 
_pdbx_validate_close_contact.PDB_ins_code_2   ? 
_pdbx_validate_close_contact.label_alt_id_2   ? 
_pdbx_validate_close_contact.dist             1.89 
# 
_pdbx_validate_planes.id              1 
_pdbx_validate_planes.PDB_model_num   1 
_pdbx_validate_planes.auth_comp_id    DC 
_pdbx_validate_planes.auth_asym_id    A 
_pdbx_validate_planes.auth_seq_id     5 
_pdbx_validate_planes.PDB_ins_code    ? 
_pdbx_validate_planes.label_alt_id    ? 
_pdbx_validate_planes.rmsd            0.109 
_pdbx_validate_planes.type            'SIDE CHAIN' 
# 
loop_
_pdbx_distant_solvent_atoms.id 
_pdbx_distant_solvent_atoms.PDB_model_num 
_pdbx_distant_solvent_atoms.auth_atom_id 
_pdbx_distant_solvent_atoms.label_alt_id 
_pdbx_distant_solvent_atoms.auth_asym_id 
_pdbx_distant_solvent_atoms.auth_comp_id 
_pdbx_distant_solvent_atoms.auth_seq_id 
_pdbx_distant_solvent_atoms.PDB_ins_code 
_pdbx_distant_solvent_atoms.neighbor_macromolecule_distance 
_pdbx_distant_solvent_atoms.neighbor_ligand_distance 
1 1 O ? A HOH 275 ? .    5.83 
2 1 O ? A HOH 276 ? .    5.96 
3 1 O ? A HOH 277 ? 6.64 .    
# 
loop_
_chem_comp_atom.comp_id 
_chem_comp_atom.atom_id 
_chem_comp_atom.type_symbol 
_chem_comp_atom.pdbx_aromatic_flag 
_chem_comp_atom.pdbx_stereo_config 
_chem_comp_atom.pdbx_ordinal 
BA  BA     BA N N 1   
CL  CL     CL N N 2   
DA  OP3    O  N N 3   
DA  P      P  N N 4   
DA  OP1    O  N N 5   
DA  OP2    O  N N 6   
DA  "O5'"  O  N N 7   
DA  "C5'"  C  N N 8   
DA  "C4'"  C  N R 9   
DA  "O4'"  O  N N 10  
DA  "C3'"  C  N S 11  
DA  "O3'"  O  N N 12  
DA  "C2'"  C  N N 13  
DA  "C1'"  C  N R 14  
DA  N9     N  Y N 15  
DA  C8     C  Y N 16  
DA  N7     N  Y N 17  
DA  C5     C  Y N 18  
DA  C6     C  Y N 19  
DA  N6     N  N N 20  
DA  N1     N  Y N 21  
DA  C2     C  Y N 22  
DA  N3     N  Y N 23  
DA  C4     C  Y N 24  
DA  HOP3   H  N N 25  
DA  HOP2   H  N N 26  
DA  "H5'"  H  N N 27  
DA  "H5''" H  N N 28  
DA  "H4'"  H  N N 29  
DA  "H3'"  H  N N 30  
DA  "HO3'" H  N N 31  
DA  "H2'"  H  N N 32  
DA  "H2''" H  N N 33  
DA  "H1'"  H  N N 34  
DA  H8     H  N N 35  
DA  H61    H  N N 36  
DA  H62    H  N N 37  
DA  H2     H  N N 38  
DC  OP3    O  N N 39  
DC  P      P  N N 40  
DC  OP1    O  N N 41  
DC  OP2    O  N N 42  
DC  "O5'"  O  N N 43  
DC  "C5'"  C  N N 44  
DC  "C4'"  C  N R 45  
DC  "O4'"  O  N N 46  
DC  "C3'"  C  N S 47  
DC  "O3'"  O  N N 48  
DC  "C2'"  C  N N 49  
DC  "C1'"  C  N R 50  
DC  N1     N  N N 51  
DC  C2     C  N N 52  
DC  O2     O  N N 53  
DC  N3     N  N N 54  
DC  C4     C  N N 55  
DC  N4     N  N N 56  
DC  C5     C  N N 57  
DC  C6     C  N N 58  
DC  HOP3   H  N N 59  
DC  HOP2   H  N N 60  
DC  "H5'"  H  N N 61  
DC  "H5''" H  N N 62  
DC  "H4'"  H  N N 63  
DC  "H3'"  H  N N 64  
DC  "HO3'" H  N N 65  
DC  "H2'"  H  N N 66  
DC  "H2''" H  N N 67  
DC  "H1'"  H  N N 68  
DC  H41    H  N N 69  
DC  H42    H  N N 70  
DC  H5     H  N N 71  
DC  H6     H  N N 72  
DG  OP3    O  N N 73  
DG  P      P  N N 74  
DG  OP1    O  N N 75  
DG  OP2    O  N N 76  
DG  "O5'"  O  N N 77  
DG  "C5'"  C  N N 78  
DG  "C4'"  C  N R 79  
DG  "O4'"  O  N N 80  
DG  "C3'"  C  N S 81  
DG  "O3'"  O  N N 82  
DG  "C2'"  C  N N 83  
DG  "C1'"  C  N R 84  
DG  N9     N  Y N 85  
DG  C8     C  Y N 86  
DG  N7     N  Y N 87  
DG  C5     C  Y N 88  
DG  C6     C  N N 89  
DG  O6     O  N N 90  
DG  N1     N  N N 91  
DG  C2     C  N N 92  
DG  N2     N  N N 93  
DG  N3     N  N N 94  
DG  C4     C  Y N 95  
DG  HOP3   H  N N 96  
DG  HOP2   H  N N 97  
DG  "H5'"  H  N N 98  
DG  "H5''" H  N N 99  
DG  "H4'"  H  N N 100 
DG  "H3'"  H  N N 101 
DG  "HO3'" H  N N 102 
DG  "H2'"  H  N N 103 
DG  "H2''" H  N N 104 
DG  "H1'"  H  N N 105 
DG  H8     H  N N 106 
DG  H1     H  N N 107 
DG  H21    H  N N 108 
DG  H22    H  N N 109 
DT  OP3    O  N N 110 
DT  P      P  N N 111 
DT  OP1    O  N N 112 
DT  OP2    O  N N 113 
DT  "O5'"  O  N N 114 
DT  "C5'"  C  N N 115 
DT  "C4'"  C  N R 116 
DT  "O4'"  O  N N 117 
DT  "C3'"  C  N S 118 
DT  "O3'"  O  N N 119 
DT  "C2'"  C  N N 120 
DT  "C1'"  C  N R 121 
DT  N1     N  N N 122 
DT  C2     C  N N 123 
DT  O2     O  N N 124 
DT  N3     N  N N 125 
DT  C4     C  N N 126 
DT  O4     O  N N 127 
DT  C5     C  N N 128 
DT  C7     C  N N 129 
DT  C6     C  N N 130 
DT  HOP3   H  N N 131 
DT  HOP2   H  N N 132 
DT  "H5'"  H  N N 133 
DT  "H5''" H  N N 134 
DT  "H4'"  H  N N 135 
DT  "H3'"  H  N N 136 
DT  "HO3'" H  N N 137 
DT  "H2'"  H  N N 138 
DT  "H2''" H  N N 139 
DT  "H1'"  H  N N 140 
DT  H3     H  N N 141 
DT  H71    H  N N 142 
DT  H72    H  N N 143 
DT  H73    H  N N 144 
DT  H6     H  N N 145 
HOH O      O  N N 146 
HOH H1     H  N N 147 
HOH H2     H  N N 148 
RKM C14    C  Y N 149 
RKM C13    C  Y N 150 
RKM N4     N  Y N 151 
RKM C7     C  Y N 152 
RKM C8     C  Y N 153 
RKM C9     C  Y N 154 
RKM C11    C  Y N 155 
RKM C12    C  Y N 156 
RKM C10    C  Y N 157 
RKM N1     N  Y N 158 
RKM C18    C  Y N 159 
RKM C17    C  Y N 160 
RKM C16    C  Y N 161 
RKM C15    C  Y N 162 
RKM N3     N  Y N 163 
RKM C6     C  Y N 164 
RKM C5     C  Y N 165 
RKM C1     C  Y N 166 
RKM C4     C  Y N 167 
RKM C3     C  Y N 168 
RKM C2     C  Y N 169 
RKM N2     N  Y N 170 
RKM RU     RU N N 171 
RKM N12    N  Y N 172 
RKM C36    C  Y N 173 
RKM C38    C  Y N 174 
RKM N5     N  Y N 175 
RKM C20    C  Y N 176 
RKM C21    C  Y N 177 
RKM N6     N  Y N 178 
RKM C19    C  Y N 179 
RKM C22    C  Y N 180 
RKM C23    C  Y N 181 
RKM C24    C  Y N 182 
RKM C25    C  Y N 183 
RKM N7     N  Y N 184 
RKM C27    C  Y N 185 
RKM C28    C  Y N 186 
RKM C26    C  Y N 187 
RKM N8     N  Y N 188 
RKM N9     N  Y N 189 
RKM C29    C  Y N 190 
RKM C30    C  Y N 191 
RKM C31    C  Y N 192 
RKM N10    N  Y N 193 
RKM C32    C  Y N 194 
RKM C33    C  Y N 195 
RKM C34    C  Y N 196 
RKM C35    C  Y N 197 
RKM N11    N  Y N 198 
RKM C37    C  Y N 199 
RKM C39    C  N N 200 
RKM H14    H  N N 201 
RKM H9     H  N N 202 
RKM H11    H  N N 203 
RKM H12    H  N N 204 
RKM H18    H  N N 205 
RKM H16    H  N N 206 
RKM H4     H  N N 207 
RKM H3     H  N N 208 
RKM H2     H  N N 209 
RKM H38    H  N N 210 
RKM H20    H  N N 211 
RKM H21    H  N N 212 
RKM H23    H  N N 213 
RKM H24    H  N N 214 
RKM H27    H  N N 215 
RKM H28    H  N N 216 
RKM H30    H  N N 217 
RKM H31    H  N N 218 
RKM H33    H  N N 219 
RKM H34    H  N N 220 
RKM H37    H  N N 221 
RKM H391   H  N N 222 
RKM H39    H  N N 223 
RKM H392   H  N N 224 
# 
loop_
_chem_comp_bond.comp_id 
_chem_comp_bond.atom_id_1 
_chem_comp_bond.atom_id_2 
_chem_comp_bond.value_order 
_chem_comp_bond.pdbx_aromatic_flag 
_chem_comp_bond.pdbx_stereo_config 
_chem_comp_bond.pdbx_ordinal 
DA  OP3   P      sing N N 1   
DA  OP3   HOP3   sing N N 2   
DA  P     OP1    doub N N 3   
DA  P     OP2    sing N N 4   
DA  P     "O5'"  sing N N 5   
DA  OP2   HOP2   sing N N 6   
DA  "O5'" "C5'"  sing N N 7   
DA  "C5'" "C4'"  sing N N 8   
DA  "C5'" "H5'"  sing N N 9   
DA  "C5'" "H5''" sing N N 10  
DA  "C4'" "O4'"  sing N N 11  
DA  "C4'" "C3'"  sing N N 12  
DA  "C4'" "H4'"  sing N N 13  
DA  "O4'" "C1'"  sing N N 14  
DA  "C3'" "O3'"  sing N N 15  
DA  "C3'" "C2'"  sing N N 16  
DA  "C3'" "H3'"  sing N N 17  
DA  "O3'" "HO3'" sing N N 18  
DA  "C2'" "C1'"  sing N N 19  
DA  "C2'" "H2'"  sing N N 20  
DA  "C2'" "H2''" sing N N 21  
DA  "C1'" N9     sing N N 22  
DA  "C1'" "H1'"  sing N N 23  
DA  N9    C8     sing Y N 24  
DA  N9    C4     sing Y N 25  
DA  C8    N7     doub Y N 26  
DA  C8    H8     sing N N 27  
DA  N7    C5     sing Y N 28  
DA  C5    C6     sing Y N 29  
DA  C5    C4     doub Y N 30  
DA  C6    N6     sing N N 31  
DA  C6    N1     doub Y N 32  
DA  N6    H61    sing N N 33  
DA  N6    H62    sing N N 34  
DA  N1    C2     sing Y N 35  
DA  C2    N3     doub Y N 36  
DA  C2    H2     sing N N 37  
DA  N3    C4     sing Y N 38  
DC  OP3   P      sing N N 39  
DC  OP3   HOP3   sing N N 40  
DC  P     OP1    doub N N 41  
DC  P     OP2    sing N N 42  
DC  P     "O5'"  sing N N 43  
DC  OP2   HOP2   sing N N 44  
DC  "O5'" "C5'"  sing N N 45  
DC  "C5'" "C4'"  sing N N 46  
DC  "C5'" "H5'"  sing N N 47  
DC  "C5'" "H5''" sing N N 48  
DC  "C4'" "O4'"  sing N N 49  
DC  "C4'" "C3'"  sing N N 50  
DC  "C4'" "H4'"  sing N N 51  
DC  "O4'" "C1'"  sing N N 52  
DC  "C3'" "O3'"  sing N N 53  
DC  "C3'" "C2'"  sing N N 54  
DC  "C3'" "H3'"  sing N N 55  
DC  "O3'" "HO3'" sing N N 56  
DC  "C2'" "C1'"  sing N N 57  
DC  "C2'" "H2'"  sing N N 58  
DC  "C2'" "H2''" sing N N 59  
DC  "C1'" N1     sing N N 60  
DC  "C1'" "H1'"  sing N N 61  
DC  N1    C2     sing N N 62  
DC  N1    C6     sing N N 63  
DC  C2    O2     doub N N 64  
DC  C2    N3     sing N N 65  
DC  N3    C4     doub N N 66  
DC  C4    N4     sing N N 67  
DC  C4    C5     sing N N 68  
DC  N4    H41    sing N N 69  
DC  N4    H42    sing N N 70  
DC  C5    C6     doub N N 71  
DC  C5    H5     sing N N 72  
DC  C6    H6     sing N N 73  
DG  OP3   P      sing N N 74  
DG  OP3   HOP3   sing N N 75  
DG  P     OP1    doub N N 76  
DG  P     OP2    sing N N 77  
DG  P     "O5'"  sing N N 78  
DG  OP2   HOP2   sing N N 79  
DG  "O5'" "C5'"  sing N N 80  
DG  "C5'" "C4'"  sing N N 81  
DG  "C5'" "H5'"  sing N N 82  
DG  "C5'" "H5''" sing N N 83  
DG  "C4'" "O4'"  sing N N 84  
DG  "C4'" "C3'"  sing N N 85  
DG  "C4'" "H4'"  sing N N 86  
DG  "O4'" "C1'"  sing N N 87  
DG  "C3'" "O3'"  sing N N 88  
DG  "C3'" "C2'"  sing N N 89  
DG  "C3'" "H3'"  sing N N 90  
DG  "O3'" "HO3'" sing N N 91  
DG  "C2'" "C1'"  sing N N 92  
DG  "C2'" "H2'"  sing N N 93  
DG  "C2'" "H2''" sing N N 94  
DG  "C1'" N9     sing N N 95  
DG  "C1'" "H1'"  sing N N 96  
DG  N9    C8     sing Y N 97  
DG  N9    C4     sing Y N 98  
DG  C8    N7     doub Y N 99  
DG  C8    H8     sing N N 100 
DG  N7    C5     sing Y N 101 
DG  C5    C6     sing N N 102 
DG  C5    C4     doub Y N 103 
DG  C6    O6     doub N N 104 
DG  C6    N1     sing N N 105 
DG  N1    C2     sing N N 106 
DG  N1    H1     sing N N 107 
DG  C2    N2     sing N N 108 
DG  C2    N3     doub N N 109 
DG  N2    H21    sing N N 110 
DG  N2    H22    sing N N 111 
DG  N3    C4     sing N N 112 
DT  OP3   P      sing N N 113 
DT  OP3   HOP3   sing N N 114 
DT  P     OP1    doub N N 115 
DT  P     OP2    sing N N 116 
DT  P     "O5'"  sing N N 117 
DT  OP2   HOP2   sing N N 118 
DT  "O5'" "C5'"  sing N N 119 
DT  "C5'" "C4'"  sing N N 120 
DT  "C5'" "H5'"  sing N N 121 
DT  "C5'" "H5''" sing N N 122 
DT  "C4'" "O4'"  sing N N 123 
DT  "C4'" "C3'"  sing N N 124 
DT  "C4'" "H4'"  sing N N 125 
DT  "O4'" "C1'"  sing N N 126 
DT  "C3'" "O3'"  sing N N 127 
DT  "C3'" "C2'"  sing N N 128 
DT  "C3'" "H3'"  sing N N 129 
DT  "O3'" "HO3'" sing N N 130 
DT  "C2'" "C1'"  sing N N 131 
DT  "C2'" "H2'"  sing N N 132 
DT  "C2'" "H2''" sing N N 133 
DT  "C1'" N1     sing N N 134 
DT  "C1'" "H1'"  sing N N 135 
DT  N1    C2     sing N N 136 
DT  N1    C6     sing N N 137 
DT  C2    O2     doub N N 138 
DT  C2    N3     sing N N 139 
DT  N3    C4     sing N N 140 
DT  N3    H3     sing N N 141 
DT  C4    O4     doub N N 142 
DT  C4    C5     sing N N 143 
DT  C5    C7     sing N N 144 
DT  C5    C6     doub N N 145 
DT  C7    H71    sing N N 146 
DT  C7    H72    sing N N 147 
DT  C7    H73    sing N N 148 
DT  C6    H6     sing N N 149 
HOH O     H1     sing N N 150 
HOH O     H2     sing N N 151 
RKM C23   C24    doub Y N 152 
RKM C23   C22    sing Y N 153 
RKM C24   C25    sing Y N 154 
RKM N6    C22    sing Y N 155 
RKM N6    C21    doub Y N 156 
RKM C22   C19    doub Y N 157 
RKM C25   N7     sing Y N 158 
RKM C25   C26    doub Y N 159 
RKM N7    C27    doub Y N 160 
RKM C21   C20    sing Y N 161 
RKM C19   C26    sing Y N 162 
RKM C19   N5     sing Y N 163 
RKM C26   N8     sing Y N 164 
RKM C27   C28    sing Y N 165 
RKM C20   N5     doub Y N 166 
RKM N5    RU     sing N N 167 
RKM N8    C28    doub Y N 168 
RKM N8    RU     sing N N 169 
RKM C38   C37    sing Y N 170 
RKM C38   N12    doub Y N 171 
RKM C37   N11    doub Y N 172 
RKM C12   C11    sing Y N 173 
RKM C12   N1     doub Y N 174 
RKM N12   RU     sing N N 175 
RKM N12   C36    sing Y N 176 
RKM RU    N1     sing N N 177 
RKM RU    N2     sing N N 178 
RKM RU    N9     sing N N 179 
RKM N11   C35    sing Y N 180 
RKM C11   C9     doub Y N 181 
RKM N1    C10    sing Y N 182 
RKM C36   C35    doub Y N 183 
RKM C36   C29    sing Y N 184 
RKM C35   C34    sing Y N 185 
RKM C9    C8     sing Y N 186 
RKM C10   C8     doub Y N 187 
RKM C10   C1     sing Y N 188 
RKM N2    C1     sing Y N 189 
RKM N2    C2     doub Y N 190 
RKM C8    C7     sing Y N 191 
RKM C1    C5     doub Y N 192 
RKM C2    C3     sing Y N 193 
RKM N9    C29    sing Y N 194 
RKM N9    C30    doub Y N 195 
RKM C29   C32    doub Y N 196 
RKM C34   C33    doub Y N 197 
RKM C3    C4     doub Y N 198 
RKM C7    N4     sing Y N 199 
RKM C7    C6     doub Y N 200 
RKM C5    C4     sing Y N 201 
RKM C5    C6     sing Y N 202 
RKM C30   C31    sing Y N 203 
RKM N4    C13    doub Y N 204 
RKM C6    N3     sing Y N 205 
RKM C32   C33    sing Y N 206 
RKM C32   N10    sing Y N 207 
RKM C31   N10    doub Y N 208 
RKM C13   C14    sing Y N 209 
RKM C13   C15    sing Y N 210 
RKM N3    C15    doub Y N 211 
RKM C14   C18    doub Y N 212 
RKM C15   C16    sing Y N 213 
RKM C18   C17    sing Y N 214 
RKM C16   C17    doub Y N 215 
RKM C17   C39    sing N N 216 
RKM C14   H14    sing N N 217 
RKM C9    H9     sing N N 218 
RKM C11   H11    sing N N 219 
RKM C12   H12    sing N N 220 
RKM C18   H18    sing N N 221 
RKM C16   H16    sing N N 222 
RKM C4    H4     sing N N 223 
RKM C3    H3     sing N N 224 
RKM C2    H2     sing N N 225 
RKM C38   H38    sing N N 226 
RKM C20   H20    sing N N 227 
RKM C21   H21    sing N N 228 
RKM C23   H23    sing N N 229 
RKM C24   H24    sing N N 230 
RKM C27   H27    sing N N 231 
RKM C28   H28    sing N N 232 
RKM C30   H30    sing N N 233 
RKM C31   H31    sing N N 234 
RKM C33   H33    sing N N 235 
RKM C34   H34    sing N N 236 
RKM C37   H37    sing N N 237 
RKM C39   H391   sing N N 238 
RKM C39   H39    sing N N 239 
RKM C39   H392   sing N N 240 
# 
_ndb_struct_conf_na.entry_id   4X18 
_ndb_struct_conf_na.feature    'b-form double helix' 
# 
loop_
_ndb_struct_na_base_pair.model_number 
_ndb_struct_na_base_pair.i_label_asym_id 
_ndb_struct_na_base_pair.i_label_comp_id 
_ndb_struct_na_base_pair.i_label_seq_id 
_ndb_struct_na_base_pair.i_symmetry 
_ndb_struct_na_base_pair.j_label_asym_id 
_ndb_struct_na_base_pair.j_label_comp_id 
_ndb_struct_na_base_pair.j_label_seq_id 
_ndb_struct_na_base_pair.j_symmetry 
_ndb_struct_na_base_pair.shear 
_ndb_struct_na_base_pair.stretch 
_ndb_struct_na_base_pair.stagger 
_ndb_struct_na_base_pair.buckle 
_ndb_struct_na_base_pair.propeller 
_ndb_struct_na_base_pair.opening 
_ndb_struct_na_base_pair.pair_number 
_ndb_struct_na_base_pair.pair_name 
_ndb_struct_na_base_pair.i_auth_asym_id 
_ndb_struct_na_base_pair.i_auth_seq_id 
_ndb_struct_na_base_pair.i_PDB_ins_code 
_ndb_struct_na_base_pair.j_auth_asym_id 
_ndb_struct_na_base_pair.j_auth_seq_id 
_ndb_struct_na_base_pair.j_PDB_ins_code 
_ndb_struct_na_base_pair.hbond_type_28 
_ndb_struct_na_base_pair.hbond_type_12 
1 A DC 2 1_555 A DG 9 8_664 0.120  -0.097 0.235  -10.926 7.251  1.756  1 A_DC2:DG9_A A 2 ? A 9 ? 19 1 
1 A DG 3 1_555 A DC 8 8_664 -0.223 -0.053 0.106  23.356  -5.094 -0.772 2 A_DG3:DC8_A A 3 ? A 8 ? 19 1 
1 A DG 4 1_555 A DC 7 8_664 -0.195 -0.155 -0.060 -8.993  2.136  -1.963 3 A_DG4:DC7_A A 4 ? A 7 ? 19 1 
1 A DC 5 1_555 A DG 6 8_664 0.240  -0.095 0.228  -1.428  -4.936 -0.316 4 A_DC5:DG6_A A 5 ? A 6 ? 19 1 
1 A DG 6 1_555 A DC 5 8_664 -0.240 -0.095 0.228  1.428   -4.936 -0.316 5 A_DG6:DC5_A A 6 ? A 5 ? 19 1 
1 A DC 7 1_555 A DG 4 8_664 0.195  -0.155 -0.060 8.993   2.136  -1.963 6 A_DC7:DG4_A A 7 ? A 4 ? 19 1 
1 A DC 8 1_555 A DG 3 8_664 0.223  -0.053 0.106  -23.356 -5.094 -0.772 7 A_DC8:DG3_A A 8 ? A 3 ? 19 1 
1 A DG 9 1_555 A DC 2 8_664 -0.120 -0.097 0.235  10.926  7.251  1.756  8 A_DG9:DC2_A A 9 ? A 2 ? 19 1 
# 
loop_
_ndb_struct_na_base_pair_step.model_number 
_ndb_struct_na_base_pair_step.i_label_asym_id_1 
_ndb_struct_na_base_pair_step.i_label_comp_id_1 
_ndb_struct_na_base_pair_step.i_label_seq_id_1 
_ndb_struct_na_base_pair_step.i_symmetry_1 
_ndb_struct_na_base_pair_step.j_label_asym_id_1 
_ndb_struct_na_base_pair_step.j_label_comp_id_1 
_ndb_struct_na_base_pair_step.j_label_seq_id_1 
_ndb_struct_na_base_pair_step.j_symmetry_1 
_ndb_struct_na_base_pair_step.i_label_asym_id_2 
_ndb_struct_na_base_pair_step.i_label_comp_id_2 
_ndb_struct_na_base_pair_step.i_label_seq_id_2 
_ndb_struct_na_base_pair_step.i_symmetry_2 
_ndb_struct_na_base_pair_step.j_label_asym_id_2 
_ndb_struct_na_base_pair_step.j_label_comp_id_2 
_ndb_struct_na_base_pair_step.j_label_seq_id_2 
_ndb_struct_na_base_pair_step.j_symmetry_2 
_ndb_struct_na_base_pair_step.shift 
_ndb_struct_na_base_pair_step.slide 
_ndb_struct_na_base_pair_step.rise 
_ndb_struct_na_base_pair_step.tilt 
_ndb_struct_na_base_pair_step.roll 
_ndb_struct_na_base_pair_step.twist 
_ndb_struct_na_base_pair_step.x_displacement 
_ndb_struct_na_base_pair_step.y_displacement 
_ndb_struct_na_base_pair_step.helical_rise 
_ndb_struct_na_base_pair_step.inclination 
_ndb_struct_na_base_pair_step.tip 
_ndb_struct_na_base_pair_step.helical_twist 
_ndb_struct_na_base_pair_step.step_number 
_ndb_struct_na_base_pair_step.step_name 
_ndb_struct_na_base_pair_step.i_auth_asym_id_1 
_ndb_struct_na_base_pair_step.i_auth_seq_id_1 
_ndb_struct_na_base_pair_step.i_PDB_ins_code_1 
_ndb_struct_na_base_pair_step.j_auth_asym_id_1 
_ndb_struct_na_base_pair_step.j_auth_seq_id_1 
_ndb_struct_na_base_pair_step.j_PDB_ins_code_1 
_ndb_struct_na_base_pair_step.i_auth_asym_id_2 
_ndb_struct_na_base_pair_step.i_auth_seq_id_2 
_ndb_struct_na_base_pair_step.i_PDB_ins_code_2 
_ndb_struct_na_base_pair_step.j_auth_asym_id_2 
_ndb_struct_na_base_pair_step.j_auth_seq_id_2 
_ndb_struct_na_base_pair_step.j_PDB_ins_code_2 
1 A DC 2 1_555 A DG 9 8_664 A DG 3 1_555 A DC 8 8_664 -0.541 1.689 2.620 2.782  3.442  19.680 3.506  2.609  2.769 9.910  -8.010 
20.166 1 AA_DC2DG3:DC8DG9_AA A 2 ? A 9 ? A 3 ? A 8 ? 
1 A DG 3 1_555 A DC 8 8_664 A DG 4 1_555 A DC 7 8_664 -0.112 0.837 5.191 -2.732 50.642 15.224 -5.286 -0.210 2.350 74.276 4.008  
52.806 2 AA_DG3DG4:DC7DC8_AA A 3 ? A 8 ? A 4 ? A 7 ? 
1 A DG 4 1_555 A DC 7 8_664 A DC 5 1_555 A DG 6 8_664 -0.821 0.183 3.172 -2.647 -4.348 39.468 0.760  0.908  3.181 -6.406 3.899  
39.782 3 AA_DG4DC5:DG6DC7_AA A 4 ? A 7 ? A 5 ? A 6 ? 
1 A DC 5 1_555 A DG 6 8_664 A DG 6 1_555 A DC 5 8_664 0.000  0.949 3.574 0.000  27.627 25.695 -2.996 0.000  3.155 47.875 0.000  
37.558 4 AA_DC5DG6:DC5DG6_AA A 5 ? A 6 ? A 6 ? A 5 ? 
1 A DG 6 1_555 A DC 5 8_664 A DC 7 1_555 A DG 4 8_664 0.821  0.183 3.172 2.647  -4.348 39.468 0.760  -0.908 3.181 -6.406 -3.899 
39.782 5 AA_DG6DC7:DG4DC5_AA A 6 ? A 5 ? A 7 ? A 4 ? 
1 A DC 7 1_555 A DG 4 8_664 A DC 8 1_555 A DG 3 8_664 0.112  0.837 5.191 2.732  50.642 15.224 -5.286 0.210  2.350 74.276 -4.008 
52.806 6 AA_DC7DC8:DG3DG4_AA A 7 ? A 4 ? A 8 ? A 3 ? 
1 A DC 8 1_555 A DG 3 8_664 A DG 9 1_555 A DC 2 8_664 0.541  1.689 2.620 -2.782 3.442  19.680 3.506  -2.609 2.769 9.910  8.010  
20.166 7 AA_DC8DG9:DC2DG3_AA A 8 ? A 3 ? A 9 ? A 2 ? 
# 
_pdbx_audit_support.funding_organization   'Biotechnology and Biological Sciences Research Council' 
_pdbx_audit_support.country                'United Kingdom' 
_pdbx_audit_support.grant_number           BB/K019279/1 
_pdbx_audit_support.ordinal                1 
# 
_atom_sites.entry_id                    4X18 
_atom_sites.fract_transf_matrix[1][1]   -0.01887089 
_atom_sites.fract_transf_matrix[1][2]   0.00127434 
_atom_sites.fract_transf_matrix[1][3]   0.01431282 
_atom_sites.fract_transf_matrix[2][1]   0.01011191 
_atom_sites.fract_transf_matrix[2][2]   -0.01560797 
_atom_sites.fract_transf_matrix[2][3]   0.01472180 
_atom_sites.fract_transf_matrix[3][1]   0.01098881 
_atom_sites.fract_transf_matrix[3][2]   0.01917473 
_atom_sites.fract_transf_matrix[3][3]   0.01278110 
_atom_sites.fract_transf_vector[1]      0.220941 
_atom_sites.fract_transf_vector[2]      0.731793 
_atom_sites.fract_transf_vector[3]      -0.235561 
# 
loop_
_atom_type.symbol 
BA 
C  
CL 
H  
N  
O  
P  
RU 
# 
loop_
_atom_site.group_PDB 
_atom_site.id 
_atom_site.type_symbol 
_atom_site.label_atom_id 
_atom_site.label_alt_id 
_atom_site.label_comp_id 
_atom_site.label_asym_id 
_atom_site.label_entity_id 
_atom_site.label_seq_id 
_atom_site.pdbx_PDB_ins_code 
_atom_site.Cartn_x 
_atom_site.Cartn_y 
_atom_site.Cartn_z 
_atom_site.occupancy 
_atom_site.B_iso_or_equiv 
_atom_site.pdbx_formal_charge 
_atom_site.auth_seq_id 
_atom_site.auth_comp_id 
_atom_site.auth_asym_id 
_atom_site.auth_atom_id 
_atom_site.pdbx_PDB_model_num 
ATOM   1   O  "O5'"  . DT  A 1 1  ? -0.952  15.621  6.618   1.00 22.81 ? 1   DT  A "O5'"  1 
ATOM   2   C  "C5'"  . DT  A 1 1  ? -1.793  16.168  5.631   1.00 18.86 ? 1   DT  A "C5'"  1 
ATOM   3   C  "C4'"  . DT  A 1 1  ? -1.242  15.736  4.310   1.00 15.09 ? 1   DT  A "C4'"  1 
ATOM   4   O  "O4'"  . DT  A 1 1  ? 0.119   16.151  4.103   1.00 17.19 ? 1   DT  A "O4'"  1 
ATOM   5   C  "C3'"  . DT  A 1 1  ? -1.237  14.232  4.065   1.00 14.49 ? 1   DT  A "C3'"  1 
ATOM   6   O  "O3'"  . DT  A 1 1  ? -2.535  13.791  3.677   1.00 15.34 ? 1   DT  A "O3'"  1 
ATOM   7   C  "C2'"  . DT  A 1 1  ? -0.184  14.045  2.993   1.00 14.77 ? 1   DT  A "C2'"  1 
ATOM   8   C  "C1'"  . DT  A 1 1  ? 0.774   15.213  3.247   1.00 15.12 ? 1   DT  A "C1'"  1 
ATOM   9   N  N1     . DT  A 1 1  ? 2.061   14.885  3.883   1.00 15.24 ? 1   DT  A N1     1 
ATOM   10  C  C2     . DT  A 1 1  ? 3.163   15.605  3.507   1.00 13.98 ? 1   DT  A C2     1 
ATOM   11  O  O2     . DT  A 1 1  ? 3.142   16.436  2.642   1.00 13.45 ? 1   DT  A O2     1 
ATOM   12  N  N3     . DT  A 1 1  ? 4.312   15.310  4.200   1.00 15.43 ? 1   DT  A N3     1 
ATOM   13  C  C4     . DT  A 1 1  ? 4.472   14.333  5.159   1.00 18.05 ? 1   DT  A C4     1 
ATOM   14  O  O4     . DT  A 1 1  ? 5.573   14.149  5.669   1.00 21.78 ? 1   DT  A O4     1 
ATOM   15  C  C5     . DT  A 1 1  ? 3.276   13.611  5.505   1.00 19.53 ? 1   DT  A C5     1 
ATOM   16  C  C7     . DT  A 1 1  ? 3.371   12.513  6.516   1.00 26.76 ? 1   DT  A C7     1 
ATOM   17  C  C6     . DT  A 1 1  ? 2.147   13.917  4.861   1.00 18.78 ? 1   DT  A C6     1 
ATOM   18  H  "H5'"  . DT  A 1 1  ? -1.802  17.258  5.700   1.00 18.03 ? 1   DT  A "H5'"  1 
ATOM   19  H  "H5''" . DT  A 1 1  ? -2.814  15.799  5.755   1.00 18.03 ? 1   DT  A "H5''" 1 
ATOM   20  H  "H4'"  . DT  A 1 1  ? -0.651  15.298  5.121   1.00 14.10 ? 1   DT  A "H4'"  1 
ATOM   21  H  "H3'"  . DT  A 1 1  ? -0.927  13.690  4.971   1.00 14.10 ? 1   DT  A "H3'"  1 
ATOM   22  H  "H2'"  . DT  A 1 1  ? 0.309   13.076  3.089   1.00 14.10 ? 1   DT  A "H2'"  1 
ATOM   23  H  "H2''" . DT  A 1 1  ? -0.628  14.125  1.998   1.00 14.10 ? 1   DT  A "H2''" 1 
ATOM   24  H  "H1'"  . DT  A 1 1  ? 0.950   15.691  2.273   1.00 14.95 ? 1   DT  A "H1'"  1 
ATOM   25  H  H3     . DT  A 1 1  ? 5.168   15.821  3.912   1.00 14.97 ? 1   DT  A H3     1 
ATOM   26  H  H71    . DT  A 1 1  ? 4.332   12.069  6.476   1.00 24.83 ? 1   DT  A H71    1 
ATOM   27  H  H72    . DT  A 1 1  ? 3.207   12.912  7.484   1.00 24.83 ? 1   DT  A H72    1 
ATOM   28  H  H73    . DT  A 1 1  ? 2.641   11.778  6.308   1.00 24.83 ? 1   DT  A H73    1 
ATOM   29  H  H6     . DT  A 1 1  ? 1.259   13.367  5.128   1.00 14.10 ? 1   DT  A H6     1 
ATOM   30  H  "HO5'" . DT  A 1 1  ? -1.342  15.186  7.408   1.00 14.11 ? 1   DT  A "HO5'" 1 
ATOM   31  P  P      . DC  A 1 2  ? -2.933  12.278  3.500   1.00 15.37 ? 2   DC  A P      1 
ATOM   32  O  OP1    . DC  A 1 2  ? -4.412  12.271  3.424   1.00 17.68 ? 2   DC  A OP1    1 
ATOM   33  O  OP2    . DC  A 1 2  ? -2.246  11.409  4.493   1.00 17.03 ? 2   DC  A OP2    1 
ATOM   34  O  "O5'"  . DC  A 1 2  ? -2.322  11.840  2.112   1.00 14.29 ? 2   DC  A "O5'"  1 
ATOM   35  C  "C5'"  . DC  A 1 2  ? -2.814  12.466  0.906   1.00 13.42 ? 2   DC  A "C5'"  1 
ATOM   36  C  "C4'"  . DC  A 1 2  ? -2.158  11.760  -0.240  1.00 12.51 ? 2   DC  A "C4'"  1 
ATOM   37  O  "O4'"  . DC  A 1 2  ? -0.731  11.870  -0.179  1.00 12.43 ? 2   DC  A "O4'"  1 
ATOM   38  C  "C3'"  . DC  A 1 2  ? -2.433  10.266  -0.330  1.00 11.69 ? 2   DC  A "C3'"  1 
ATOM   39  O  "O3'"  . DC  A 1 2  ? -3.635  10.126  -1.110  1.00 12.60 ? 2   DC  A "O3'"  1 
ATOM   40  C  "C2'"  . DC  A 1 2  ? -1.195  9.677   -0.965  1.00 11.86 ? 2   DC  A "C2'"  1 
ATOM   41  C  "C1'"  . DC  A 1 2  ? -0.091  10.690  -0.699  1.00 11.66 ? 2   DC  A "C1'"  1 
ATOM   42  N  N1     . DC  A 1 2  ? 0.891   10.271  0.312   1.00 11.77 ? 2   DC  A N1     1 
ATOM   43  C  C2     . DC  A 1 2  ? 2.245   10.305  -0.017  1.00 12.10 ? 2   DC  A C2     1 
ATOM   44  O  O2     . DC  A 1 2  ? 2.572   10.594  -1.176  1.00 11.81 ? 2   DC  A O2     1 
ATOM   45  N  N3     . DC  A 1 2  ? 3.168   9.961   0.929   1.00 11.92 ? 2   DC  A N3     1 
ATOM   46  C  C4     . DC  A 1 2  ? 2.767   9.666   2.171   1.00 12.27 ? 2   DC  A C4     1 
ATOM   47  N  N4     . DC  A 1 2  ? 3.691   9.353   3.062   1.00 14.24 ? 2   DC  A N4     1 
ATOM   48  C  C5     . DC  A 1 2  ? 1.389   9.612   2.525   1.00 13.93 ? 2   DC  A C5     1 
ATOM   49  C  C6     . DC  A 1 2  ? 0.491   9.917   1.566   1.00 12.54 ? 2   DC  A C6     1 
ATOM   50  H  "H5'"  . DC  A 1 2  ? -2.559  13.527  0.894   1.00 14.09 ? 2   DC  A "H5'"  1 
ATOM   51  H  "H5''" . DC  A 1 2  ? -3.899  12.365  0.838   1.00 14.09 ? 2   DC  A "H5''" 1 
ATOM   52  H  "H4'"  . DC  A 1 2  ? -2.530  12.219  -1.164  1.00 12.48 ? 2   DC  A "H4'"  1 
ATOM   53  H  "H3'"  . DC  A 1 2  ? -2.570  9.842   0.673   1.00 13.98 ? 2   DC  A "H3'"  1 
ATOM   54  H  "H2'"  . DC  A 1 2  ? -0.958  8.720   -0.503  1.00 12.15 ? 2   DC  A "H2'"  1 
ATOM   55  H  "H2''" . DC  A 1 2  ? -1.341  9.538   -2.037  1.00 12.15 ? 2   DC  A "H2''" 1 
ATOM   56  H  "H1'"  . DC  A 1 2  ? 0.401   10.921  -1.650  1.00 11.67 ? 2   DC  A "H1'"  1 
ATOM   57  H  H41    . DC  A 1 2  ? 4.667   9.353   2.805   1.00 13.99 ? 2   DC  A H41    1 
ATOM   58  H  H42    . DC  A 1 2  ? 3.418   9.086   3.998   1.00 13.99 ? 2   DC  A H42    1 
ATOM   59  H  H5     . DC  A 1 2  ? 1.071   9.357   3.527   1.00 13.99 ? 2   DC  A H5     1 
ATOM   60  H  H6     . DC  A 1 2  ? -0.560  9.942   1.819   1.00 13.98 ? 2   DC  A H6     1 
ATOM   61  P  P      . DG  A 1 3  ? -4.365  8.736   -1.333  1.00 12.41 ? 3   DG  A P      1 
ATOM   62  O  OP1    . DG  A 1 3  ? -5.738  9.085   -1.750  1.00 14.10 ? 3   DG  A OP1    1 
ATOM   63  O  OP2    . DG  A 1 3  ? -4.125  7.852   -0.156  1.00 12.81 ? 3   DG  A OP2    1 
ATOM   64  O  "O5'"  . DG  A 1 3  ? -3.607  8.045   -2.542  1.00 11.52 ? 3   DG  A "O5'"  1 
ATOM   65  C  "C5'"  . DG  A 1 3  ? -3.739  8.572   -3.862  1.00 11.65 ? 3   DG  A "C5'"  1 
ATOM   66  C  "C4'"  . DG  A 1 3  ? -2.687  7.957   -4.745  1.00 10.92 ? 3   DG  A "C4'"  1 
ATOM   67  O  "O4'"  . DG  A 1 3  ? -1.396  8.371   -4.257  1.00 11.02 ? 3   DG  A "O4'"  1 
ATOM   68  C  "C3'"  . DG  A 1 3  ? -2.659  6.442   -4.805  1.00 11.61 ? 3   DG  A "C3'"  1 
ATOM   69  O  "O3'"  . DG  A 1 3  ? -3.486  6.036   -5.885  1.00 13.45 ? 3   DG  A "O3'"  1 
ATOM   70  C  "C2'"  . DG  A 1 3  ? -1.196  6.127   -5.024  1.00 11.17 ? 3   DG  A "C2'"  1 
ATOM   71  C  "C1'"  . DG  A 1 3  ? -0.448  7.292   -4.392  1.00 10.17 ? 3   DG  A "C1'"  1 
ATOM   72  N  N9     . DG  A 1 3  ? 0.093   7.036   -3.059  1.00 9.98  ? 3   DG  A N9     1 
ATOM   73  C  C8     . DG  A 1 3  ? -0.569  6.491   -1.994  1.00 11.33 ? 3   DG  A C8     1 
ATOM   74  N  N7     . DG  A 1 3  ? 0.172   6.416   -0.920  1.00 10.63 ? 3   DG  A N7     1 
ATOM   75  C  C5     . DG  A 1 3  ? 1.378   6.985   -1.293  1.00 9.88  ? 3   DG  A C5     1 
ATOM   76  C  C6     . DG  A 1 3  ? 2.593   7.124   -0.574  1.00 10.43 ? 3   DG  A C6     1 
ATOM   77  O  O6     . DG  A 1 3  ? 2.837   6.807   0.599   1.00 11.02 ? 3   DG  A O6     1 
ATOM   78  N  N1     . DG  A 1 3  ? 3.614   7.652   -1.368  1.00 10.19 ? 3   DG  A N1     1 
ATOM   79  C  C2     . DG  A 1 3  ? 3.480   7.968   -2.702  1.00 9.57  ? 3   DG  A C2     1 
ATOM   80  N  N2     . DG  A 1 3  ? 4.590   8.394   -3.311  1.00 10.06 ? 3   DG  A N2     1 
ATOM   81  N  N3     . DG  A 1 3  ? 2.356   7.861   -3.368  1.00 9.61  ? 3   DG  A N3     1 
ATOM   82  C  C4     . DG  A 1 3  ? 1.348   7.362   -2.613  1.00 9.69  ? 3   DG  A C4     1 
ATOM   83  H  "H5'"  . DG  A 1 3  ? -3.622  9.657   -3.844  1.00 11.53 ? 3   DG  A "H5'"  1 
ATOM   84  H  "H5''" . DG  A 1 3  ? -4.731  8.340   -4.256  1.00 11.53 ? 3   DG  A "H5''" 1 
ATOM   85  H  "H4'"  . DG  A 1 3  ? -2.828  8.341   -5.765  1.00 10.85 ? 3   DG  A "H4'"  1 
ATOM   86  H  "H3'"  . DG  A 1 3  ? -2.994  6.011   -3.851  1.00 11.41 ? 3   DG  A "H3'"  1 
ATOM   87  H  "H2'"  . DG  A 1 3  ? -0.926  5.186   -4.541  1.00 12.16 ? 3   DG  A "H2'"  1 
ATOM   88  H  "H2''" . DG  A 1 3  ? -0.975  6.059   -6.090  1.00 12.16 ? 3   DG  A "H2''" 1 
ATOM   89  H  "H1'"  . DG  A 1 3  ? 0.357   7.595   -5.076  1.00 10.17 ? 3   DG  A "H1'"  1 
ATOM   90  H  H8     . DG  A 1 3  ? -1.621  6.250   -2.023  1.00 11.41 ? 3   DG  A H8     1 
ATOM   91  H  H1     . DG  A 1 3  ? 4.546   7.771   -0.925  1.00 10.00 ? 3   DG  A H1     1 
ATOM   92  H  H21    . DG  A 1 3  ? 5.437   8.547   -2.782  1.00 10.00 ? 3   DG  A H21    1 
ATOM   93  H  H22    . DG  A 1 3  ? 4.542   8.706   -4.270  1.00 10.00 ? 3   DG  A H22    1 
ATOM   94  P  P      . DG  A 1 4  ? -4.313  4.714   -5.901  1.00 15.51 ? 4   DG  A P      1 
ATOM   95  O  OP1    . DG  A 1 4  ? -5.039  4.725   -7.167  1.00 20.09 ? 4   DG  A OP1    1 
ATOM   96  O  OP2    . DG  A 1 4  ? -4.934  4.583   -4.610  1.00 18.85 ? 4   DG  A OP2    1 
ATOM   97  O  "O5'"  . DG  A 1 4  ? -3.251  3.520   -5.904  1.00 13.35 ? 4   DG  A "O5'"  1 
ATOM   98  C  "C5'"  . DG  A 1 4  ? -2.448  3.322   -7.083  1.00 13.33 ? 4   DG  A "C5'"  1 
ATOM   99  C  "C4'"  . DG  A 1 4  ? -1.607  2.104   -6.851  1.00 12.36 ? 4   DG  A "C4'"  1 
ATOM   100 O  "O4'"  . DG  A 1 4  ? -0.701  2.385   -5.792  1.00 12.43 ? 4   DG  A "O4'"  1 
ATOM   101 C  "C3'"  . DG  A 1 4  ? -2.368  0.853   -6.462  1.00 12.82 ? 4   DG  A "C3'"  1 
ATOM   102 O  "O3'"  . DG  A 1 4  ? -1.665  -0.235  -7.020  1.00 15.30 ? 4   DG  A "O3'"  1 
ATOM   103 C  "C2'"  . DG  A 1 4  ? -2.231  0.821   -4.966  1.00 12.87 ? 4   DG  A "C2'"  1 
ATOM   104 C  "C1'"  . DG  A 1 4  ? -0.831  1.389   -4.766  1.00 12.52 ? 4   DG  A "C1'"  1 
ATOM   105 N  N9     . DG  A 1 4  ? -0.567  2.025   -3.485  1.00 11.74 ? 4   DG  A N9     1 
ATOM   106 C  C8     . DG  A 1 4  ? -1.413  2.801   -2.732  1.00 12.71 ? 4   DG  A C8     1 
ATOM   107 N  N7     . DG  A 1 4  ? -0.885  3.219   -1.619  1.00 12.01 ? 4   DG  A N7     1 
ATOM   108 C  C5     . DG  A 1 4  ? 0.400   2.686   -1.644  1.00 10.99 ? 4   DG  A C5     1 
ATOM   109 C  C6     . DG  A 1 4  ? 1.449   2.794   -0.712  1.00 10.80 ? 4   DG  A C6     1 
ATOM   110 O  O6     . DG  A 1 4  ? 1.455   3.438   0.339   1.00 11.04 ? 4   DG  A O6     1 
ATOM   111 N  N1     . DG  A 1 4  ? 2.574   2.069   -1.109  1.00 10.99 ? 4   DG  A N1     1 
ATOM   112 C  C2     . DG  A 1 4  ? 2.688   1.385   -2.283  1.00 11.37 ? 4   DG  A C2     1 
ATOM   113 N  N2     . DG  A 1 4  ? 3.901   0.830   -2.527  1.00 12.26 ? 4   DG  A N2     1 
ATOM   114 N  N3     . DG  A 1 4  ? 1.718   1.279   -3.172  1.00 11.27 ? 4   DG  A N3     1 
ATOM   115 C  C4     . DG  A 1 4  ? 0.602   1.942   -2.786  1.00 11.12 ? 4   DG  A C4     1 
ATOM   116 H  "H5'"  . DG  A 1 4  ? -1.812  4.192   -7.259  1.00 12.17 ? 4   DG  A "H5'"  1 
ATOM   117 H  "H5''" . DG  A 1 4  ? -3.086  3.174   -7.956  1.00 12.17 ? 4   DG  A "H5''" 1 
ATOM   118 H  "H4'"  . DG  A 1 4  ? -1.041  1.900   -7.772  1.00 12.43 ? 4   DG  A "H4'"  1 
ATOM   119 H  "H3'"  . DG  A 1 4  ? -3.419  0.899   -6.779  1.00 12.58 ? 4   DG  A "H3'"  1 
ATOM   120 H  "H2'"  . DG  A 1 4  ? -2.997  1.431   -4.488  1.00 12.18 ? 4   DG  A "H2'"  1 
ATOM   121 H  "H2''" . DG  A 1 4  ? -2.289  -0.197  -4.579  1.00 12.18 ? 4   DG  A "H2''" 1 
ATOM   122 H  "H1'"  . DG  A 1 4  ? -0.106  0.583   -4.943  1.00 12.37 ? 4   DG  A "H1'"  1 
ATOM   123 H  H8     . DG  A 1 4  ? -2.428  3.026   -3.025  1.00 12.18 ? 4   DG  A H8     1 
ATOM   124 H  H1     . DG  A 1 4  ? 3.413   2.139   -0.505  1.00 11.83 ? 4   DG  A H1     1 
ATOM   125 H  H21    . DG  A 1 4  ? 4.644   0.890   -1.851  1.00 11.83 ? 4   DG  A H21    1 
ATOM   126 H  H22    . DG  A 1 4  ? 4.022   0.274   -3.357  1.00 11.83 ? 4   DG  A H22    1 
ATOM   127 P  P      . DC  A 1 5  ? -2.273  -1.707  -7.139  1.00 16.57 ? 5   DC  A P      1 
ATOM   128 O  OP1    . DC  A 1 5  ? -2.691  -1.980  -8.547  1.00 19.73 ? 5   DC  A OP1    1 
ATOM   129 O  OP2    . DC  A 1 5  ? -3.257  -1.943  -6.100  1.00 18.99 ? 5   DC  A OP2    1 
ATOM   130 O  "O5'"  . DC  A 1 5  ? -0.957  -2.582  -6.760  1.00 14.57 ? 5   DC  A "O5'"  1 
ATOM   131 C  "C5'"  . DC  A 1 5  ? 0.195   -2.584  -7.647  1.00 13.15 ? 5   DC  A "C5'"  1 
ATOM   132 C  "C4'"  . DC  A 1 5  ? 1.417   -3.089  -6.919  1.00 13.06 ? 5   DC  A "C4'"  1 
ATOM   133 O  "O4'"  . DC  A 1 5  ? 1.768   -2.169  -5.896  1.00 13.66 ? 5   DC  A "O4'"  1 
ATOM   134 C  "C3'"  . DC  A 1 5  ? 1.334   -4.413  -6.195  1.00 13.57 ? 5   DC  A "C3'"  1 
ATOM   135 O  "O3'"  . DC  A 1 5  ? 1.623   -5.447  -7.143  1.00 12.39 ? 5   DC  A "O3'"  1 
ATOM   136 C  "C2'"  . DC  A 1 5  ? 2.377   -4.280  -5.091  1.00 13.82 ? 5   DC  A "C2'"  1 
ATOM   137 C  "C1'"  . DC  A 1 5  ? 2.354   -2.816  -4.746  1.00 14.08 ? 5   DC  A "C1'"  1 
ATOM   138 N  N1     . DC  A 1 5  ? 1.582   -2.401  -3.580  1.00 13.76 ? 5   DC  A N1     1 
ATOM   139 C  C2     . DC  A 1 5  ? 2.284   -2.137  -2.437  1.00 14.49 ? 5   DC  A C2     1 
ATOM   140 O  O2     . DC  A 1 5  ? 3.500   -2.425  -2.405  1.00 17.08 ? 5   DC  A O2     1 
ATOM   141 N  N3     . DC  A 1 5  ? 1.654   -1.548  -1.391  1.00 12.81 ? 5   DC  A N3     1 
ATOM   142 C  C4     . DC  A 1 5  ? 0.379   -1.203  -1.487  1.00 11.98 ? 5   DC  A C4     1 
ATOM   143 N  N4     . DC  A 1 5  ? -0.150  -0.483  -0.492  1.00 11.59 ? 5   DC  A N4     1 
ATOM   144 C  C5     . DC  A 1 5  ? -0.414  -1.587  -2.607  1.00 12.45 ? 5   DC  A C5     1 
ATOM   145 C  C6     . DC  A 1 5  ? 0.223   -2.199  -3.629  1.00 13.76 ? 5   DC  A C6     1 
ATOM   146 H  "H5'"  . DC  A 1 5  ? 0.382   -1.573  -8.015  1.00 13.02 ? 5   DC  A "H5'"  1 
ATOM   147 H  "H5''" . DC  A 1 5  ? -0.007  -3.224  -8.509  1.00 13.02 ? 5   DC  A "H5''" 1 
ATOM   148 H  "H4'"  . DC  A 1 5  ? 2.235   -3.154  -7.647  1.00 12.81 ? 5   DC  A "H4'"  1 
ATOM   149 H  "H3'"  . DC  A 1 5  ? 0.339   -4.539  -5.750  1.00 12.92 ? 5   DC  A "H3'"  1 
ATOM   150 H  "H2'"  . DC  A 1 5  ? 2.119   -4.892  -4.225  1.00 13.73 ? 5   DC  A "H2'"  1 
ATOM   151 H  "H2''" . DC  A 1 5  ? 3.366   -4.558  -5.455  1.00 13.73 ? 5   DC  A "H2''" 1 
ATOM   152 H  "H1'"  . DC  A 1 5  ? 3.392   -2.480  -4.651  1.00 13.92 ? 5   DC  A "H1'"  1 
ATOM   153 H  H41    . DC  A 1 5  ? 0.376   -0.363  0.360   1.00 12.17 ? 5   DC  A H41    1 
ATOM   154 H  H42    . DC  A 1 5  ? -1.150  -0.342  -0.473  1.00 12.17 ? 5   DC  A H42    1 
ATOM   155 H  H5     . DC  A 1 5  ? -1.442  -1.262  -2.700  1.00 12.17 ? 5   DC  A H5     1 
ATOM   156 H  H6     . DC  A 1 5  ? -0.308  -2.341  -4.557  1.00 12.18 ? 5   DC  A H6     1 
ATOM   157 P  P      . DG  A 1 6  ? 1.124   -6.915  -6.954  1.00 14.79 ? 6   DG  A P      1 
ATOM   158 O  OP1    . DG  A 1 6  ? 1.565   -7.601  -8.139  1.00 19.56 ? 6   DG  A OP1    1 
ATOM   159 O  OP2    . DG  A 1 6  ? -0.284  -6.887  -6.586  1.00 19.16 ? 6   DG  A OP2    1 
ATOM   160 O  "O5'"  . DG  A 1 6  ? 1.837   -7.438  -5.668  1.00 14.09 ? 6   DG  A "O5'"  1 
ATOM   161 C  "C5'"  . DG  A 1 6  ? 3.258   -7.558  -5.663  1.00 14.42 ? 6   DG  A "C5'"  1 
ATOM   162 C  "C4'"  . DG  A 1 6  ? 3.585   -8.337  -4.424  1.00 17.27 ? 6   DG  A "C4'"  1 
ATOM   163 O  "O4'"  . DG  A 1 6  ? 3.302   -7.489  -3.302  1.00 17.88 ? 6   DG  A "O4'"  1 
ATOM   164 C  "C3'"  . DG  A 1 6  ? 2.742   -9.602  -4.245  1.00 17.83 ? 6   DG  A "C3'"  1 
ATOM   165 O  "O3'"  . DG  A 1 6  ? 3.624   -10.566 -3.694  1.00 20.64 ? 6   DG  A "O3'"  1 
ATOM   166 C  "C2'"  . DG  A 1 6  ? 1.663   -9.205  -3.263  1.00 16.54 ? 6   DG  A "C2'"  1 
ATOM   167 C  "C1'"  . DG  A 1 6  ? 2.308   -8.070  -2.453  1.00 15.01 ? 6   DG  A "C1'"  1 
ATOM   168 N  N9     . DG  A 1 6  ? 1.370   -7.012  -2.077  1.00 13.94 ? 6   DG  A N9     1 
ATOM   169 C  C8     . DG  A 1 6  ? 0.324   -6.522  -2.805  1.00 13.35 ? 6   DG  A C8     1 
ATOM   170 N  N7     . DG  A 1 6  ? -0.280  -5.519  -2.208  1.00 11.95 ? 6   DG  A N7     1 
ATOM   171 C  C5     . DG  A 1 6  ? 0.401   -5.346  -1.024  1.00 11.90 ? 6   DG  A C5     1 
ATOM   172 C  C6     . DG  A 1 6  ? 0.165   -4.460  0.076   1.00 11.39 ? 6   DG  A C6     1 
ATOM   173 O  O6     . DG  A 1 6  ? -0.736  -3.632  0.229   1.00 11.17 ? 6   DG  A O6     1 
ATOM   174 N  N1     . DG  A 1 6  ? 1.089   -4.644  1.083   1.00 12.91 ? 6   DG  A N1     1 
ATOM   175 C  C2     . DG  A 1 6  ? 2.091   -5.600  1.072   1.00 14.61 ? 6   DG  A C2     1 
ATOM   176 N  N2     . DG  A 1 6  ? 2.867   -5.646  2.151   1.00 19.02 ? 6   DG  A N2     1 
ATOM   177 N  N3     . DG  A 1 6  ? 2.301   -6.449  0.075   1.00 15.59 ? 6   DG  A N3     1 
ATOM   178 C  C4     . DG  A 1 6  ? 1.413   -6.280  -0.919  1.00 13.32 ? 6   DG  A C4     1 
ATOM   179 H  "H5'"  . DG  A 1 6  ? 3.747   -6.585  -5.643  1.00 13.73 ? 6   DG  A "H5'"  1 
ATOM   180 H  "H5''" . DG  A 1 6  ? 3.599   -8.104  -6.545  1.00 13.73 ? 6   DG  A "H5''" 1 
ATOM   181 H  "H4'"  . DG  A 1 6  ? 4.651   -8.603  -4.440  1.00 16.39 ? 6   DG  A "H4'"  1 
ATOM   182 H  "H3'"  . DG  A 1 6  ? 2.311   -9.934  -5.201  1.00 17.22 ? 6   DG  A "H3'"  1 
ATOM   183 H  "H2'"  . DG  A 1 6  ? 0.772   -8.879  -3.795  1.00 14.10 ? 6   DG  A "H2'"  1 
ATOM   184 H  "H2''" . DG  A 1 6  ? 1.393   -10.034 -2.609  1.00 14.10 ? 6   DG  A "H2''" 1 
ATOM   185 H  "H1'"  . DG  A 1 6  ? 2.782   -8.498  -1.561  1.00 14.92 ? 6   DG  A "H1'"  1 
ATOM   186 H  H8     . DG  A 1 6  ? 0.053   -6.871  -3.790  1.00 14.09 ? 6   DG  A H8     1 
ATOM   187 H  H1     . DG  A 1 6  ? 0.990   -4.050  1.928   1.00 18.13 ? 6   DG  A H1     1 
ATOM   188 H  H21    . DG  A 1 6  ? 2.721   -5.006  2.917   1.00 18.14 ? 6   DG  A H21    1 
ATOM   189 H  H22    . DG  A 1 6  ? 3.630   -6.306  2.192   1.00 18.14 ? 6   DG  A H22    1 
ATOM   190 P  P      . DC  A 1 7  ? 3.226   -12.069 -3.352  1.00 25.26 ? 7   DC  A P      1 
ATOM   191 O  OP1    . DC  A 1 7  ? 4.401   -12.913 -3.521  1.00 38.91 ? 7   DC  A OP1    1 
ATOM   192 O  OP2    . DC  A 1 7  ? 1.920   -12.396 -4.025  1.00 22.37 ? 7   DC  A OP2    1 
ATOM   193 O  "O5'"  . DC  A 1 7  ? 2.808   -12.015 -1.811  1.00 19.65 ? 7   DC  A "O5'"  1 
ATOM   194 C  "C5'"  . DC  A 1 7  ? 3.851   -11.750 -0.855  1.00 18.31 ? 7   DC  A "C5'"  1 
ATOM   195 C  "C4'"  . DC  A 1 7  ? 3.224   -11.497 0.494   1.00 15.83 ? 7   DC  A "C4'"  1 
ATOM   196 O  "O4'"  . DC  A 1 7  ? 2.559   -10.236 0.418   1.00 14.88 ? 7   DC  A "O4'"  1 
ATOM   197 C  "C3'"  . DC  A 1 7  ? 2.109   -12.441 0.919   1.00 14.32 ? 7   DC  A "C3'"  1 
ATOM   198 O  "O3'"  . DC  A 1 7  ? 2.736   -13.586 1.503   1.00 15.32 ? 7   DC  A "O3'"  1 
ATOM   199 C  "C2'"  . DC  A 1 7  ? 1.371   -11.612 1.975   1.00 13.80 ? 7   DC  A "C2'"  1 
ATOM   200 C  "C1'"  . DC  A 1 7  ? 1.651   -10.173 1.538   1.00 14.22 ? 7   DC  A "C1'"  1 
ATOM   201 N  N1     . DC  A 1 7  ? 0.482   -9.402  1.090   1.00 13.10 ? 7   DC  A N1     1 
ATOM   202 C  C2     . DC  A 1 7  ? 0.064   -8.309  1.829   1.00 12.49 ? 7   DC  A C2     1 
ATOM   203 O  O2     . DC  A 1 7  ? 0.623   -8.037  2.886   1.00 13.19 ? 7   DC  A O2     1 
ATOM   204 N  N3     . DC  A 1 7  ? -0.936  -7.544  1.363   1.00 12.19 ? 7   DC  A N3     1 
ATOM   205 C  C4     . DC  A 1 7  ? -1.555  -7.864  0.220   1.00 11.93 ? 7   DC  A C4     1 
ATOM   206 N  N4     . DC  A 1 7  ? -2.558  -7.100  -0.190  1.00 12.58 ? 7   DC  A N4     1 
ATOM   207 C  C5     . DC  A 1 7  ? -1.168  -8.998  -0.552  1.00 12.36 ? 7   DC  A C5     1 
ATOM   208 C  C6     . DC  A 1 7  ? -0.161  -9.740  -0.074  1.00 13.54 ? 7   DC  A C6     1 
ATOM   209 H  "H5'"  . DC  A 1 7  ? 4.430   -10.876 -1.163  1.00 17.03 ? 7   DC  A "H5'"  1 
ATOM   210 H  "H5''" . DC  A 1 7  ? 4.527   -12.606 -0.795  1.00 17.03 ? 7   DC  A "H5''" 1 
ATOM   211 H  "H4'"  . DC  A 1 7  ? 4.005   -11.476 1.267   1.00 15.40 ? 7   DC  A "H4'"  1 
ATOM   212 H  "H3'"  . DC  A 1 7  ? 1.441   -12.690 0.083   1.00 14.24 ? 7   DC  A "H3'"  1 
ATOM   213 H  "H2'"  . DC  A 1 7  ? 0.300   -11.825 1.962   1.00 13.50 ? 7   DC  A "H2'"  1 
ATOM   214 H  "H2''" . DC  A 1 7  ? 1.771   -11.804 2.973   1.00 13.50 ? 7   DC  A "H2''" 1 
ATOM   215 H  "H1'"  . DC  A 1 7  ? 2.161   -9.663  2.363   1.00 14.07 ? 7   DC  A "H1'"  1 
ATOM   216 H  H41    . DC  A 1 7  ? -2.858  -6.313  0.364   1.00 14.09 ? 7   DC  A H41    1 
ATOM   217 H  H42    . DC  A 1 7  ? -3.045  -7.325  -1.047  1.00 14.09 ? 7   DC  A H42    1 
ATOM   218 H  H5     . DC  A 1 7  ? -1.657  -9.241  -1.487  1.00 14.09 ? 7   DC  A H5     1 
ATOM   219 H  H6     . DC  A 1 7  ? 0.204   -10.577 -0.653  1.00 14.09 ? 7   DC  A H6     1 
ATOM   220 P  P      . DC  A 1 8  ? 2.113   -15.048 1.256   1.00 17.26 ? 8   DC  A P      1 
ATOM   221 O  OP1    . DC  A 1 8  ? 3.044   -15.996 1.827   1.00 20.21 ? 8   DC  A OP1    1 
ATOM   222 O  OP2    . DC  A 1 8  ? 1.612   -15.238 -0.137  1.00 21.00 ? 8   DC  A OP2    1 
ATOM   223 O  "O5'"  . DC  A 1 8  ? 0.781   -15.084 2.115   1.00 14.48 ? 8   DC  A "O5'"  1 
ATOM   224 C  "C5'"  . DC  A 1 8  ? 0.819   -15.001 3.520   1.00 13.61 ? 8   DC  A "C5'"  1 
ATOM   225 C  "C4'"  . DC  A 1 8  ? -0.586  -14.993 4.059   1.00 13.22 ? 8   DC  A "C4'"  1 
ATOM   226 O  "O4'"  . DC  A 1 8  ? -1.206  -13.804 3.585   1.00 13.79 ? 8   DC  A "O4'"  1 
ATOM   227 C  "C3'"  . DC  A 1 8  ? -1.502  -16.125 3.575   1.00 14.48 ? 8   DC  A "C3'"  1 
ATOM   228 O  "O3'"  . DC  A 1 8  ? -1.610  -17.032 4.669   1.00 15.90 ? 8   DC  A "O3'"  1 
ATOM   229 C  "C2'"  . DC  A 1 8  ? -2.807  -15.455 3.145   1.00 13.26 ? 8   DC  A "C2'"  1 
ATOM   230 C  "C1'"  . DC  A 1 8  ? -2.632  -14.012 3.545   1.00 12.61 ? 8   DC  A "C1'"  1 
ATOM   231 N  N1     . DC  A 1 8  ? -3.151  -13.027 2.600   1.00 11.81 ? 8   DC  A N1     1 
ATOM   232 C  C2     . DC  A 1 8  ? -4.069  -12.077 2.997   1.00 11.46 ? 8   DC  A C2     1 
ATOM   233 O  O2     . DC  A 1 8  ? -4.537  -12.125 4.143   1.00 11.29 ? 8   DC  A O2     1 
ATOM   234 N  N3     . DC  A 1 8  ? -4.452  -11.120 2.128   1.00 10.98 ? 8   DC  A N3     1 
ATOM   235 C  C4     . DC  A 1 8  ? -3.939  -11.095 0.902   1.00 11.62 ? 8   DC  A C4     1 
ATOM   236 N  N4     . DC  A 1 8  ? -4.339  -10.131 0.081   1.00 12.21 ? 8   DC  A N4     1 
ATOM   237 C  C5     . DC  A 1 8  ? -3.067  -12.116 0.432   1.00 13.17 ? 8   DC  A C5     1 
ATOM   238 C  C6     . DC  A 1 8  ? -2.666  -13.031 1.318   1.00 12.92 ? 8   DC  A C6     1 
ATOM   239 H  "H5'"  . DC  A 1 8  ? 1.337   -14.089 3.823   1.00 13.48 ? 8   DC  A "H5'"  1 
ATOM   240 H  "H5''" . DC  A 1 8  ? 1.365   -15.855 3.927   1.00 13.48 ? 8   DC  A "H5''" 1 
ATOM   241 H  "H4'"  . DC  A 1 8  ? -0.555  -14.993 5.157   1.00 13.31 ? 8   DC  A "H4'"  1 
ATOM   242 H  "H3'"  . DC  A 1 8  ? -1.048  -16.621 2.706   1.00 14.21 ? 8   DC  A "H3'"  1 
ATOM   243 H  "H2'"  . DC  A 1 8  ? -2.963  -15.565 2.071   1.00 12.73 ? 8   DC  A "H2'"  1 
ATOM   244 H  "H2''" . DC  A 1 8  ? -3.652  -15.896 3.674   1.00 12.73 ? 8   DC  A "H2''" 1 
ATOM   245 H  "H1'"  . DC  A 1 8  ? -3.053  -13.871 4.549   1.00 12.82 ? 8   DC  A "H1'"  1 
ATOM   246 H  H41    . DC  A 1 8  ? -5.033  -9.463  0.384   1.00 12.73 ? 8   DC  A H41    1 
ATOM   247 H  H42    . DC  A 1 8  ? -4.010  -10.115 -0.873  1.00 12.73 ? 8   DC  A H42    1 
ATOM   248 H  H5     . DC  A 1 8  ? -2.622  -12.061 -0.553  1.00 12.73 ? 8   DC  A H5     1 
ATOM   249 H  H6     . DC  A 1 8  ? -1.925  -13.764 1.031   1.00 12.73 ? 8   DC  A H6     1 
ATOM   250 P  P      . DG  A 1 9  ? -2.106  -18.523 4.529   1.00 18.76 ? 9   DG  A P      1 
ATOM   251 O  OP1    . DG  A 1 9  ? -1.612  -19.259 5.727   1.00 23.30 ? 9   DG  A OP1    1 
ATOM   252 O  OP2    . DG  A 1 9  ? -1.880  -18.996 3.154   1.00 21.57 ? 9   DG  A OP2    1 
ATOM   253 O  "O5'"  . DG  A 1 9  ? -3.705  -18.404 4.573   1.00 17.41 ? 9   DG  A "O5'"  1 
ATOM   254 C  "C5'"  . DG  A 1 9  ? -4.321  -17.965 5.768   1.00 15.56 ? 9   DG  A "C5'"  1 
ATOM   255 C  "C4'"  . DG  A 1 9  ? -5.766  -17.669 5.520   1.00 17.01 ? 9   DG  A "C4'"  1 
ATOM   256 O  "O4'"  . DG  A 1 9  ? -5.827  -16.560 4.605   1.00 15.72 ? 9   DG  A "O4'"  1 
ATOM   257 C  "C3'"  . DG  A 1 9  ? -6.482  -18.789 4.808   1.00 21.06 ? 9   DG  A "C3'"  1 
ATOM   258 O  "O3'"  . DG  A 1 9  ? -7.775  -18.901 5.352   1.00 28.86 ? 9   DG  A "O3'"  1 
ATOM   259 C  "C2'"  . DG  A 1 9  ? -6.520  -18.389 3.359   1.00 18.29 ? 9   DG  A "C2'"  1 
ATOM   260 C  "C1'"  . DG  A 1 9  ? -6.684  -16.928 3.528   1.00 17.49 ? 9   DG  A "C1'"  1 
ATOM   261 N  N9     . DG  A 1 9  ? -6.364  -16.099 2.388   1.00 14.47 ? 9   DG  A N9     1 
ATOM   262 C  C8     . DG  A 1 9  ? -5.674  -16.417 1.236   1.00 15.40 ? 9   DG  A C8     1 
ATOM   263 N  N7     . DG  A 1 9  ? -5.573  -15.409 0.406   1.00 15.87 ? 9   DG  A N7     1 
ATOM   264 C  C5     . DG  A 1 9  ? -6.286  -14.388 1.027   1.00 13.98 ? 9   DG  A C5     1 
ATOM   265 C  C6     . DG  A 1 9  ? -6.677  -13.121 0.560   1.00 13.56 ? 9   DG  A C6     1 
ATOM   266 O  O6     . DG  A 1 9  ? -6.414  -12.567 -0.500  1.00 14.39 ? 9   DG  A O6     1 
ATOM   267 N  N1     . DG  A 1 9  ? -7.401  -12.425 1.522   1.00 12.26 ? 9   DG  A N1     1 
ATOM   268 C  C2     . DG  A 1 9  ? -7.778  -12.907 2.744   1.00 11.78 ? 9   DG  A C2     1 
ATOM   269 N  N2     . DG  A 1 9  ? -8.468  -12.083 3.520   1.00 12.40 ? 9   DG  A N2     1 
ATOM   270 N  N3     . DG  A 1 9  ? -7.510  -14.119 3.149   1.00 13.41 ? 9   DG  A N3     1 
ATOM   271 C  C4     . DG  A 1 9  ? -6.793  -14.811 2.241   1.00 14.17 ? 9   DG  A C4     1 
ATOM   272 H  "H5'"  . DG  A 1 9  ? -3.822  -17.062 6.121   1.00 15.74 ? 9   DG  A "H5'"  1 
ATOM   273 H  "H5''" . DG  A 1 9  ? -4.226  -18.732 6.538   1.00 15.74 ? 9   DG  A "H5''" 1 
ATOM   274 H  "H4'"  . DG  A 1 9  ? -6.271  -17.430 6.466   1.00 17.08 ? 9   DG  A "H4'"  1 
ATOM   275 H  "H3'"  . DG  A 1 9  ? -5.913  -19.723 4.919   1.00 20.30 ? 9   DG  A "H3'"  1 
ATOM   276 H  "H2'"  . DG  A 1 9  ? -5.591  -18.650 2.856   1.00 17.87 ? 9   DG  A "H2'"  1 
ATOM   277 H  "H2''" . DG  A 1 9  ? -7.372  -18.833 2.840   1.00 17.87 ? 9   DG  A "H2''" 1 
ATOM   278 H  "H1'"  . DG  A 1 9  ? -7.727  -16.740 3.821   1.00 17.63 ? 9   DG  A "H1'"  1 
ATOM   279 H  H8     . DG  A 1 9  ? -5.211  -17.372 1.054   1.00 17.87 ? 9   DG  A H8     1 
ATOM   280 H  H1     . DG  A 1 9  ? -7.654  -11.445 1.294   1.00 12.21 ? 9   DG  A H1     1 
ATOM   281 H  H21    . DG  A 1 9  ? -8.706  -11.154 3.215   1.00 12.21 ? 9   DG  A H21    1 
ATOM   282 H  H22    . DG  A 1 9  ? -8.794  -12.418 4.408   1.00 12.21 ? 9   DG  A H22    1 
ATOM   283 P  P      . DA  A 1 10 ? -8.195  -20.320 5.969   1.00 43.25 ? 10  DA  A P      1 
ATOM   284 O  OP1    . DA  A 1 10 ? -7.809  -21.451 5.066   1.00 87.00 ? 10  DA  A OP1    1 
ATOM   285 O  OP2    . DA  A 1 10 ? -9.544  -20.203 6.370   1.00 41.08 ? 10  DA  A OP2    1 
ATOM   286 O  "O5'"  . DA  A 1 10 ? -7.286  -20.528 7.247   1.00 41.35 ? 10  DA  A "O5'"  1 
ATOM   287 C  "C5'"  . DA  A 1 10 ? -7.655  -19.875 8.428   1.00 30.71 ? 10  DA  A "C5'"  1 
ATOM   288 C  "C4'"  . DA  A 1 10 ? -6.534  -20.118 9.379   1.00 24.24 ? 10  DA  A "C4'"  1 
ATOM   289 O  "O4'"  . DA  A 1 10 ? -5.427  -19.283 8.921   1.00 20.97 ? 10  DA  A "O4'"  1 
ATOM   290 C  "C3'"  . DA  A 1 10 ? -6.878  -19.670 10.794  1.00 25.85 ? 10  DA  A "C3'"  1 
ATOM   291 O  "O3'"  . DA  A 1 10 ? -6.129  -20.521 11.666  1.00 36.67 ? 10  DA  A "O3'"  1 
ATOM   292 C  "C2'"  . DA  A 1 10 ? -6.369  -18.245 10.805  1.00 28.86 ? 10  DA  A "C2'"  1 
ATOM   293 C  "C1'"  . DA  A 1 10 ? -5.117  -18.350 9.941   1.00 20.81 ? 10  DA  A "C1'"  1 
ATOM   294 N  N9     . DA  A 1 10 ? -4.639  -17.126 9.296   1.00 18.01 ? 10  DA  A N9     1 
ATOM   295 C  C8     . DA  A 1 10 ? -5.341  -16.019 8.886   1.00 17.77 ? 10  DA  A C8     1 
ATOM   296 N  N7     . DA  A 1 10 ? -4.588  -15.067 8.384   1.00 16.14 ? 10  DA  A N7     1 
ATOM   297 C  C5     . DA  A 1 10 ? -3.314  -15.617 8.390   1.00 14.22 ? 10  DA  A C5     1 
ATOM   298 C  C6     . DA  A 1 10 ? -2.067  -15.140 7.946   1.00 13.31 ? 10  DA  A C6     1 
ATOM   299 N  N6     . DA  A 1 10 ? -1.876  -13.931 7.416   1.00 12.04 ? 10  DA  A N6     1 
ATOM   300 N  N1     . DA  A 1 10 ? -0.994  -15.936 8.136   1.00 15.07 ? 10  DA  A N1     1 
ATOM   301 C  C2     . DA  A 1 10 ? -1.173  -17.157 8.693   1.00 16.86 ? 10  DA  A C2     1 
ATOM   302 N  N3     . DA  A 1 10 ? -2.291  -17.707 9.132   1.00 17.30 ? 10  DA  A N3     1 
ATOM   303 C  C4     . DA  A 1 10 ? -3.329  -16.876 8.977   1.00 16.42 ? 10  DA  A C4     1 
ATOM   304 H  "H5'"  . DA  A 1 10 ? -8.589  -20.284 8.819   1.00 28.61 ? 10  DA  A "H5'"  1 
ATOM   305 H  "H5''" . DA  A 1 10 ? -7.781  -18.804 8.252   1.00 28.61 ? 10  DA  A "H5''" 1 
ATOM   306 H  "H4'"  . DA  A 1 10 ? -6.257  -21.182 9.370   1.00 23.76 ? 10  DA  A "H4'"  1 
ATOM   307 H  "H3'"  . DA  A 1 10 ? -7.959  -19.715 10.982  1.00 28.61 ? 10  DA  A "H3'"  1 
ATOM   308 H  "HO3'" . DA  A 1 10 ? -6.095  -20.331 12.632  1.00 37.97 ? 10  DA  A "HO3'" 1 
ATOM   309 H  "H2'"  . DA  A 1 10 ? -7.108  -17.566 10.377  1.00 33.36 ? 10  DA  A "H2'"  1 
ATOM   310 H  "H2''" . DA  A 1 10 ? -6.116  -17.928 11.818  1.00 33.36 ? 10  DA  A "H2''" 1 
ATOM   311 H  "H1'"  . DA  A 1 10 ? -4.315  -18.762 10.569  1.00 21.08 ? 10  DA  A "H1'"  1 
ATOM   312 H  H8     . DA  A 1 10 ? -6.404  -15.896 9.053   1.00 33.32 ? 10  DA  A H8     1 
ATOM   313 H  H61    . DA  A 1 10 ? -2.664  -13.317 7.270   1.00 12.00 ? 10  DA  A H61    1 
ATOM   314 H  H62    . DA  A 1 10 ? -0.954  -13.647 7.120   1.00 12.00 ? 10  DA  A H62    1 
ATOM   315 H  H2     . DA  A 1 10 ? -0.277  -17.755 8.813   1.00 16.85 ? 10  DA  A H2     1 
HETATM 316 C  C14    . RKM B 2 .  ? 8.749   12.875  3.813   1.00 17.95 ? 101 RKM A C14    1 
HETATM 317 C  C13    . RKM B 2 .  ? 8.254   13.391  2.635   1.00 15.47 ? 101 RKM A C13    1 
HETATM 318 N  N4     . RKM B 2 .  ? 6.958   13.305  2.355   1.00 14.18 ? 101 RKM A N4     1 
HETATM 319 C  C7     . RKM B 2 .  ? 6.511   13.824  1.181   1.00 12.43 ? 101 RKM A C7     1 
HETATM 320 C  C8     . RKM B 2 .  ? 5.139   13.734  0.839   1.00 11.49 ? 101 RKM A C8     1 
HETATM 321 C  C9     . RKM B 2 .  ? 4.210   13.109  1.676   1.00 12.42 ? 101 RKM A C9     1 
HETATM 322 C  C11    . RKM B 2 .  ? 2.889   13.043  1.261   1.00 11.84 ? 101 RKM A C11    1 
HETATM 323 C  C12    . RKM B 2 .  ? 2.491   13.573  0.059   1.00 11.57 ? 101 RKM A C12    1 
HETATM 324 C  C10    . RKM B 2 .  ? 4.685   14.288  -0.377  1.00 10.70 ? 101 RKM A C10    1 
HETATM 325 N  N1     . RKM B 2 .  ? 3.377   14.139  -0.801  1.00 10.68 ? 101 RKM A N1     1 
HETATM 326 C  C18    . RKM B 2 .  ? 10.090  13.008  4.088   1.00 20.04 ? 101 RKM A C18    1 
HETATM 327 C  C17    . RKM B 2 .  ? 11.002  13.597  3.218   1.00 19.67 ? 101 RKM A C17    1 
HETATM 328 C  C16    . RKM B 2 .  ? 10.558  14.123  2.041   1.00 18.15 ? 101 RKM A C16    1 
HETATM 329 C  C15    . RKM B 2 .  ? 9.197   14.020  1.744   1.00 14.88 ? 101 RKM A C15    1 
HETATM 330 N  N3     . RKM B 2 .  ? 8.734   14.512  0.571   1.00 13.64 ? 101 RKM A N3     1 
HETATM 331 C  C6     . RKM B 2 .  ? 7.435   14.442  0.277   1.00 12.42 ? 101 RKM A C6     1 
HETATM 332 C  C5     . RKM B 2 .  ? 6.948   15.015  -0.974  1.00 11.54 ? 101 RKM A C5     1 
HETATM 333 C  C1     . RKM B 2 .  ? 5.588   14.917  -1.264  1.00 10.66 ? 101 RKM A C1     1 
HETATM 334 C  C4     . RKM B 2 .  ? 7.767   15.664  -1.883  1.00 12.97 ? 101 RKM A C4     1 
HETATM 335 C  C3     . RKM B 2 .  ? 7.216   16.202  -3.046  1.00 12.56 ? 101 RKM A C3     1 
HETATM 336 C  C2     . RKM B 2 .  ? 5.862   16.095  -3.251  1.00 10.86 ? 101 RKM A C2     1 
HETATM 337 N  N2     . RKM B 2 .  ? 5.005   15.511  -2.372  1.00 10.33 ? 101 RKM A N2     1 
HETATM 338 RU RU     . RKM B 2 .  ? 3.007   15.146  -2.543  1.00 10.37 ? 101 RKM A RU     1 
HETATM 339 N  N12    . RKM B 2 .  ? 2.700   16.346  -4.185  1.00 10.22 ? 101 RKM A N12    1 
HETATM 340 C  C36    . RKM B 2 .  ? 2.307   17.628  -3.822  1.00 9.70  ? 101 RKM A C36    1 
HETATM 341 C  C38    . RKM B 2 .  ? 2.824   16.157  -5.475  1.00 10.27 ? 101 RKM A C38    1 
HETATM 342 N  N5     . RKM B 2 .  ? 3.304   13.489  -3.620  1.00 11.57 ? 101 RKM A N5     1 
HETATM 343 C  C20    . RKM B 2 .  ? 4.308   12.936  -4.300  1.00 13.52 ? 101 RKM A C20    1 
HETATM 344 C  C21    . RKM B 2 .  ? 4.231   11.719  -5.006  1.00 14.52 ? 101 RKM A C21    1 
HETATM 345 N  N6     . RKM B 2 .  ? 3.104   11.071  -5.178  1.00 14.53 ? 101 RKM A N6     1 
HETATM 346 C  C19    . RKM B 2 .  ? 2.117   12.827  -3.884  1.00 12.55 ? 101 RKM A C19    1 
HETATM 347 C  C22    . RKM B 2 .  ? 2.007   11.576  -4.596  1.00 13.48 ? 101 RKM A C22    1 
HETATM 348 C  C23    . RKM B 2 .  ? 0.744   10.965  -4.723  1.00 15.01 ? 101 RKM A C23    1 
HETATM 349 C  C24    . RKM B 2 .  ? -0.393  11.512  -4.208  1.00 13.62 ? 101 RKM A C24    1 
HETATM 350 C  C25    . RKM B 2 .  ? -0.298  12.741  -3.532  1.00 12.82 ? 101 RKM A C25    1 
HETATM 351 N  N7     . RKM B 2 .  ? -1.438  13.303  -3.002  1.00 13.67 ? 101 RKM A N7     1 
HETATM 352 C  C27    . RKM B 2 .  ? -1.311  14.437  -2.313  1.00 12.51 ? 101 RKM A C27    1 
HETATM 353 C  C28    . RKM B 2 .  ? -0.040  15.032  -2.123  1.00 11.50 ? 101 RKM A C28    1 
HETATM 354 C  C26    . RKM B 2 .  ? 0.962   13.375  -3.317  1.00 11.88 ? 101 RKM A C26    1 
HETATM 355 N  N8     . RKM B 2 .  ? 1.067   14.584  -2.657  1.00 10.91 ? 101 RKM A N8     1 
HETATM 356 N  N9     . RKM B 2 .  ? 2.568   16.859  -1.562  1.00 9.99  ? 101 RKM A N9     1 
HETATM 357 C  C29    . RKM B 2 .  ? 2.213   17.880  -2.429  1.00 9.45  ? 101 RKM A C29    1 
HETATM 358 C  C30    . RKM B 2 .  ? 2.429   17.145  -0.279  1.00 10.72 ? 101 RKM A C30    1 
HETATM 359 C  C31    . RKM B 2 .  ? 2.053   18.409  0.191   1.00 10.77 ? 101 RKM A C31    1 
HETATM 360 N  N10    . RKM B 2 .  ? 1.725   19.423  -0.613  1.00 10.64 ? 101 RKM A N10    1 
HETATM 361 C  C32    . RKM B 2 .  ? 1.811   19.161  -1.935  1.00 10.18 ? 101 RKM A C32    1 
HETATM 362 C  C33    . RKM B 2 .  ? 1.467   20.146  -2.897  1.00 10.31 ? 101 RKM A C33    1 
HETATM 363 C  C34    . RKM B 2 .  ? 1.555   19.867  -4.243  1.00 10.01 ? 101 RKM A C34    1 
HETATM 364 C  C35    . RKM B 2 .  ? 2.006   18.622  -4.732  1.00 9.68  ? 101 RKM A C35    1 
HETATM 365 N  N11    . RKM B 2 .  ? 2.102   18.371  -6.071  1.00 10.56 ? 101 RKM A N11    1 
HETATM 366 C  C37    . RKM B 2 .  ? 2.505   17.163  -6.402  1.00 10.99 ? 101 RKM A C37    1 
HETATM 367 C  C39    . RKM B 2 .  ? 12.502  13.766  3.538   1.00 28.79 ? 101 RKM A C39    1 
HETATM 368 H  H14    . RKM B 2 .  ? 8.096   12.351  4.500   1.00 26.33 ? 101 RKM A H14    1 
HETATM 369 H  H9     . RKM B 2 .  ? 4.512   12.649  2.609   1.00 14.09 ? 101 RKM A H9     1 
HETATM 370 H  H11    . RKM B 2 .  ? 2.159   12.561  1.897   1.00 14.09 ? 101 RKM A H11    1 
HETATM 371 H  H12    . RKM B 2 .  ? 1.442   13.541  -0.203  1.00 14.09 ? 101 RKM A H12    1 
HETATM 372 H  H18    . RKM B 2 .  ? 10.470  12.559  4.997   1.00 26.34 ? 101 RKM A H18    1 
HETATM 373 H  H16    . RKM B 2 .  ? 11.234  14.645  1.374   1.00 26.79 ? 101 RKM A H16    1 
HETATM 374 H  H4     . RKM B 2 .  ? 8.822   15.796  -1.678  1.00 12.25 ? 101 RKM A H4     1 
HETATM 375 H  H3     . RKM B 2 .  ? 7.842   16.716  -3.765  1.00 12.25 ? 101 RKM A H3     1 
HETATM 376 H  H2     . RKM B 2 .  ? 5.457   16.464  -4.184  1.00 12.25 ? 101 RKM A H2     1 
HETATM 377 H  H38    . RKM B 2 .  ? 3.105   15.177  -5.836  1.00 10.53 ? 101 RKM A H38    1 
HETATM 378 H  H20    . RKM B 2 .  ? 5.293   13.355  -4.140  1.00 13.76 ? 101 RKM A H20    1 
HETATM 379 H  H21    . RKM B 2 .  ? 5.143   11.281  -5.388  1.00 13.77 ? 101 RKM A H21    1 
HETATM 380 H  H23    . RKM B 2 .  ? 0.662   10.068  -5.325  1.00 13.93 ? 101 RKM A H23    1 
HETATM 381 H  H24    . RKM B 2 .  ? -1.354  11.039  -4.359  1.00 13.92 ? 101 RKM A H24    1 
HETATM 382 H  H27    . RKM B 2 .  ? -2.180  14.881  -1.844  1.00 11.93 ? 101 RKM A H27    1 
HETATM 383 H  H28    . RKM B 2 .  ? 0.010   15.962  -1.576  1.00 11.92 ? 101 RKM A H28    1 
HETATM 384 H  H30    . RKM B 2 .  ? 2.665   16.375  0.440   1.00 10.83 ? 101 RKM A H30    1 
HETATM 385 H  H31    . RKM B 2 .  ? 1.967   18.548  1.260   1.00 10.83 ? 101 RKM A H31    1 
HETATM 386 H  H33    . RKM B 2 .  ? 1.180   21.138  -2.571  1.00 9.98  ? 101 RKM A H33    1 
HETATM 387 H  H34    . RKM B 2 .  ? 1.352   20.650  -4.953  1.00 9.98  ? 101 RKM A H34    1 
HETATM 388 H  H37    . RKM B 2 .  ? 2.568   16.917  -7.454  1.00 10.54 ? 101 RKM A H37    1 
HETATM 389 H  H391   . RKM B 2 .  ? 13.056  13.011  3.042   1.00 28.47 ? 101 RKM A H391   1 
HETATM 390 H  H39    . RKM B 2 .  ? 12.650  13.683  4.584   1.00 28.47 ? 101 RKM A H39    1 
HETATM 391 H  H392   . RKM B 2 .  ? 12.828  14.719  3.208   1.00 28.47 ? 101 RKM A H392   1 
HETATM 392 BA BA     . BA  C 3 .  ? -1.024  4.625   1.105   1.00 11.00 ? 102 BA  A BA     1 
HETATM 393 CL CL     . CL  D 4 .  ? 5.344   18.634  -1.124  0.66 16.17 ? 103 CL  A CL     1 
HETATM 394 O  O      . HOH E 5 .  ? 6.136   -12.072 -5.250  1.00 40.88 ? 201 HOH A O      1 
HETATM 395 O  O      . HOH E 5 .  ? 6.897   12.788  7.447   1.00 37.44 ? 202 HOH A O      1 
HETATM 396 O  O      . HOH E 5 .  ? -4.684  3.528   -2.198  1.00 20.83 ? 203 HOH A O      1 
HETATM 397 O  O      . HOH E 5 .  ? -2.748  -6.176  -7.262  1.00 29.23 ? 204 HOH A O      1 
HETATM 398 O  O      . HOH E 5 .  ? -5.244  -13.146 -2.811  1.00 25.89 ? 205 HOH A O      1 
HETATM 399 O  O      . HOH E 5 .  ? -6.242  10.689  2.303   1.00 35.98 ? 206 HOH A O      1 
HETATM 400 O  O      . HOH E 5 .  ? -7.643  -21.571 2.405   1.00 36.46 ? 207 HOH A O      1 
HETATM 401 O  O      . HOH E 5 .  ? -4.333  -1.680  -3.670  1.00 44.83 ? 208 HOH A O      1 
HETATM 402 O  O      . HOH E 5 .  ? -5.819  7.763   1.939   1.00 31.96 ? 209 HOH A O      1 
HETATM 403 O  O      . HOH E 5 .  ? -5.657  14.465  2.463   1.00 33.66 ? 210 HOH A O      1 
HETATM 404 O  O      . HOH E 5 .  ? -2.719  -4.663  -3.069  1.00 20.36 ? 211 HOH A O      1 
HETATM 405 O  O      . HOH E 5 .  ? -1.499  -8.571  -4.821  1.00 35.71 ? 212 HOH A O      1 
HETATM 406 O  O      . HOH E 5 .  ? -2.843  -21.108 7.340   1.00 36.67 ? 213 HOH A O      1 
HETATM 407 O  O      . HOH E 5 .  ? -6.151  -12.920 7.670   1.00 16.49 ? 214 HOH A O      1 
HETATM 408 O  O      . HOH E 5 .  ? -2.017  8.727   3.931   1.00 19.57 ? 215 HOH A O      1 
HETATM 409 O  O      . HOH E 5 .  ? -3.726  -4.582  -5.483  1.00 40.65 ? 216 HOH A O      1 
HETATM 410 O  O      . HOH E 5 .  ? 1.020   5.889   2.460   1.00 12.22 ? 217 HOH A O      1 
HETATM 411 O  O      . HOH E 5 .  ? -5.002  7.127   -8.538  1.00 26.77 ? 218 HOH A O      1 
HETATM 412 O  O      . HOH E 5 .  ? -3.628  -15.574 -1.555  1.00 34.15 ? 219 HOH A O      1 
HETATM 413 O  O      . HOH E 5 .  ? 0.212   11.368  5.771   1.00 23.02 ? 220 HOH A O      1 
HETATM 414 O  O      . HOH E 5 .  ? -3.177  5.269   -0.595  1.00 12.03 ? 221 HOH A O      1 
HETATM 415 O  O      . HOH E 5 .  ? 1.569   16.773  6.943   1.00 31.32 ? 222 HOH A O      1 
HETATM 416 O  O      . HOH E 5 .  ? -2.033  7.195   1.601   1.00 13.17 ? 223 HOH A O      1 
HETATM 417 O  O      . HOH E 5 .  ? -2.023  -20.358 10.025  1.00 28.50 ? 224 HOH A O      1 
HETATM 418 O  O      . HOH E 5 .  ? -7.931  -14.210 5.927   1.00 16.26 ? 225 HOH A O      1 
HETATM 419 O  O      . HOH E 5 .  ? -2.353  -4.568  -9.597  1.00 30.18 ? 226 HOH A O      1 
HETATM 420 O  O      . HOH E 5 .  ? -3.883  -19.109 1.147   1.00 35.09 ? 227 HOH A O      1 
HETATM 421 O  O      . HOH E 5 .  ? 4.889   -7.643  -0.014  1.00 26.81 ? 228 HOH A O      1 
HETATM 422 O  O      . HOH E 5 .  ? -0.984  -14.465 -1.074  1.00 24.29 ? 229 HOH A O      1 
HETATM 423 O  O      . HOH E 5 .  ? -3.834  -7.391  -2.822  1.00 26.84 ? 230 HOH A O      1 
HETATM 424 O  O      . HOH E 5 .  ? 2.398   -9.339  4.836   1.00 19.96 ? 231 HOH A O      1 
HETATM 425 O  O      . HOH E 5 .  ? -10.328 -22.739 7.661   1.00 29.19 ? 232 HOH A O      1 
HETATM 426 O  O      . HOH E 5 .  ? 3.152   -10.068 -8.521  1.00 39.14 ? 233 HOH A O      1 
HETATM 427 O  O      . HOH E 5 .  ? -3.613  -10.840 -2.733  1.00 22.28 ? 234 HOH A O      1 
HETATM 428 O  O      . HOH E 5 .  ? -0.236  2.347   2.562   1.00 14.57 ? 235 HOH A O      1 
HETATM 429 O  O      . HOH E 5 .  ? 2.353   9.144   5.752   1.00 28.98 ? 236 HOH A O      1 
HETATM 430 O  O      . HOH E 5 .  ? -0.608  -12.121 -2.365  1.00 24.09 ? 237 HOH A O      1 
HETATM 431 O  O      . HOH E 5 .  ? -5.433  2.699   -9.434  1.00 42.06 ? 238 HOH A O      1 
HETATM 432 O  O      . HOH E 5 .  ? 4.498   -7.731  3.802   1.00 22.57 ? 239 HOH A O      1 
HETATM 433 O  O      . HOH E 5 .  ? -0.625  12.938  8.226   1.00 46.87 ? 240 HOH A O      1 
HETATM 434 O  O      . HOH E 5 .  ? 1.498   -19.010 6.233   1.00 69.80 ? 241 HOH A O      1 
HETATM 435 O  O      . HOH E 5 .  ? 6.092   -8.597  -2.140  1.00 42.03 ? 242 HOH A O      1 
HETATM 436 O  O      . HOH E 5 .  ? -0.280  15.107  -5.715  1.00 12.64 ? 243 HOH A O      1 
HETATM 437 O  O      . HOH E 5 .  ? -0.592  9.025   -7.478  1.00 16.31 ? 244 HOH A O      1 
HETATM 438 O  O      . HOH E 5 .  ? -2.981  2.693   1.011   1.00 27.95 ? 245 HOH A O      1 
HETATM 439 O  O      . HOH E 5 .  ? -1.934  18.268  8.543   1.00 53.56 ? 246 HOH A O      1 
HETATM 440 O  O      . HOH E 5 .  ? -3.332  0.317   -1.514  1.00 12.55 ? 247 HOH A O      1 
HETATM 441 O  O      . HOH E 5 .  ? 6.481   -6.398  -4.056  1.00 37.86 ? 248 HOH A O      1 
HETATM 442 O  O      . HOH E 5 .  ? 1.661   13.609  -7.154  1.00 14.04 ? 249 HOH A O      1 
HETATM 443 O  O      . HOH E 5 .  ? 7.115   -10.642 -3.062  1.00 37.84 ? 250 HOH A O      1 
HETATM 444 O  O      . HOH E 5 .  ? 5.655   18.575  -5.594  1.00 19.99 ? 251 HOH A O      1 
HETATM 445 O  O      . HOH E 5 .  ? 5.692   -9.393  2.048   1.00 37.81 ? 252 HOH A O      1 
HETATM 446 O  O      . HOH E 5 .  ? 1.140   11.140  -8.270  1.00 15.77 ? 253 HOH A O      1 
HETATM 447 O  O      . HOH E 5 .  ? -4.682  14.207  -1.550  1.00 24.74 ? 254 HOH A O      1 
HETATM 448 O  O      . HOH E 5 .  ? 5.935   -5.492  -0.258  1.00 40.52 ? 255 HOH A O      1 
HETATM 449 O  O      . HOH E 5 .  ? 0.662   3.882   -9.004  1.00 21.26 ? 256 HOH A O      1 
HETATM 450 O  O      . HOH E 5 .  ? 0.037   -5.145  -10.654 1.00 30.50 ? 257 HOH A O      1 
HETATM 451 O  O      . HOH E 5 .  ? -6.013  0.705   -5.005  1.00 55.29 ? 258 HOH A O      1 
HETATM 452 O  O      . HOH E 5 .  ? 5.817   14.836  -6.444  1.00 33.48 ? 259 HOH A O      1 
HETATM 453 O  O      . HOH E 5 .  ? 5.838   -10.029 -7.130  1.00 22.58 ? 260 HOH A O      1 
HETATM 454 O  O      . HOH E 5 .  ? -2.998  1.970   -10.307 1.00 27.75 ? 261 HOH A O      1 
HETATM 455 O  O      . HOH E 5 .  ? 7.415   -8.024  -4.274  1.00 31.56 ? 262 HOH A O      1 
HETATM 456 O  O      . HOH E 5 .  ? 0.209   7.130   4.781   1.00 31.08 ? 263 HOH A O      1 
HETATM 457 O  O      . HOH E 5 .  ? 1.035   6.698   -7.670  1.00 21.66 ? 264 HOH A O      1 
HETATM 458 O  O      . HOH E 5 .  ? -2.249  -8.404  -10.619 1.00 51.16 ? 265 HOH A O      1 
HETATM 459 O  O      . HOH E 5 .  ? -5.806  3.713   1.036   1.00 41.53 ? 266 HOH A O      1 
HETATM 460 O  O      . HOH E 5 .  ? -2.167  -13.258 -6.034  1.00 49.80 ? 267 HOH A O      1 
HETATM 461 O  O      . HOH E 5 .  ? 4.287   9.176   7.688   1.00 44.05 ? 268 HOH A O      1 
HETATM 462 O  O      . HOH E 5 .  ? 8.426   13.778  -5.428  1.00 38.20 ? 269 HOH A O      1 
HETATM 463 O  O      . HOH E 5 .  ? -1.858  4.727   3.786   1.00 20.36 ? 270 HOH A O      1 
HETATM 464 O  O      . HOH E 5 .  ? -11.083 -20.251 11.268  1.00 22.54 ? 271 HOH A O      1 
HETATM 465 O  O      . HOH E 5 .  ? -10.066 -17.416 11.377  1.00 41.22 ? 272 HOH A O      1 
HETATM 466 O  O      . HOH E 5 .  ? 9.661   15.907  -5.550  1.00 36.98 ? 273 HOH A O      1 
HETATM 467 O  O      . HOH E 5 .  ? 8.523   18.404  -5.858  1.00 23.53 ? 274 HOH A O      1 
HETATM 468 O  O      . HOH E 5 .  ? 9.974   18.544  -3.453  1.00 27.66 ? 275 HOH A O      1 
HETATM 469 O  O      . HOH E 5 .  ? 14.511  13.061  0.668   1.00 47.37 ? 276 HOH A O      1 
HETATM 470 O  O      . HOH E 5 .  ? 7.332   -11.013 -9.183  1.00 35.65 ? 277 HOH A O      1 
# 
loop_
_atom_site_anisotrop.id 
_atom_site_anisotrop.type_symbol 
_atom_site_anisotrop.pdbx_label_atom_id 
_atom_site_anisotrop.pdbx_label_alt_id 
_atom_site_anisotrop.pdbx_label_comp_id 
_atom_site_anisotrop.pdbx_label_asym_id 
_atom_site_anisotrop.pdbx_label_seq_id 
_atom_site_anisotrop.pdbx_PDB_ins_code 
_atom_site_anisotrop.U[1][1] 
_atom_site_anisotrop.U[2][2] 
_atom_site_anisotrop.U[3][3] 
_atom_site_anisotrop.U[1][2] 
_atom_site_anisotrop.U[1][3] 
_atom_site_anisotrop.U[2][3] 
_atom_site_anisotrop.pdbx_auth_seq_id 
_atom_site_anisotrop.pdbx_auth_comp_id 
_atom_site_anisotrop.pdbx_auth_asym_id 
_atom_site_anisotrop.pdbx_auth_atom_id 
1   O  "O5'" . DT  A 1  ? 0.4256 0.2495 0.1915 -0.0418 0.0187  -0.0022 1   DT  A "O5'" 
2   C  "C5'" . DT  A 1  ? 0.3093 0.2208 0.1862 0.0082  0.0361  -0.0384 1   DT  A "C5'" 
3   C  "C4'" . DT  A 1  ? 0.2382 0.1591 0.1759 -0.0093 0.0209  -0.0293 1   DT  A "C4'" 
4   O  "O4'" . DT  A 1  ? 0.2419 0.1930 0.2181 -0.0202 0.0459  -0.0267 1   DT  A "O4'" 
5   C  "C3'" . DT  A 1  ? 0.2203 0.1525 0.1777 -0.0154 0.0414  -0.0228 1   DT  A "C3'" 
6   O  "O3'" . DT  A 1  ? 0.2274 0.1786 0.1769 0.0022  0.0478  -0.0132 1   DT  A "O3'" 
7   C  "C2'" . DT  A 1  ? 0.2088 0.1690 0.1835 0.0046  0.0322  -0.0170 1   DT  A "C2'" 
8   C  "C1'" . DT  A 1  ? 0.2215 0.1619 0.1912 -0.0060 0.0420  -0.0310 1   DT  A "C1'" 
9   N  N1    . DT  A 1  ? 0.2321 0.1881 0.1587 -0.0017 0.0152  0.0171  1   DT  A N1    
10  C  C2    . DT  A 1  ? 0.2103 0.1743 0.1465 -0.0141 0.0056  -0.0172 1   DT  A C2    
11  O  O2    . DT  A 1  ? 0.2179 0.1521 0.1408 -0.0128 0.0044  0.0000  1   DT  A O2    
12  N  N3    . DT  A 1  ? 0.2525 0.1876 0.1461 -0.0111 -0.0064 0.0175  1   DT  A N3    
13  C  C4    . DT  A 1  ? 0.2714 0.2290 0.1852 -0.0004 -0.0041 0.0236  1   DT  A C4    
14  O  O4    . DT  A 1  ? 0.3091 0.3060 0.2124 -0.0043 -0.0431 0.0862  1   DT  A O4    
15  C  C5    . DT  A 1  ? 0.2943 0.2528 0.1949 0.0194  0.0057  0.0718  1   DT  A C5    
16  C  C7    . DT  A 1  ? 0.3346 0.3497 0.3324 0.0018  0.0364  0.1664  1   DT  A C7    
17  C  C6    . DT  A 1  ? 0.2697 0.2469 0.1968 -0.0014 0.0238  0.0411  1   DT  A C6    
31  P  P     . DC  A 2  ? 0.2455 0.1659 0.1723 -0.0162 0.0287  -0.0048 2   DC  A P     
32  O  OP1   . DC  A 2  ? 0.2491 0.2198 0.2029 -0.0342 0.0465  -0.0190 2   DC  A OP1   
33  O  OP2   . DC  A 2  ? 0.3054 0.1751 0.1663 -0.0260 0.0142  -0.0024 2   DC  A OP2   
34  O  "O5'" . DC  A 2  ? 0.2479 0.1400 0.1550 0.0077  0.0257  -0.0037 2   DC  A "O5'" 
35  C  "C5'" . DC  A 2  ? 0.2237 0.1222 0.1637 0.0044  0.0211  0.0089  2   DC  A "C5'" 
36  C  "C4'" . DC  A 2  ? 0.1940 0.1157 0.1654 0.0149  0.0183  -0.0056 2   DC  A "C4'" 
37  O  "O4'" . DC  A 2  ? 0.2006 0.1048 0.1668 -0.0033 -0.0004 -0.0083 2   DC  A "O4'" 
38  C  "C3'" . DC  A 2  ? 0.1731 0.1185 0.1524 -0.0066 -0.0025 -0.0141 2   DC  A "C3'" 
39  O  "O3'" . DC  A 2  ? 0.1721 0.1280 0.1787 0.0166  -0.0044 -0.0089 2   DC  A "O3'" 
40  C  "C2'" . DC  A 2  ? 0.1686 0.1177 0.1644 0.0018  -0.0085 0.0039  2   DC  A "C2'" 
41  C  "C1'" . DC  A 2  ? 0.1823 0.1247 0.1360 0.0011  -0.0086 -0.0132 2   DC  A "C1'" 
42  N  N1    . DC  A 2  ? 0.1891 0.1206 0.1374 -0.0026 -0.0110 0.0035  2   DC  A N1    
43  C  C2    . DC  A 2  ? 0.2124 0.0965 0.1510 0.0097  -0.0099 -0.0026 2   DC  A C2    
44  O  O2    . DC  A 2  ? 0.1822 0.1256 0.1409 0.0112  0.0017  0.0134  2   DC  A O2    
45  N  N3    . DC  A 2  ? 0.2014 0.1169 0.1345 0.0019  -0.0141 0.0065  2   DC  A N3    
46  C  C4    . DC  A 2  ? 0.1949 0.1229 0.1483 0.0091  -0.0113 -0.0022 2   DC  A C4    
47  N  N4    . DC  A 2  ? 0.2147 0.1880 0.1384 0.0187  -0.0071 0.0129  2   DC  A N4    
48  C  C5    . DC  A 2  ? 0.1942 0.1822 0.1529 -0.0058 -0.0033 0.0251  2   DC  A C5    
49  C  C6    . DC  A 2  ? 0.1956 0.1293 0.1516 -0.0121 -0.0002 -0.0019 2   DC  A C6    
61  P  P     . DG  A 3  ? 0.1557 0.1287 0.1870 0.0147  0.0052  0.0007  3   DG  A P     
62  O  OP1   . DG  A 3  ? 0.1657 0.1623 0.2077 0.0326  0.0114  -0.0037 3   DG  A OP1   
63  O  OP2   . DG  A 3  ? 0.1515 0.1411 0.1937 0.0077  0.0095  0.0015  3   DG  A OP2   
64  O  "O5'" . DG  A 3  ? 0.1405 0.1252 0.1718 0.0084  -0.0010 0.0049  3   DG  A "O5'" 
65  C  "C5'" . DG  A 3  ? 0.1360 0.1408 0.1656 0.0089  -0.0133 0.0058  3   DG  A "C5'" 
66  C  "C4'" . DG  A 3  ? 0.1418 0.1133 0.1598 0.0006  -0.0188 -0.0189 3   DG  A "C4'" 
67  O  "O4'" . DG  A 3  ? 0.1524 0.1110 0.1550 -0.0038 -0.0149 -0.0047 3   DG  A "O4'" 
68  C  "C3'" . DG  A 3  ? 0.1398 0.1170 0.1843 -0.0142 -0.0065 -0.0185 3   DG  A "C3'" 
69  O  "O3'" . DG  A 3  ? 0.1660 0.1238 0.2211 -0.0029 -0.0550 -0.0348 3   DG  A "O3'" 
70  C  "C2'" . DG  A 3  ? 0.1370 0.1151 0.1724 -0.0150 -0.0028 -0.0317 3   DG  A "C2'" 
71  C  "C1'" . DG  A 3  ? 0.1458 0.1047 0.1355 0.0000  -0.0198 -0.0072 3   DG  A "C1'" 
72  N  N9    . DG  A 3  ? 0.1303 0.1148 0.1339 -0.0049 0.0057  -0.0017 3   DG  A N9    
73  C  C8    . DG  A 3  ? 0.1443 0.1283 0.1579 0.0098  0.0089  0.0090  3   DG  A C8    
74  N  N7    . DG  A 3  ? 0.1435 0.1109 0.1492 0.0013  0.0078  0.0065  3   DG  A N7    
75  C  C5    . DG  A 3  ? 0.1401 0.0974 0.1379 0.0022  0.0093  0.0008  3   DG  A C5    
76  C  C6    . DG  A 3  ? 0.1530 0.1150 0.1282 0.0081  -0.0038 -0.0046 3   DG  A C6    
77  O  O6    . DG  A 3  ? 0.1602 0.1252 0.1332 -0.0021 -0.0082 0.0061  3   DG  A O6    
78  N  N1    . DG  A 3  ? 0.1411 0.1059 0.1401 -0.0069 -0.0041 -0.0056 3   DG  A N1    
79  C  C2    . DG  A 3  ? 0.1333 0.0947 0.1355 -0.0112 -0.0057 -0.0117 3   DG  A C2    
80  N  N2    . DG  A 3  ? 0.1259 0.1257 0.1303 -0.0161 -0.0099 -0.0055 3   DG  A N2    
81  N  N3    . DG  A 3  ? 0.1224 0.1092 0.1334 -0.0121 -0.0068 -0.0085 3   DG  A N3    
82  C  C4    . DG  A 3  ? 0.1344 0.1020 0.1316 -0.0019 -0.0006 -0.0082 3   DG  A C4    
94  P  P     . DG  A 4  ? 0.1683 0.1599 0.2608 -0.0040 -0.0355 -0.0511 4   DG  A P     
95  O  OP1   . DG  A 4  ? 0.2322 0.1881 0.3429 0.0138  -0.1261 -0.0682 4   DG  A OP1   
96  O  OP2   . DG  A 4  ? 0.2280 0.1566 0.3316 -0.0376 0.0449  -0.0699 4   DG  A OP2   
97  O  "O5'" . DG  A 4  ? 0.1738 0.1255 0.2078 -0.0006 -0.0137 -0.0283 4   DG  A "O5'" 
98  C  "C5'" . DG  A 4  ? 0.1931 0.1434 0.1698 0.0032  -0.0111 -0.0170 4   DG  A "C5'" 
99  C  "C4'" . DG  A 4  ? 0.1589 0.1319 0.1786 -0.0273 -0.0080 -0.0272 4   DG  A "C4'" 
100 O  "O4'" . DG  A 4  ? 0.1539 0.1361 0.1821 -0.0228 -0.0102 -0.0103 4   DG  A "O4'" 
101 C  "C3'" . DG  A 4  ? 0.1609 0.1207 0.2056 -0.0145 0.0054  -0.0317 4   DG  A "C3'" 
102 O  "O3'" . DG  A 4  ? 0.1731 0.1282 0.2799 -0.0274 0.0390  -0.0439 4   DG  A "O3'" 
103 C  "C2'" . DG  A 4  ? 0.1498 0.1208 0.2184 -0.0209 0.0053  0.0051  4   DG  A "C2'" 
104 C  "C1'" . DG  A 4  ? 0.1617 0.1161 0.1977 -0.0050 0.0107  -0.0123 4   DG  A "C1'" 
105 N  N9    . DG  A 4  ? 0.1577 0.1166 0.1714 -0.0122 0.0132  -0.0107 4   DG  A N9    
106 C  C8    . DG  A 4  ? 0.1610 0.1282 0.1937 -0.0080 0.0163  -0.0166 4   DG  A C8    
107 N  N7    . DG  A 4  ? 0.1535 0.1124 0.1901 0.0002  0.0211  -0.0045 4   DG  A N7    
108 C  C5    . DG  A 4  ? 0.1499 0.1071 0.1602 -0.0068 0.0217  0.0061  4   DG  A C5    
109 C  C6    . DG  A 4  ? 0.1609 0.1054 0.1437 -0.0026 0.0257  -0.0019 4   DG  A C6    
110 O  O6    . DG  A 4  ? 0.1645 0.1091 0.1458 0.0075  0.0087  0.0018  4   DG  A O6    
111 N  N1    . DG  A 4  ? 0.1439 0.1375 0.1360 0.0138  0.0194  0.0193  4   DG  A N1    
112 C  C2    . DG  A 4  ? 0.1656 0.1324 0.1336 0.0063  0.0268  0.0039  4   DG  A C2    
113 N  N2    . DG  A 4  ? 0.1684 0.1676 0.1295 0.0352  0.0203  -0.0006 4   DG  A N2    
114 N  N3    . DG  A 4  ? 0.1538 0.1232 0.1509 0.0109  0.0184  0.0105  4   DG  A N3    
115 C  C4    . DG  A 4  ? 0.1631 0.1192 0.1401 -0.0080 0.0138  0.0059  4   DG  A C4    
127 P  P     . DC  A 5  ? 0.1960 0.1488 0.2845 -0.0299 0.0320  -0.0548 5   DC  A P     
128 O  OP1   . DC  A 5  ? 0.2312 0.2222 0.2962 -0.0602 -0.0419 -0.0459 5   DC  A OP1   
129 O  OP2   . DC  A 5  ? 0.2011 0.1744 0.3458 -0.0539 0.0906  -0.0578 5   DC  A OP2   
130 O  "O5'" . DC  A 5  ? 0.2200 0.1355 0.1979 -0.0167 0.0407  -0.0091 5   DC  A "O5'" 
131 C  "C5'" . DC  A 5  ? 0.2122 0.1577 0.1298 -0.0182 0.0295  -0.0156 5   DC  A "C5'" 
132 C  "C4'" . DC  A 5  ? 0.1903 0.1284 0.1775 -0.0060 0.0452  -0.0090 5   DC  A "C4'" 
133 O  "O4'" . DC  A 5  ? 0.2401 0.1433 0.1355 -0.0054 0.0330  -0.0080 5   DC  A "O4'" 
134 C  "C3'" . DC  A 5  ? 0.2168 0.1495 0.1491 0.0016  0.0343  -0.0193 5   DC  A "C3'" 
135 O  "O3'" . DC  A 5  ? 0.1785 0.1463 0.1461 0.0040  0.0134  -0.0253 5   DC  A "O3'" 
136 C  "C2'" . DC  A 5  ? 0.2164 0.1618 0.1467 -0.0108 0.0019  -0.0099 5   DC  A "C2'" 
137 C  "C1'" . DC  A 5  ? 0.2257 0.1711 0.1380 -0.0104 0.0156  -0.0238 5   DC  A "C1'" 
138 N  N1    . DC  A 5  ? 0.2481 0.1330 0.1416 -0.0110 0.0243  -0.0101 5   DC  A N1    
139 C  C2    . DC  A 5  ? 0.2362 0.1829 0.1314 0.0297  0.0135  0.0290  5   DC  A C2    
140 O  O2    . DC  A 5  ? 0.2822 0.2103 0.1565 0.0815  -0.0057 -0.0113 5   DC  A O2    
141 N  N3    . DC  A 5  ? 0.2285 0.1275 0.1307 0.0157  0.0184  0.0046  5   DC  A N3    
142 C  C4    . DC  A 5  ? 0.1997 0.1206 0.1349 -0.0188 0.0141  0.0026  5   DC  A C4    
143 N  N4    . DC  A 5  ? 0.1939 0.1187 0.1276 -0.0116 0.0166  -0.0023 5   DC  A N4    
144 C  C5    . DC  A 5  ? 0.1868 0.1410 0.1450 -0.0204 0.0293  -0.0037 5   DC  A C5    
145 C  C6    . DC  A 5  ? 0.2165 0.1786 0.1277 -0.0402 0.0295  0.0113  5   DC  A C6    
157 P  P     . DG  A 6  ? 0.2090 0.1542 0.1988 -0.0333 0.0094  -0.0374 6   DG  A P     
158 O  OP1   . DG  A 6  ? 0.3398 0.1975 0.2059 -0.0484 0.0251  -0.0763 6   DG  A OP1   
159 O  OP2   . DG  A 6  ? 0.2296 0.2165 0.2817 -0.0812 -0.0297 -0.0028 6   DG  A OP2   
160 O  "O5'" . DG  A 6  ? 0.1962 0.1474 0.1916 -0.0029 0.0441  0.0025  6   DG  A "O5'" 
161 C  "C5'" . DG  A 6  ? 0.1780 0.1946 0.1753 0.0279  0.0504  0.0100  6   DG  A "C5'" 
162 C  "C4'" . DG  A 6  ? 0.2285 0.2600 0.1676 0.0440  0.0765  0.0308  6   DG  A "C4'" 
163 O  "O4'" . DG  A 6  ? 0.2048 0.2965 0.1777 0.0039  0.0512  -0.0191 6   DG  A "O4'" 
164 C  "C3'" . DG  A 6  ? 0.2636 0.2185 0.1953 0.0633  0.0881  0.0305  6   DG  A "C3'" 
165 O  "O3'" . DG  A 6  ? 0.3271 0.2379 0.2189 0.0996  0.1174  0.0493  6   DG  A "O3'" 
166 C  "C2'" . DG  A 6  ? 0.2323 0.2141 0.1820 0.0434  0.0636  0.0077  6   DG  A "C2'" 
167 C  "C1'" . DG  A 6  ? 0.1855 0.2294 0.1551 0.0406  0.0406  0.0177  6   DG  A "C1'" 
168 N  N9    . DG  A 6  ? 0.1914 0.1885 0.1497 0.0187  0.0328  0.0136  6   DG  A N9    
169 C  C8    . DG  A 6  ? 0.1761 0.1735 0.1577 -0.0149 0.0252  -0.0016 6   DG  A C8    
170 N  N7    . DG  A 6  ? 0.1656 0.1427 0.1455 -0.0151 0.0144  -0.0048 6   DG  A N7    
171 C  C5    . DG  A 6  ? 0.1479 0.1555 0.1487 -0.0087 0.0252  0.0178  6   DG  A C5    
172 C  C6    . DG  A 6  ? 0.1245 0.1648 0.1433 -0.0133 -0.0002 0.0305  6   DG  A C6    
173 O  O6    . DG  A 6  ? 0.1372 0.1385 0.1486 -0.0104 -0.0090 0.0139  6   DG  A O6    
174 N  N1    . DG  A 6  ? 0.1412 0.2019 0.1471 0.0177  0.0087  0.0201  6   DG  A N1    
175 C  C2    . DG  A 6  ? 0.1593 0.2373 0.1585 0.0224  0.0051  0.0071  6   DG  A C2    
176 N  N2    . DG  A 6  ? 0.1673 0.3942 0.1610 0.0655  -0.0118 -0.0086 6   DG  A N2    
177 N  N3    . DG  A 6  ? 0.1742 0.2685 0.1493 0.0504  0.0117  -0.0179 6   DG  A N3    
178 C  C4    . DG  A 6  ? 0.1578 0.1956 0.1526 0.0164  0.0239  0.0177  6   DG  A C4    
190 P  P     . DC  A 7  ? 0.5025 0.2514 0.2057 0.1391  0.1130  0.0233  7   DC  A P     
191 O  OP1   . DC  A 7  ? 0.7747 0.3824 0.3212 0.3248  0.2742  0.1008  7   DC  A OP1   
192 O  OP2   . DC  A 7  ? 0.4738 0.1559 0.2199 0.0201  0.0827  0.0042  7   DC  A OP2   
193 O  "O5'" . DC  A 7  ? 0.3557 0.2086 0.1821 0.0549  0.1029  0.0113  7   DC  A "O5'" 
194 C  "C5'" . DC  A 7  ? 0.2021 0.2589 0.2348 0.0501  0.0790  0.0227  7   DC  A "C5'" 
195 C  "C4'" . DC  A 7  ? 0.1750 0.2085 0.2177 0.0259  0.0336  0.0234  7   DC  A "C4'" 
196 O  "O4'" . DC  A 7  ? 0.1655 0.1994 0.2002 0.0205  0.0459  0.0291  7   DC  A "O4'" 
197 C  "C3'" . DC  A 7  ? 0.1691 0.2035 0.1712 0.0347  0.0361  0.0219  7   DC  A "C3'" 
198 O  "O3'" . DC  A 7  ? 0.1889 0.2103 0.1830 0.0315  0.0415  0.0108  7   DC  A "O3'" 
199 C  "C2'" . DC  A 7  ? 0.1635 0.1866 0.1739 0.0124  0.0286  0.0137  7   DC  A "C2'" 
200 C  "C1'" . DC  A 7  ? 0.1558 0.2055 0.1789 0.0341  0.0139  0.0084  7   DC  A "C1'" 
201 N  N1    . DC  A 7  ? 0.1639 0.1842 0.1497 0.0177  0.0217  0.0032  7   DC  A N1    
202 C  C2    . DC  A 7  ? 0.1353 0.2060 0.1330 0.0017  0.0128  0.0121  7   DC  A C2    
203 O  O2    . DC  A 7  ? 0.1495 0.2052 0.1463 0.0210  0.0013  -0.0120 7   DC  A O2    
204 N  N3    . DC  A 7  ? 0.1408 0.1861 0.1360 0.0018  0.0201  0.0243  7   DC  A N3    
205 C  C4    . DC  A 7  ? 0.1314 0.1818 0.1400 -0.0140 0.0148  0.0222  7   DC  A C4    
206 N  N4    . DC  A 7  ? 0.1445 0.1934 0.1399 -0.0048 0.0071  0.0251  7   DC  A N4    
207 C  C5    . DC  A 7  ? 0.1436 0.1864 0.1395 -0.0131 0.0131  0.0009  7   DC  A C5    
208 C  C6    . DC  A 7  ? 0.1536 0.2044 0.1564 0.0052  0.0330  0.0081  7   DC  A C6    
220 P  P     . DC  A 8  ? 0.2501 0.2163 0.1891 0.0418  0.0497  -0.0057 8   DC  A P     
221 O  OP1   . DC  A 8  ? 0.2656 0.2200 0.2822 0.0717  0.0733  0.0156  8   DC  A OP1   
222 O  OP2   . DC  A 8  ? 0.3489 0.2522 0.1967 0.0099  0.0638  -0.0337 8   DC  A OP2   
223 O  "O5'" . DC  A 8  ? 0.1983 0.1886 0.1633 0.0226  0.0162  -0.0106 8   DC  A "O5'" 
224 C  "C5'" . DC  A 8  ? 0.1807 0.1746 0.1617 0.0353  0.0026  -0.0006 8   DC  A "C5'" 
225 C  "C4'" . DC  A 8  ? 0.1799 0.1385 0.1838 0.0039  0.0285  -0.0227 8   DC  A "C4'" 
226 O  "O4'" . DC  A 8  ? 0.1599 0.1309 0.2328 0.0089  -0.0082 -0.0287 8   DC  A "O4'" 
227 C  "C3'" . DC  A 8  ? 0.2102 0.1440 0.1957 0.0188  0.0117  -0.0465 8   DC  A "C3'" 
228 O  "O3'" . DC  A 8  ? 0.2132 0.1412 0.2498 0.0218  -0.0026 0.0182  8   DC  A "O3'" 
229 C  "C2'" . DC  A 8  ? 0.1695 0.1465 0.1875 0.0017  -0.0102 -0.0178 8   DC  A "C2'" 
230 C  "C1'" . DC  A 8  ? 0.1506 0.1399 0.1887 -0.0048 0.0041  -0.0218 8   DC  A "C1'" 
231 N  N1    . DC  A 8  ? 0.1515 0.1374 0.1596 -0.0016 0.0074  -0.0291 8   DC  A N1    
232 C  C2    . DC  A 8  ? 0.1293 0.1472 0.1587 -0.0007 0.0044  -0.0183 8   DC  A C2    
233 O  O2    . DC  A 8  ? 0.1418 0.1392 0.1477 0.0032  -0.0003 -0.0123 8   DC  A O2    
234 N  N3    . DC  A 8  ? 0.1319 0.1433 0.1419 -0.0093 0.0094  -0.0036 8   DC  A N3    
235 C  C4    . DC  A 8  ? 0.1476 0.1355 0.1584 -0.0207 0.0198  -0.0314 8   DC  A C4    
236 N  N4    . DC  A 8  ? 0.1519 0.1670 0.1449 -0.0083 0.0131  -0.0063 8   DC  A N4    
237 C  C5    . DC  A 8  ? 0.1722 0.1548 0.1732 0.0046  0.0277  -0.0254 8   DC  A C5    
238 C  C6    . DC  A 8  ? 0.1541 0.1589 0.1779 0.0081  0.0208  -0.0329 8   DC  A C6    
250 P  P     . DG  A 9  ? 0.2515 0.1532 0.3081 0.0270  0.0262  -0.0190 9   DG  A P     
251 O  OP1   . DG  A 9  ? 0.2555 0.2162 0.4133 0.0463  -0.0032 0.1021  9   DG  A OP1   
252 O  OP2   . DG  A 9  ? 0.2981 0.1593 0.3618 0.0026  0.0503  -0.0707 9   DG  A OP2   
253 O  "O5'" . DG  A 9  ? 0.2430 0.1527 0.2657 -0.0147 0.0026  -0.0258 9   DG  A "O5'" 
254 C  "C5'" . DG  A 9  ? 0.2065 0.1603 0.2241 0.0045  0.0056  -0.0021 9   DG  A "C5'" 
255 C  "C4'" . DG  A 9  ? 0.2119 0.2198 0.2144 -0.0289 -0.0144 0.0063  9   DG  A "C4'" 
256 O  "O4'" . DG  A 9  ? 0.1956 0.1929 0.2087 -0.0130 -0.0091 -0.0013 9   DG  A "O4'" 
257 C  "C3'" . DG  A 9  ? 0.2426 0.2491 0.3083 -0.1104 -0.0508 0.0703  9   DG  A "C3'" 
258 O  "O3'" . DG  A 9  ? 0.2993 0.4846 0.3124 -0.2060 -0.0289 0.0869  9   DG  A "O3'" 
259 C  "C2'" . DG  A 9  ? 0.2424 0.1941 0.2583 -0.0704 -0.0350 0.0101  9   DG  A "C2'" 
260 C  "C1'" . DG  A 9  ? 0.2172 0.2247 0.2226 -0.0383 -0.0165 0.0327  9   DG  A "C1'" 
261 N  N9    . DG  A 9  ? 0.1575 0.2006 0.1916 -0.0251 -0.0163 0.0012  9   DG  A N9    
262 C  C8    . DG  A 9  ? 0.1870 0.1903 0.2075 -0.0214 0.0150  -0.0282 9   DG  A C8    
263 N  N7    . DG  A 9  ? 0.1773 0.2162 0.2093 0.0002  0.0266  -0.0203 9   DG  A N7    
264 C  C5    . DG  A 9  ? 0.1604 0.1828 0.1880 -0.0217 -0.0013 -0.0146 9   DG  A C5    
265 C  C6    . DG  A 9  ? 0.1538 0.1680 0.1932 -0.0329 0.0150  -0.0206 9   DG  A C6    
266 O  O6    . DG  A 9  ? 0.1725 0.2061 0.1680 -0.0191 0.0365  -0.0206 9   DG  A O6    
267 N  N1    . DG  A 9  ? 0.1376 0.1805 0.1473 -0.0170 0.0057  -0.0184 9   DG  A N1    
268 C  C2    . DG  A 9  ? 0.1454 0.1704 0.1316 -0.0215 -0.0075 -0.0276 9   DG  A C2    
269 N  N2    . DG  A 9  ? 0.1407 0.1926 0.1379 -0.0235 -0.0023 -0.0079 9   DG  A N2    
270 N  N3    . DG  A 9  ? 0.1423 0.2056 0.1614 -0.0164 -0.0054 -0.0200 9   DG  A N3    
271 C  C4    . DG  A 9  ? 0.1420 0.2019 0.1942 -0.0312 -0.0171 0.0150  9   DG  A C4    
283 P  P     . DA  A 10 ? 0.5418 0.7424 0.3590 -0.4280 -0.0968 0.1352  10  DA  A P     
284 O  OP1   . DA  A 10 ? 1.3488 0.9219 1.0347 -0.5629 -0.1591 -0.3388 10  DA  A OP1   
285 O  OP2   . DA  A 10 ? 0.4520 0.8028 0.3058 -0.1550 -0.0321 0.1012  10  DA  A OP2   
286 O  "O5'" . DA  A 10 ? 0.7007 0.4984 0.3717 -0.4021 -0.1050 0.1279  10  DA  A "O5'" 
287 C  "C5'" . DA  A 10 ? 0.3060 0.5205 0.3402 -0.1860 -0.0460 0.0863  10  DA  A "C5'" 
288 C  "C4'" . DA  A 10 ? 0.3571 0.2660 0.2976 -0.1600 -0.0648 0.0803  10  DA  A "C4'" 
289 O  "O4'" . DA  A 10 ? 0.3052 0.2169 0.2742 -0.0871 -0.0168 -0.0029 10  DA  A "O4'" 
290 C  "C3'" . DA  A 10 ? 0.3437 0.2679 0.3706 -0.1257 -0.0031 -0.0018 10  DA  A "C3'" 
291 O  "O3'" . DA  A 10 ? 0.6056 0.2489 0.5385 -0.0512 0.0619  0.1281  10  DA  A "O3'" 
292 C  "C2'" . DA  A 10 ? 0.5069 0.2169 0.3726 -0.0852 0.1807  -0.0095 10  DA  A "C2'" 
293 C  "C1'" . DA  A 10 ? 0.3143 0.1779 0.2983 -0.0538 0.0033  -0.0126 10  DA  A "C1'" 
294 N  N9    . DA  A 10 ? 0.2511 0.1615 0.2715 -0.0354 0.0343  -0.0030 10  DA  A N9    
295 C  C8    . DA  A 10 ? 0.1919 0.1769 0.3062 -0.0217 0.0165  -0.0040 10  DA  A C8    
296 N  N7    . DA  A 10 ? 0.2070 0.1800 0.2262 -0.0225 0.0022  0.0011  10  DA  A N7    
297 C  C5    . DA  A 10 ? 0.2260 0.1473 0.1669 -0.0199 -0.0017 -0.0210 10  DA  A C5    
298 C  C6    . DA  A 10 ? 0.1946 0.1357 0.1754 -0.0076 -0.0133 -0.0313 10  DA  A C6    
299 N  N6    . DA  A 10 ? 0.1618 0.1351 0.1606 -0.0066 -0.0112 -0.0277 10  DA  A N6    
300 N  N1    . DA  A 10 ? 0.2267 0.1483 0.1973 0.0058  -0.0190 -0.0211 10  DA  A N1    
301 C  C2    . DA  A 10 ? 0.2476 0.1316 0.2614 0.0114  -0.0240 -0.0125 10  DA  A C2    
302 N  N3    . DA  A 10 ? 0.2629 0.1563 0.2379 -0.0034 -0.0281 -0.0037 10  DA  A N3    
303 C  C4    . DA  A 10 ? 0.2435 0.1700 0.2102 -0.0030 -0.0145 -0.0255 10  DA  A C4    
316 C  C14   . RKM B .  ? 0.2407 0.2348 0.2065 0.0188  -0.0818 0.0232  101 RKM A C14   
317 C  C13   . RKM B .  ? 0.2186 0.1904 0.1787 0.0243  -0.0612 -0.0074 101 RKM A C13   
318 N  N4    . RKM B .  ? 0.2184 0.1560 0.1642 0.0096  -0.0437 -0.0055 101 RKM A N4    
319 C  C7    . RKM B .  ? 0.1838 0.1412 0.1472 0.0020  -0.0330 -0.0115 101 RKM A C7    
320 C  C8    . RKM B .  ? 0.1806 0.1210 0.1349 0.0066  -0.0227 -0.0238 101 RKM A C8    
321 C  C9    . RKM B .  ? 0.2057 0.1349 0.1312 0.0125  -0.0274 -0.0166 101 RKM A C9    
322 C  C11   . RKM B .  ? 0.2012 0.1104 0.1382 0.0073  -0.0101 0.0042  101 RKM A C11   
323 C  C12   . RKM B .  ? 0.1776 0.1222 0.1398 0.0028  -0.0004 -0.0020 101 RKM A C12   
324 C  C10   . RKM B .  ? 0.1806 0.1096 0.1164 0.0068  -0.0209 -0.0238 101 RKM A C10   
325 N  N1    . RKM B .  ? 0.1594 0.1031 0.1431 -0.0074 -0.0225 0.0013  101 RKM A N1    
326 C  C18   . RKM B .  ? 0.2684 0.2912 0.2017 0.0321  -0.1180 0.0090  101 RKM A C18   
327 C  C17   . RKM B .  ? 0.2538 0.2787 0.2147 0.0381  -0.0849 -0.0212 101 RKM A C17   
328 C  C16   . RKM B .  ? 0.2240 0.2183 0.2472 0.0412  -0.1134 -0.0238 101 RKM A C16   
329 C  C15   . RKM B .  ? 0.2127 0.1861 0.1665 0.0270  -0.0626 -0.0330 101 RKM A C15   
330 N  N3    . RKM B .  ? 0.1781 0.1522 0.1877 0.0154  -0.0400 -0.0369 101 RKM A N3    
331 C  C6    . RKM B .  ? 0.1643 0.1301 0.1774 0.0057  -0.0383 -0.0306 101 RKM A C6    
332 C  C5    . RKM B .  ? 0.1576 0.1290 0.1515 0.0117  -0.0172 -0.0176 101 RKM A C5    
333 C  C1    . RKM B .  ? 0.1521 0.1128 0.1400 0.0015  -0.0131 -0.0270 101 RKM A C1    
334 C  C4    . RKM B .  ? 0.1610 0.1643 0.1673 0.0033  -0.0120 -0.0166 101 RKM A C4    
335 C  C3    . RKM B .  ? 0.1472 0.1619 0.1681 -0.0024 -0.0071 -0.0003 101 RKM A C3    
336 C  C2    . RKM B .  ? 0.1382 0.1232 0.1509 -0.0068 -0.0055 -0.0189 101 RKM A C2    
337 N  N2    . RKM B .  ? 0.1355 0.1221 0.1348 0.0034  -0.0163 -0.0026 101 RKM A N2    
338 RU RU    . RKM B .  ? 0.1523 0.1139 0.1277 -0.0006 -0.0105 -0.0019 101 RKM A RU    
339 N  N12   . RKM B .  ? 0.1345 0.1083 0.1453 -0.0020 -0.0194 0.0084  101 RKM A N12   
340 C  C36   . RKM B .  ? 0.1135 0.1174 0.1377 -0.0163 0.0025  0.0023  101 RKM A C36   
341 C  C38   . RKM B .  ? 0.1447 0.1296 0.1157 0.0003  -0.0147 -0.0016 101 RKM A C38   
342 N  N5    . RKM B .  ? 0.1821 0.1237 0.1335 0.0099  -0.0126 -0.0019 101 RKM A N5    
343 C  C20   . RKM B .  ? 0.2185 0.1641 0.1308 0.0354  -0.0260 -0.0237 101 RKM A C20   
344 C  C21   . RKM B .  ? 0.2186 0.1628 0.1699 0.0327  -0.0236 -0.0193 101 RKM A C21   
345 N  N6    . RKM B .  ? 0.2283 0.1522 0.1713 0.0242  -0.0379 -0.0116 101 RKM A N6    
346 C  C19   . RKM B .  ? 0.2216 0.1205 0.1344 0.0149  -0.0358 -0.0044 101 RKM A C19   
347 C  C22   . RKM B .  ? 0.2208 0.1335 0.1580 -0.0078 -0.0442 0.0153  101 RKM A C22   
348 C  C23   . RKM B .  ? 0.2620 0.1415 0.1665 -0.0264 -0.0332 0.0267  101 RKM A C23   
349 C  C24   . RKM B .  ? 0.2206 0.1408 0.1561 -0.0364 -0.0474 0.0355  101 RKM A C24   
350 C  C25   . RKM B .  ? 0.2100 0.1350 0.1420 -0.0202 -0.0215 0.0235  101 RKM A C25   
351 N  N7    . RKM B .  ? 0.1906 0.1702 0.1584 -0.0287 -0.0155 0.0332  101 RKM A N7    
352 C  C27   . RKM B .  ? 0.1827 0.1388 0.1538 -0.0089 -0.0093 0.0335  101 RKM A C27   
353 C  C28   . RKM B .  ? 0.1543 0.1350 0.1474 -0.0222 -0.0094 0.0206  101 RKM A C28   
354 C  C26   . RKM B .  ? 0.1717 0.1355 0.1441 -0.0263 -0.0361 0.0262  101 RKM A C26   
355 N  N8    . RKM B .  ? 0.1723 0.1139 0.1280 -0.0057 -0.0184 0.0070  101 RKM A N8    
356 N  N9    . RKM B .  ? 0.1511 0.1059 0.1223 -0.0047 -0.0020 0.0047  101 RKM A N9    
357 C  C29   . RKM B .  ? 0.1089 0.1161 0.1341 -0.0234 -0.0025 -0.0159 101 RKM A C29   
358 C  C30   . RKM B .  ? 0.1403 0.1282 0.1386 -0.0004 -0.0044 -0.0040 101 RKM A C30   
359 C  C31   . RKM B .  ? 0.1363 0.1209 0.1517 -0.0083 0.0068  -0.0020 101 RKM A C31   
360 N  N10   . RKM B .  ? 0.1373 0.1260 0.1407 -0.0027 0.0199  -0.0124 101 RKM A N10   
361 C  C32   . RKM B .  ? 0.1218 0.1090 0.1558 -0.0087 0.0084  -0.0067 101 RKM A C32   
362 C  C33   . RKM B .  ? 0.1280 0.1054 0.1583 -0.0042 0.0061  -0.0033 101 RKM A C33   
363 C  C34   . RKM B .  ? 0.1157 0.1152 0.1493 -0.0174 -0.0075 -0.0003 101 RKM A C34   
364 C  C35   . RKM B .  ? 0.1118 0.1250 0.1307 -0.0152 -0.0096 -0.0017 101 RKM A C35   
365 N  N11   . RKM B .  ? 0.1176 0.1380 0.1457 -0.0147 -0.0058 0.0043  101 RKM A N11   
366 C  C37   . RKM B .  ? 0.1250 0.1511 0.1413 -0.0030 -0.0079 0.0015  101 RKM A C37   
367 C  C39   . RKM B .  ? 0.3529 0.3805 0.3604 0.0296  -0.1760 -0.0482 101 RKM A C39   
392 BA BA    . BA  C .  ? 0.1533 0.1138 0.1506 -0.0003 0.0191  0.0041  102 BA  A BA    
393 CL CL    . CL  D .  ? 0.2270 0.1916 0.1957 0.0004  0.0094  -0.0014 103 CL  A CL    
394 O  O     . HOH E .  ? 0.4732 0.5209 0.5591 0.1691  0.1719  0.2366  201 HOH A O     
395 O  O     . HOH E .  ? 0.4996 0.5493 0.3737 0.0422  -0.1065 0.2456  202 HOH A O     
396 O  O     . HOH E .  ? 0.1779 0.2834 0.3300 -0.0505 0.0021  -0.0953 203 HOH A O     
397 O  O     . HOH E .  ? 0.3259 0.3151 0.4695 -0.0325 -0.0280 0.0408  204 HOH A O     
398 O  O     . HOH E .  ? 0.3583 0.3650 0.2602 -0.0255 0.1218  -0.0394 205 HOH A O     
399 O  O     . HOH E .  ? 0.2681 0.6660 0.4330 0.0516  -0.0065 -0.2609 206 HOH A O     
400 O  O     . HOH E .  ? 0.4855 0.3835 0.5160 -0.0262 -0.1121 -0.0657 207 HOH A O     
401 O  O     . HOH E .  ? 0.5824 0.8134 0.3075 -0.3835 -0.0127 -0.0104 208 HOH A O     
402 O  O     . HOH E .  ? 0.2585 0.6748 0.2808 0.0099  0.0779  0.0872  209 HOH A O     
403 O  O     . HOH E .  ? 0.4477 0.4489 0.3821 0.1280  0.1107  0.0831  210 HOH A O     
404 O  O     . HOH E .  ? 0.2187 0.2800 0.2746 0.0216  -0.0537 -0.0598 211 HOH A O     
405 O  O     . HOH E .  ? 0.3529 0.4885 0.5152 -0.0646 0.1544  -0.0113 212 HOH A O     
406 O  O     . HOH E .  ? 0.8129 0.2193 0.3610 -0.0286 0.0848  0.0339  213 HOH A O     
407 O  O     . HOH E .  ? 0.1757 0.2243 0.2263 -0.0203 0.0031  -0.0170 214 HOH A O     
408 O  O     . HOH E .  ? 0.3542 0.2125 0.1767 0.0140  0.0378  -0.0304 215 HOH A O     
409 O  O     . HOH E .  ? 0.5700 0.4020 0.5723 -0.0070 0.1604  0.2182  216 HOH A O     
410 O  O     . HOH E .  ? 0.1702 0.1491 0.1447 -0.0167 0.0015  -0.0147 217 HOH A O     
411 O  O     . HOH E .  ? 0.4291 0.2691 0.3185 0.0416  -0.0418 -0.0240 218 HOH A O     
412 O  O     . HOH E .  ? 0.5786 0.2985 0.4203 -0.0104 0.2977  -0.0670 219 HOH A O     
413 O  O     . HOH E .  ? 0.3698 0.2373 0.2674 -0.0411 0.0011  0.0583  220 HOH A O     
414 O  O     . HOH E .  ? 0.1454 0.1247 0.1867 -0.0110 0.0024  0.0000  221 HOH A O     
415 O  O     . HOH E .  ? 0.4267 0.3498 0.4133 -0.1051 -0.0961 0.1216  222 HOH A O     
416 O  O     . HOH E .  ? 0.1811 0.1453 0.1738 0.0130  0.0166  0.0052  223 HOH A O     
417 O  O     . HOH E .  ? 0.5005 0.1586 0.4237 -0.0250 -0.0685 0.0324  224 HOH A O     
418 O  O     . HOH E .  ? 0.2072 0.2175 0.1930 -0.0004 0.0094  0.0148  225 HOH A O     
419 O  O     . HOH E .  ? 0.4705 0.2499 0.4262 -0.0897 0.0597  -0.0849 226 HOH A O     
420 O  O     . HOH E .  ? 0.6033 0.3399 0.3898 0.2265  0.0957  0.0211  227 HOH A O     
421 O  O     . HOH E .  ? 0.2299 0.5624 0.2261 0.1300  0.0123  -0.0488 228 HOH A O     
422 O  O     . HOH E .  ? 0.3489 0.3260 0.2479 0.0172  0.0369  0.0117  229 HOH A O     
423 O  O     . HOH E .  ? 0.2987 0.5228 0.1983 -0.1229 -0.0759 0.0793  230 HOH A O     
424 O  O     . HOH E .  ? 0.2729 0.2872 0.1980 0.0479  -0.0006 -0.0669 231 HOH A O     
425 O  O     . HOH E .  ? 0.2871 0.3565 0.4656 -0.1002 -0.0400 0.0504  232 HOH A O     
426 O  O     . HOH E .  ? 0.7202 0.3593 0.4073 0.1668  -0.1303 -0.0951 233 HOH A O     
427 O  O     . HOH E .  ? 0.3497 0.3076 0.1891 -0.0668 0.0494  -0.0384 234 HOH A O     
428 O  O     . HOH E .  ? 0.2056 0.1586 0.1893 0.0362  0.0484  0.0505  235 HOH A O     
429 O  O     . HOH E .  ? 0.5126 0.3912 0.1970 -0.0253 -0.0137 0.0156  236 HOH A O     
430 O  O     . HOH E .  ? 0.4072 0.2761 0.2318 -0.0018 0.0259  -0.0508 237 HOH A O     
431 O  O     . HOH E .  ? 0.5466 0.4318 0.6195 -0.0561 -0.1133 -0.0340 238 HOH A O     
432 O  O     . HOH E .  ? 0.2813 0.3529 0.2231 0.0687  -0.0398 0.0421  239 HOH A O     
433 O  O     . HOH E .  ? 0.9206 0.5903 0.2698 -0.2911 -0.0150 -0.0128 240 HOH A O     
434 O  O     . HOH E .  ? 1.0857 0.9946 0.5715 0.6131  -0.4911 -0.2303 241 HOH A O     
435 O  O     . HOH E .  ? 0.6822 0.5410 0.3736 0.2608  0.0336  -0.0032 242 HOH A O     
436 O  O     . HOH E .  ? 0.1765 0.1467 0.1570 0.0059  -0.0002 0.0206  243 HOH A O     
437 O  O     . HOH E .  ? 0.2320 0.2203 0.1672 -0.0003 0.0138  0.0156  244 HOH A O     
438 O  O     . HOH E .  ? 0.4016 0.3441 0.3159 -0.2229 -0.1307 0.1819  245 HOH A O     
439 O  O     . HOH E .  ? 0.9303 0.6498 0.4550 -0.1102 0.0421  -0.1163 246 HOH A O     
440 O  O     . HOH E .  ? 0.1624 0.1234 0.1909 -0.0403 0.0623  -0.0113 247 HOH A O     
441 O  O     . HOH E .  ? 0.7293 0.4915 0.2174 -0.1991 -0.0080 0.0142  248 HOH A O     
442 O  O     . HOH E .  ? 0.1901 0.1684 0.1747 0.0157  -0.0191 -0.0064 249 HOH A O     
443 O  O     . HOH E .  ? 0.5079 0.4673 0.4625 0.1547  0.0992  0.0245  250 HOH A O     
444 O  O     . HOH E .  ? 0.3277 0.2367 0.1952 0.0904  0.0088  0.0226  251 HOH A O     
445 O  O     . HOH E .  ? 0.3230 0.6193 0.4942 -0.0548 -0.0882 0.2074  252 HOH A O     
446 O  O     . HOH E .  ? 0.1874 0.1954 0.2162 0.0099  -0.0089 -0.0341 253 HOH A O     
447 O  O     . HOH E .  ? 0.4029 0.2741 0.2626 -0.0125 0.0026  0.0393  254 HOH A O     
448 O  O     . HOH E .  ? 0.5491 0.4250 0.5651 0.1126  0.2291  0.0772  255 HOH A O     
449 O  O     . HOH E .  ? 0.2667 0.2828 0.2581 0.0024  -0.0362 0.0192  256 HOH A O     
450 O  O     . HOH E .  ? 0.4846 0.3717 0.3025 -0.1659 0.1038  -0.1065 257 HOH A O     
451 O  O     . HOH E .  ? 0.5106 0.8877 0.7024 -0.3021 0.0577  0.2185  258 HOH A O     
452 O  O     . HOH E .  ? 0.2739 0.7626 0.2353 0.0412  0.0133  -0.0381 259 HOH A O     
453 O  O     . HOH E .  ? 0.3442 0.2427 0.2707 0.0097  0.0488  0.0188  260 HOH A O     
454 O  O     . HOH E .  ? 0.4701 0.3474 0.2366 -0.0075 -0.0295 -0.0552 261 HOH A O     
455 O  O     . HOH E .  ? 0.3983 0.3540 0.4466 0.0879  0.0259  -0.0191 262 HOH A O     
456 O  O     . HOH E .  ? 0.6894 0.2330 0.2584 0.0117  0.1636  -0.0225 263 HOH A O     
457 O  O     . HOH E .  ? 0.2928 0.2929 0.2373 0.0660  0.0196  0.0229  264 HOH A O     
458 O  O     . HOH E .  ? 0.8187 0.4256 0.6996 -0.0994 0.0874  0.0910  265 HOH A O     
459 O  O     . HOH E .  ? 0.3096 0.3794 0.8886 -0.0012 0.2234  0.2002  266 HOH A O     
460 O  O     . HOH E .  ? 0.6070 0.7693 0.5157 -0.0239 0.0811  -0.0843 267 HOH A O     
461 O  O     . HOH E .  ? 0.7378 0.5118 0.4238 0.1130  -0.1357 0.0919  268 HOH A O     
462 O  O     . HOH E .  ? 0.8517 0.3225 0.2771 -0.2185 0.0520  0.0264  269 HOH A O     
463 O  O     . HOH E .  ? 0.3659 0.1789 0.2287 0.0365  0.1114  0.0325  270 HOH A O     
464 O  O     . HOH E .  ? 0.2032 0.3379 0.3153 -0.0114 -0.0201 0.0090  271 HOH A O     
465 O  O     . HOH E .  ? 0.4042 0.6509 0.5108 -0.0045 0.0963  0.0375  272 HOH A O     
466 O  O     . HOH E .  ? 0.5283 0.2367 0.6398 0.0612  0.3118  0.0727  273 HOH A O     
467 O  O     . HOH E .  ? 0.3977 0.2240 0.2723 -0.0105 0.0776  0.0260  274 HOH A O     
468 O  O     . HOH E .  ? 0.3008 0.4582 0.2919 0.0527  0.1038  0.0279  275 HOH A O     
469 O  O     . HOH E .  ? 0.5794 0.7049 0.5153 -0.2171 -0.1818 -0.0354 276 HOH A O     
470 O  O     . HOH E .  ? 0.4936 0.3351 0.5256 -0.0635 0.0633  -0.0882 277 HOH A O     
# 
